data_5YXU
#
_entry.id   5YXU
#
_cell.length_a   60.106
_cell.length_b   223.107
_cell.length_c   71.855
_cell.angle_alpha   90.000
_cell.angle_beta   98.300
_cell.angle_gamma   90.000
#
_symmetry.space_group_name_H-M   'P 1 21 1'
#
loop_
_entity.id
_entity.type
_entity.pdbx_description
1 polymer 'T cell receptor alpha chain'
2 polymer 'T cell receptor beta chain'
3 polymer 'HLA class I histocompatibility antigen, A-2 alpha chain'
4 polymer Beta-2-microglobulin
5 polymer LYS-LEU-VAL-ALA-LEU-GLY-ILE-ASN-ALA-VAL
6 water water
#
loop_
_entity_poly.entity_id
_entity_poly.type
_entity_poly.pdbx_seq_one_letter_code
_entity_poly.pdbx_strand_id
1 'polypeptide(L)'
;AQTVTQSQPEMSVQEAETVTLSCTYDTSENDYILFWYKQPPSRQMILVIRQEAYKQQNATENRFSVNFQKAAKSFSLKIS
DSQLGDAAMYFCAYGEDDKIIFGKGTRLHILPNIQNPDPAVYQLRDSKSSDKSVCLFTDFDSQTNVSQSKDSDVYITDKC
VLDMRSMDFKSNSAVAWSNKSDFACANAFNN
;
F,A
2 'polypeptide(L)'
;AEADIYQTPRYLVIGTGKKITLECSQTMGHDKMYWYQQDPGMELHLIHYSYGVNSTEKGDLSSESTVSRIRTEHFPLTLE
SARPSHTSQYLCASRRGSAELYFGPGTRLTVTEDLKNVFPPEVAVFEPSEAEISHTQKATLVCLATGFYPDHVELSWWVN
GKEVHSGVCTDPQPLKEQPALNDSRYALSSRLRVSATFWQDPRNHFRCQVQFYGLSENDEWTQDRAKPVTQIVSAEAWGR
AA
;
G,B
3 'polypeptide(L)'
;GSHSMRYFFTSVSRPGRGEPRFIAVGYVDDTQFVRFDSDAASQRMEPRAPWIEQEGPEYWDGETRKVKAHSQTHRVDLGT
LRGYYNQSEAGSHTVQRMYGCDVGSDWRFLRGYHQYAYDGKDYIALKEDLRSWTAADMAAQTTKHKWEAAHVAEQLRAYL
EGTCVEWLRRYLENGKETLQRTDAPKTHMTHHAVSDHEATLRCWALSFYPAEITLTWQRDGEDQTQDTELVETRPAGDGT
FQKWAAVVVPSGQEQRYTCHVQHEGLPKPLTLRWEA
;
C,E
4 'polypeptide(L)'
;GIQRTPKIQVYSRHPAENGKSNFLNCYVSGFHPSEIEVDLLKNGERIEKVEHSDLSFSEDWSFYLLYYTEFTPTEKDEYA
CRVNHVTLSQPKIVKWDRDM
;
D,H
5 'polypeptide(L)' KLVALGINAV I,J
#
# COMPACT_ATOMS: atom_id res chain seq x y z
N GLN A 2 -28.04 36.06 13.85
CA GLN A 2 -27.44 36.33 12.55
C GLN A 2 -28.35 35.88 11.41
N THR A 3 -27.83 35.94 10.20
CA THR A 3 -28.59 35.54 9.00
C THR A 3 -28.74 34.01 8.91
N VAL A 4 -27.70 33.25 9.23
CA VAL A 4 -27.80 31.78 9.27
C VAL A 4 -27.64 31.36 10.72
N THR A 5 -28.56 30.54 11.20
CA THR A 5 -28.57 30.19 12.58
C THR A 5 -28.44 28.68 12.78
N GLN A 6 -27.39 28.34 13.52
CA GLN A 6 -27.17 26.99 14.00
C GLN A 6 -27.17 27.06 15.51
N SER A 7 -28.32 26.75 16.08
CA SER A 7 -28.59 27.04 17.47
C SER A 7 -28.13 25.96 18.41
N GLN A 8 -27.38 24.97 17.93
CA GLN A 8 -26.77 23.99 18.81
C GLN A 8 -25.27 23.95 18.53
N PRO A 9 -24.47 24.60 19.39
CA PRO A 9 -23.07 24.55 19.10
C PRO A 9 -22.48 23.14 19.15
N GLU A 10 -23.00 22.26 20.01
CA GLU A 10 -22.47 20.89 20.12
C GLU A 10 -23.53 19.85 20.08
N MET A 11 -23.15 18.68 19.58
CA MET A 11 -24.03 17.52 19.52
C MET A 11 -23.17 16.26 19.64
N SER A 12 -23.73 15.20 20.20
CA SER A 12 -23.03 13.92 20.33
C SER A 12 -23.96 12.77 20.02
N VAL A 13 -23.46 11.76 19.34
CA VAL A 13 -24.25 10.58 19.02
C VAL A 13 -23.48 9.28 19.02
N GLN A 14 -24.19 8.19 19.29
CA GLN A 14 -23.56 6.89 19.30
C GLN A 14 -23.20 6.57 17.87
N GLU A 15 -22.18 5.75 17.73
CA GLU A 15 -21.82 5.13 16.46
C GLU A 15 -23.03 4.49 15.85
N ALA A 16 -23.04 4.42 14.53
CA ALA A 16 -24.06 3.70 13.77
C ALA A 16 -25.46 4.29 13.88
N GLU A 17 -25.59 5.44 14.54
CA GLU A 17 -26.90 6.05 14.71
C GLU A 17 -27.06 7.28 13.82
N THR A 18 -28.27 7.85 13.84
CA THR A 18 -28.62 8.98 13.00
C THR A 18 -28.68 10.28 13.79
N VAL A 19 -28.19 11.37 13.18
CA VAL A 19 -28.26 12.73 13.74
C VAL A 19 -28.75 13.74 12.74
N THR A 20 -29.48 14.73 13.23
CA THR A 20 -30.02 15.79 12.41
C THR A 20 -29.53 17.13 12.92
N LEU A 21 -28.60 17.76 12.20
CA LEU A 21 -28.05 19.05 12.61
C LEU A 21 -28.95 20.13 12.00
N SER A 22 -29.33 21.11 12.83
CA SER A 22 -30.39 22.03 12.46
C SER A 22 -29.86 23.36 11.94
N CYS A 23 -30.55 23.89 10.94
CA CYS A 23 -30.21 25.18 10.35
C CYS A 23 -31.47 25.90 9.93
N THR A 24 -31.51 27.19 10.25
CA THR A 24 -32.52 28.09 9.75
C THR A 24 -31.79 29.32 9.30
N TYR A 25 -32.44 30.06 8.42
CA TYR A 25 -31.85 31.28 7.91
C TYR A 25 -32.88 32.40 7.69
N ASP A 26 -32.39 33.62 7.53
CA ASP A 26 -33.24 34.80 7.33
C ASP A 26 -32.86 35.52 6.05
N THR A 27 -33.79 35.57 5.12
CA THR A 27 -33.58 36.20 3.84
C THR A 27 -34.88 36.84 3.40
N SER A 28 -34.78 37.99 2.78
CA SER A 28 -35.94 38.60 2.15
C SER A 28 -35.94 38.24 0.64
N GLU A 29 -35.15 37.23 0.28
CA GLU A 29 -34.95 36.82 -1.12
C GLU A 29 -35.46 35.40 -1.38
N ASN A 30 -35.91 35.20 -2.60
CA ASN A 30 -36.48 33.94 -3.03
C ASN A 30 -35.45 33.05 -3.77
N ASP A 31 -34.49 33.69 -4.43
CA ASP A 31 -33.44 33.02 -5.19
C ASP A 31 -32.15 33.08 -4.40
N TYR A 32 -31.58 31.92 -4.15
CA TYR A 32 -30.33 31.83 -3.42
C TYR A 32 -29.92 30.36 -3.44
N ILE A 33 -28.86 30.02 -2.72
CA ILE A 33 -28.36 28.64 -2.67
C ILE A 33 -27.93 28.32 -1.22
N LEU A 34 -28.07 27.08 -0.79
CA LEU A 34 -27.68 26.70 0.57
C LEU A 34 -26.66 25.58 0.56
N PHE A 35 -25.87 25.50 1.63
CA PHE A 35 -24.74 24.60 1.68
C PHE A 35 -24.54 23.99 3.04
N TRP A 36 -23.97 22.80 3.07
CA TRP A 36 -23.38 22.27 4.30
C TRP A 36 -21.91 21.99 4.04
N TYR A 37 -21.07 22.33 5.02
CA TYR A 37 -19.63 22.26 4.89
C TYR A 37 -19.05 21.62 6.13
N LYS A 38 -18.17 20.63 5.93
CA LYS A 38 -17.57 19.87 7.00
C LYS A 38 -16.15 20.38 7.25
N GLN A 39 -15.78 20.53 8.52
CA GLN A 39 -14.40 20.88 8.86
C GLN A 39 -13.82 20.05 10.01
N PRO A 40 -13.15 18.94 9.68
CA PRO A 40 -12.54 18.05 10.66
C PRO A 40 -11.25 18.67 11.20
N PRO A 41 -10.53 17.98 12.10
CA PRO A 41 -9.33 18.54 12.72
C PRO A 41 -8.21 18.97 11.79
N SER A 42 -8.21 18.53 10.53
CA SER A 42 -7.29 19.12 9.57
C SER A 42 -7.59 20.62 9.37
N ARG A 43 -8.85 20.99 9.63
CA ARG A 43 -9.36 22.35 9.42
C ARG A 43 -9.58 22.65 7.94
N GLN A 44 -9.65 21.59 7.14
CA GLN A 44 -9.86 21.72 5.70
C GLN A 44 -11.34 21.75 5.45
N MET A 45 -11.83 22.83 4.85
CA MET A 45 -13.25 22.95 4.60
C MET A 45 -13.62 22.12 3.40
N ILE A 46 -14.65 21.31 3.54
CA ILE A 46 -15.04 20.42 2.45
C ILE A 46 -16.52 20.53 2.27
N LEU A 47 -16.96 20.69 1.03
CA LEU A 47 -18.38 20.69 0.77
C LEU A 47 -18.99 19.32 1.06
N VAL A 48 -20.10 19.31 1.79
CA VAL A 48 -20.85 18.08 2.06
C VAL A 48 -22.02 17.97 1.11
N ILE A 49 -22.87 19.00 1.11
CA ILE A 49 -24.06 19.00 0.27
C ILE A 49 -24.43 20.44 -0.14
N ARG A 50 -25.14 20.56 -1.25
CA ARG A 50 -25.43 21.86 -1.86
C ARG A 50 -26.84 21.90 -2.42
N GLN A 51 -27.66 22.80 -1.91
CA GLN A 51 -29.06 22.87 -2.29
C GLN A 51 -29.37 24.26 -2.86
N GLU A 52 -29.79 24.29 -4.13
CA GLU A 52 -30.27 25.54 -4.71
C GLU A 52 -31.74 25.72 -4.30
N ALA A 53 -32.14 26.98 -4.25
CA ALA A 53 -33.49 27.38 -3.81
C ALA A 53 -34.65 27.02 -4.75
N TYR A 54 -34.36 26.67 -6.00
CA TYR A 54 -35.40 26.31 -6.97
C TYR A 54 -35.50 24.81 -7.17
N LYS A 55 -34.61 24.07 -6.54
CA LYS A 55 -34.61 22.61 -6.66
C LYS A 55 -35.72 21.98 -5.81
N GLN A 56 -36.02 20.72 -6.09
CA GLN A 56 -37.06 20.01 -5.36
C GLN A 56 -36.47 18.90 -4.49
N GLN A 57 -37.26 17.87 -4.22
CA GLN A 57 -36.81 16.75 -3.41
C GLN A 57 -35.60 16.06 -4.03
N ASN A 58 -35.25 14.89 -3.51
CA ASN A 58 -34.12 14.13 -4.01
C ASN A 58 -32.81 14.92 -3.92
N ALA A 59 -31.69 14.21 -4.05
CA ALA A 59 -30.38 14.85 -3.98
C ALA A 59 -30.30 15.81 -2.80
N THR A 60 -30.00 15.30 -1.60
CA THR A 60 -29.74 13.88 -1.37
C THR A 60 -28.65 13.32 -2.28
N GLU A 61 -28.51 12.00 -2.30
CA GLU A 61 -27.50 11.34 -3.13
C GLU A 61 -26.63 10.34 -2.29
N ASN A 62 -26.19 10.76 -1.08
CA ASN A 62 -25.17 10.03 -0.29
C ASN A 62 -25.78 9.39 0.98
N ARG A 63 -24.93 9.12 1.96
CA ARG A 63 -25.35 8.81 3.35
C ARG A 63 -25.78 10.06 4.14
N PHE A 64 -25.62 11.24 3.53
CA PHE A 64 -26.13 12.49 4.07
C PHE A 64 -27.33 12.89 3.23
N SER A 65 -28.40 13.32 3.89
CA SER A 65 -29.55 13.92 3.21
C SER A 65 -29.78 15.31 3.79
N VAL A 66 -30.65 16.09 3.15
CA VAL A 66 -31.16 17.34 3.73
C VAL A 66 -32.68 17.39 3.72
N ASN A 67 -33.26 18.05 4.71
CA ASN A 67 -34.68 18.36 4.71
C ASN A 67 -34.85 19.86 4.51
N PHE A 68 -34.92 20.28 3.26
CA PHE A 68 -35.00 21.69 2.89
C PHE A 68 -36.44 22.09 2.81
N GLN A 69 -36.79 23.18 3.47
CA GLN A 69 -38.15 23.69 3.53
C GLN A 69 -38.18 25.21 3.41
N LYS A 70 -38.38 25.68 2.18
CA LYS A 70 -38.24 27.11 1.83
C LYS A 70 -39.13 28.03 2.64
N ALA A 71 -40.42 27.72 2.73
CA ALA A 71 -41.34 28.55 3.52
C ALA A 71 -40.94 28.55 4.99
N ALA A 72 -40.49 27.39 5.47
CA ALA A 72 -40.01 27.27 6.83
C ALA A 72 -38.64 27.93 6.99
N LYS A 73 -37.94 28.14 5.87
CA LYS A 73 -36.56 28.65 5.84
C LYS A 73 -35.64 27.76 6.68
N SER A 74 -35.81 26.45 6.49
CA SER A 74 -35.12 25.44 7.29
C SER A 74 -34.34 24.50 6.38
N PHE A 75 -33.08 24.26 6.75
CA PHE A 75 -32.18 23.47 5.91
C PHE A 75 -31.39 22.49 6.75
N SER A 76 -32.10 21.48 7.19
CA SER A 76 -31.63 20.45 8.09
C SER A 76 -30.68 19.46 7.40
N LEU A 77 -29.62 19.05 8.10
CA LEU A 77 -28.72 18.00 7.61
C LEU A 77 -28.91 16.71 8.41
N LYS A 78 -29.22 15.63 7.71
CA LYS A 78 -29.39 14.31 8.31
C LYS A 78 -28.17 13.44 8.03
N ILE A 79 -27.54 12.97 9.10
CA ILE A 79 -26.42 12.05 8.97
C ILE A 79 -26.76 10.73 9.65
N SER A 80 -26.81 9.67 8.84
CA SER A 80 -27.19 8.35 9.31
C SER A 80 -26.05 7.36 9.22
N ASP A 81 -26.13 6.29 10.04
CA ASP A 81 -25.05 5.30 10.18
C ASP A 81 -23.74 6.00 10.56
N SER A 82 -23.85 6.85 11.56
CA SER A 82 -22.74 7.69 11.94
C SER A 82 -21.47 6.84 12.11
N GLN A 83 -20.40 7.28 11.47
CA GLN A 83 -19.07 6.70 11.64
C GLN A 83 -18.24 7.67 12.47
N LEU A 84 -17.09 7.25 12.96
CA LEU A 84 -16.26 8.14 13.78
C LEU A 84 -15.61 9.23 12.96
N GLY A 85 -15.46 8.96 11.66
CA GLY A 85 -14.94 9.93 10.73
C GLY A 85 -15.89 11.09 10.46
N ASP A 86 -17.14 11.02 10.93
CA ASP A 86 -18.06 12.17 10.83
C ASP A 86 -17.88 13.18 11.97
N ALA A 87 -17.10 12.81 12.98
CA ALA A 87 -16.60 13.76 13.94
C ALA A 87 -15.90 14.92 13.22
N ALA A 88 -16.41 16.13 13.45
CA ALA A 88 -15.98 17.36 12.75
C ALA A 88 -16.89 18.55 13.10
N MET A 89 -16.46 19.73 12.71
CA MET A 89 -17.34 20.89 12.66
C MET A 89 -18.24 20.80 11.43
N TYR A 90 -19.52 21.10 11.60
CA TYR A 90 -20.45 21.23 10.45
C TYR A 90 -20.98 22.65 10.39
N PHE A 91 -20.89 23.28 9.22
CA PHE A 91 -21.40 24.65 9.02
C PHE A 91 -22.54 24.65 8.03
N CYS A 92 -23.49 25.56 8.25
CA CYS A 92 -24.59 25.80 7.32
C CYS A 92 -24.43 27.20 6.73
N ALA A 93 -24.75 27.35 5.44
CA ALA A 93 -24.39 28.58 4.73
C ALA A 93 -25.39 29.05 3.68
N TYR A 94 -25.50 30.37 3.55
CA TYR A 94 -26.43 30.98 2.63
C TYR A 94 -25.63 31.75 1.59
N GLY A 95 -26.04 31.67 0.33
CA GLY A 95 -25.31 32.27 -0.79
C GLY A 95 -26.14 32.96 -1.86
N GLU A 96 -25.65 34.11 -2.30
CA GLU A 96 -26.23 34.84 -3.40
C GLU A 96 -25.11 35.18 -4.39
N ASP A 97 -25.39 35.98 -5.41
CA ASP A 97 -24.34 36.39 -6.32
C ASP A 97 -23.24 37.05 -5.52
N ASP A 98 -23.60 37.86 -4.55
CA ASP A 98 -22.76 37.97 -3.38
C ASP A 98 -23.50 38.42 -2.12
N LYS A 99 -23.35 37.62 -1.06
CA LYS A 99 -22.16 36.76 -0.79
C LYS A 99 -22.49 35.29 -0.45
N ILE A 100 -21.54 34.59 0.17
CA ILE A 100 -21.83 33.41 1.00
C ILE A 100 -21.41 33.71 2.42
N ILE A 101 -22.34 33.56 3.36
CA ILE A 101 -22.02 33.68 4.78
C ILE A 101 -22.39 32.41 5.54
N PHE A 102 -21.61 32.09 6.55
CA PHE A 102 -21.79 30.86 7.30
C PHE A 102 -22.45 31.10 8.65
N GLY A 103 -23.27 30.14 9.09
CA GLY A 103 -23.68 30.09 10.47
C GLY A 103 -22.50 29.88 11.43
N LYS A 104 -22.79 29.93 12.73
CA LYS A 104 -21.79 29.81 13.79
C LYS A 104 -21.16 28.42 13.87
N GLY A 105 -21.91 27.38 13.58
CA GLY A 105 -21.35 26.03 13.40
C GLY A 105 -21.63 25.08 14.56
N THR A 106 -21.69 23.80 14.24
CA THR A 106 -21.96 22.76 15.22
C THR A 106 -20.81 21.76 15.26
N ARG A 107 -20.19 21.62 16.42
CA ARG A 107 -19.14 20.62 16.61
C ARG A 107 -19.81 19.32 16.95
N LEU A 108 -19.50 18.29 16.17
CA LEU A 108 -20.12 16.97 16.35
C LEU A 108 -19.14 15.93 16.88
N HIS A 109 -19.50 15.32 18.02
CA HIS A 109 -18.79 14.20 18.60
C HIS A 109 -19.52 12.89 18.28
N ILE A 110 -18.73 11.84 18.05
CA ILE A 110 -19.28 10.53 17.72
C ILE A 110 -18.77 9.55 18.76
N LEU A 111 -19.70 9.07 19.58
CA LEU A 111 -19.40 8.18 20.71
C LEU A 111 -19.34 6.76 20.22
N PRO A 112 -18.21 6.08 20.45
CA PRO A 112 -18.04 4.72 19.94
C PRO A 112 -18.89 3.72 20.69
N ASN A 113 -19.23 2.61 20.03
CA ASN A 113 -19.87 1.48 20.68
C ASN A 113 -18.83 0.65 21.42
N ILE A 114 -18.84 0.76 22.76
CA ILE A 114 -17.93 0.02 23.63
C ILE A 114 -18.59 -1.26 24.14
N GLN A 115 -18.37 -2.31 23.38
CA GLN A 115 -19.05 -3.60 23.54
C GLN A 115 -18.78 -4.18 24.91
N ASN A 116 -17.53 -4.07 25.37
CA ASN A 116 -17.11 -4.69 26.62
C ASN A 116 -16.31 -3.72 27.51
N PRO A 117 -17.03 -2.86 28.26
CA PRO A 117 -16.32 -1.83 29.03
C PRO A 117 -15.43 -2.37 30.14
N ASP A 118 -14.24 -1.82 30.27
CA ASP A 118 -13.26 -2.33 31.23
C ASP A 118 -12.42 -1.19 31.83
N PRO A 119 -13.08 -0.21 32.48
CA PRO A 119 -12.41 1.00 32.95
C PRO A 119 -11.25 0.68 33.85
N ALA A 120 -10.20 1.49 33.78
CA ALA A 120 -8.96 1.20 34.48
C ALA A 120 -7.99 2.34 34.31
N VAL A 121 -7.18 2.60 35.34
CA VAL A 121 -6.12 3.59 35.25
C VAL A 121 -4.77 2.87 35.34
N TYR A 122 -3.90 3.10 34.36
CA TYR A 122 -2.59 2.46 34.34
C TYR A 122 -1.54 3.53 34.42
N GLN A 123 -0.37 3.17 34.95
CA GLN A 123 0.75 4.08 35.06
C GLN A 123 1.80 3.65 34.05
N LEU A 124 2.22 4.57 33.20
CA LEU A 124 3.09 4.19 32.12
C LEU A 124 4.51 4.33 32.54
N ARG A 125 5.19 3.20 32.35
CA ARG A 125 6.43 2.84 33.04
C ARG A 125 7.15 4.11 33.43
N ASP A 126 7.61 4.80 32.40
CA ASP A 126 8.39 6.01 32.45
C ASP A 126 8.60 6.23 30.97
N SER A 127 9.38 7.24 30.60
CA SER A 127 9.68 7.49 29.19
C SER A 127 11.11 7.07 28.88
N LYS A 128 12.01 7.33 29.82
CA LYS A 128 13.42 6.98 29.67
C LYS A 128 14.26 7.52 30.82
N SER A 129 13.76 7.33 32.04
CA SER A 129 14.48 7.80 33.23
C SER A 129 14.32 9.30 33.41
N SER A 130 13.17 9.83 32.99
CA SER A 130 12.89 11.25 33.10
C SER A 130 11.42 11.55 32.79
N ASP A 131 10.66 11.90 33.82
CA ASP A 131 9.26 12.21 33.66
C ASP A 131 9.06 13.42 32.74
N LYS A 132 7.87 14.00 32.79
CA LYS A 132 6.79 13.52 33.69
C LYS A 132 6.14 12.14 33.40
N SER A 133 6.39 11.15 34.27
CA SER A 133 5.75 9.83 34.16
C SER A 133 4.22 9.93 34.18
N VAL A 134 3.61 9.32 33.17
CA VAL A 134 2.20 9.62 32.85
C VAL A 134 1.21 8.58 33.35
N CYS A 135 0.00 9.05 33.60
CA CYS A 135 -1.11 8.20 34.00
C CYS A 135 -2.03 8.05 32.83
N LEU A 136 -2.72 6.92 32.73
CA LEU A 136 -3.58 6.65 31.59
C LEU A 136 -4.89 6.06 32.04
N PHE A 137 -5.99 6.65 31.62
CA PHE A 137 -7.30 6.14 31.97
C PHE A 137 -7.91 5.62 30.70
N THR A 138 -8.25 4.34 30.64
CA THR A 138 -8.76 3.74 29.40
C THR A 138 -9.89 2.77 29.61
N ASP A 139 -10.52 2.43 28.48
CA ASP A 139 -11.47 1.32 28.35
C ASP A 139 -12.79 1.56 29.07
N PHE A 140 -13.05 2.83 29.40
CA PHE A 140 -14.34 3.23 29.94
C PHE A 140 -15.33 3.34 28.80
N ASP A 141 -16.62 3.31 29.13
CA ASP A 141 -17.64 3.45 28.10
C ASP A 141 -17.77 4.91 27.70
N SER A 142 -18.38 5.15 26.54
CA SER A 142 -18.37 6.45 25.89
C SER A 142 -19.20 7.50 26.60
N GLN A 143 -20.05 7.12 27.56
CA GLN A 143 -20.90 8.07 28.29
C GLN A 143 -20.13 8.74 29.41
N THR A 144 -18.87 8.34 29.59
CA THR A 144 -18.10 8.71 30.76
C THR A 144 -17.52 10.12 30.63
N ASN A 145 -17.44 10.83 31.75
CA ASN A 145 -17.06 12.23 31.76
C ASN A 145 -15.68 12.37 32.37
N VAL A 146 -14.70 12.84 31.61
CA VAL A 146 -13.41 13.21 32.21
C VAL A 146 -13.43 14.73 32.50
N SER A 147 -13.34 15.11 33.76
CA SER A 147 -13.37 16.51 34.10
C SER A 147 -11.92 16.99 34.08
N GLN A 148 -11.72 18.21 33.57
CA GLN A 148 -10.39 18.82 33.50
C GLN A 148 -9.81 18.98 34.91
N SER A 149 -8.50 19.23 34.98
CA SER A 149 -7.80 19.30 36.26
C SER A 149 -8.17 20.50 37.14
N LYS A 150 -8.55 20.20 38.37
CA LYS A 150 -8.83 21.23 39.36
C LYS A 150 -7.56 21.99 39.80
N ASP A 151 -6.38 21.37 39.68
CA ASP A 151 -5.12 21.97 40.12
C ASP A 151 -4.09 22.20 39.01
N SER A 152 -3.60 23.45 38.94
CA SER A 152 -2.78 23.91 37.81
C SER A 152 -1.41 23.25 37.57
N ASP A 153 -0.91 22.47 38.54
CA ASP A 153 0.32 21.68 38.35
C ASP A 153 0.05 20.29 37.78
N VAL A 154 -1.20 19.85 37.85
CA VAL A 154 -1.61 18.60 37.21
C VAL A 154 -2.30 18.90 35.89
N TYR A 155 -1.96 18.12 34.87
CA TYR A 155 -2.61 18.26 33.55
C TYR A 155 -3.43 17.03 33.18
N ILE A 156 -4.65 17.24 32.70
CA ILE A 156 -5.45 16.14 32.18
C ILE A 156 -5.93 16.44 30.77
N THR A 157 -5.92 15.44 29.91
CA THR A 157 -6.40 15.63 28.55
C THR A 157 -7.87 15.35 28.48
N ASP A 158 -8.45 15.66 27.33
CA ASP A 158 -9.82 15.31 27.05
C ASP A 158 -9.83 13.83 26.66
N LYS A 159 -11.01 13.24 26.54
CA LYS A 159 -11.11 11.83 26.12
C LYS A 159 -10.88 11.76 24.62
N CYS A 160 -10.70 10.55 24.10
CA CYS A 160 -10.07 10.36 22.81
C CYS A 160 -10.40 8.97 22.32
N VAL A 161 -11.00 8.86 21.14
CA VAL A 161 -11.33 7.55 20.56
C VAL A 161 -10.22 7.01 19.69
N LEU A 162 -10.01 5.71 19.78
CA LEU A 162 -8.92 5.01 19.16
C LEU A 162 -9.54 3.90 18.37
N ASP A 163 -9.10 3.72 17.13
CA ASP A 163 -9.65 2.67 16.27
C ASP A 163 -8.59 1.69 15.73
N MET A 164 -8.55 0.50 16.33
CA MET A 164 -7.73 -0.62 15.83
C MET A 164 -8.42 -1.35 14.65
N ARG A 165 -8.26 -0.78 13.45
CA ARG A 165 -8.97 -1.24 12.25
C ARG A 165 -8.88 -2.77 12.06
N SER A 166 -7.68 -3.33 12.19
CA SER A 166 -7.44 -4.77 11.91
C SER A 166 -8.01 -5.72 12.97
N MET A 167 -8.19 -5.24 14.20
CA MET A 167 -8.86 -6.03 15.23
C MET A 167 -10.31 -5.62 15.44
N ASP A 168 -10.81 -4.70 14.61
CA ASP A 168 -12.21 -4.22 14.69
C ASP A 168 -12.59 -3.91 16.15
N PHE A 169 -11.72 -3.13 16.82
CA PHE A 169 -11.85 -2.82 18.26
C PHE A 169 -11.52 -1.35 18.48
N LYS A 170 -12.32 -0.71 19.32
CA LYS A 170 -12.16 0.71 19.61
C LYS A 170 -12.08 0.90 21.11
N SER A 171 -11.51 2.03 21.53
CA SER A 171 -11.19 2.30 22.94
C SER A 171 -11.10 3.82 23.24
N ASN A 172 -11.74 4.23 24.34
CA ASN A 172 -11.66 5.61 24.84
C ASN A 172 -10.50 5.72 25.82
N SER A 173 -9.98 6.93 26.01
CA SER A 173 -8.86 7.14 26.92
C SER A 173 -8.58 8.59 27.19
N ALA A 174 -7.94 8.85 28.33
CA ALA A 174 -7.49 10.18 28.70
C ALA A 174 -6.16 10.06 29.41
N VAL A 175 -5.34 11.10 29.31
CA VAL A 175 -3.99 11.08 29.89
C VAL A 175 -3.83 12.14 30.96
N ALA A 176 -3.09 11.81 32.01
CA ALA A 176 -2.82 12.71 33.11
C ALA A 176 -1.35 12.68 33.44
N TRP A 177 -0.77 13.84 33.74
CA TRP A 177 0.63 13.93 34.12
C TRP A 177 0.91 15.11 35.03
N SER A 178 2.10 15.11 35.64
CA SER A 178 2.51 16.14 36.61
C SER A 178 3.93 15.97 37.19
N ASN A 179 4.16 16.72 38.27
CA ASN A 179 5.36 16.70 39.11
C ASN A 179 5.03 16.46 40.57
N LYS A 180 4.06 17.20 41.09
CA LYS A 180 3.67 17.02 42.48
C LYS A 180 4.15 15.68 42.99
N SER A 181 5.26 15.68 43.72
CA SER A 181 5.86 14.46 44.25
C SER A 181 4.80 13.53 44.83
N ASP A 182 3.74 14.12 45.37
CA ASP A 182 2.61 13.35 45.91
C ASP A 182 1.89 12.59 44.77
N PHE A 183 2.39 12.73 43.53
CA PHE A 183 1.61 12.34 42.37
C PHE A 183 1.56 10.83 42.05
N ALA A 184 0.37 10.25 42.12
CA ALA A 184 0.15 8.85 41.78
C ALA A 184 -0.99 8.83 40.80
N CYS A 185 -1.18 7.71 40.11
CA CYS A 185 -2.25 7.60 39.11
C CYS A 185 -3.59 7.19 39.71
N ALA A 186 -3.58 6.73 40.96
CA ALA A 186 -4.82 6.37 41.64
C ALA A 186 -5.65 7.60 42.02
N ASN A 187 -4.97 8.71 42.29
CA ASN A 187 -5.60 9.99 42.63
C ASN A 187 -5.89 10.88 41.41
N ALA A 188 -5.29 10.56 40.26
CA ALA A 188 -5.24 11.46 39.10
C ALA A 188 -6.61 11.78 38.56
N PHE A 189 -7.30 10.75 38.08
CA PHE A 189 -8.57 10.91 37.40
C PHE A 189 -9.67 11.02 38.44
N ASN A 190 -9.33 10.71 39.68
CA ASN A 190 -10.30 10.70 40.78
C ASN A 190 -11.03 12.02 40.97
N ASN A 191 -11.86 12.37 39.99
CA ASN A 191 -12.63 13.61 40.02
C ASN A 191 -13.18 13.91 38.62
N ALA B 3 -6.58 23.58 -11.79
CA ALA B 3 -6.23 22.31 -11.17
C ALA B 3 -6.66 22.27 -9.71
N ASP B 4 -6.34 23.33 -8.97
CA ASP B 4 -6.70 23.41 -7.55
C ASP B 4 -6.50 24.81 -6.92
N ILE B 5 -6.79 24.91 -5.64
CA ILE B 5 -6.64 26.15 -4.86
C ILE B 5 -5.58 25.98 -3.76
N TYR B 6 -4.74 27.00 -3.60
CA TYR B 6 -3.51 26.90 -2.80
C TYR B 6 -3.34 28.03 -1.80
N GLN B 7 -2.78 27.68 -0.66
CA GLN B 7 -2.51 28.64 0.38
C GLN B 7 -1.12 28.41 0.92
N THR B 8 -0.34 29.48 0.94
CA THR B 8 0.96 29.42 1.53
C THR B 8 1.14 30.70 2.34
N PRO B 9 1.79 30.61 3.50
CA PRO B 9 2.35 29.39 4.05
C PRO B 9 1.30 28.70 4.88
N ARG B 10 1.54 27.43 5.20
CA ARG B 10 0.60 26.70 6.02
C ARG B 10 0.57 27.23 7.45
N TYR B 11 1.75 27.58 7.99
CA TYR B 11 1.92 28.10 9.37
C TYR B 11 2.83 29.33 9.39
N LEU B 12 2.57 30.26 10.30
CA LEU B 12 3.44 31.44 10.46
C LEU B 12 3.37 32.02 11.85
N VAL B 13 4.54 32.43 12.34
CA VAL B 13 4.73 33.09 13.65
C VAL B 13 5.49 34.36 13.40
N ILE B 14 5.07 35.50 13.98
CA ILE B 14 5.71 36.81 13.64
C ILE B 14 6.10 37.81 14.70
N GLY B 15 5.21 38.06 15.63
CA GLY B 15 5.54 39.09 16.59
C GLY B 15 4.96 40.40 16.13
N THR B 16 4.36 41.10 17.09
CA THR B 16 3.54 42.27 16.86
C THR B 16 4.25 43.39 16.11
N GLY B 17 3.48 44.15 15.33
CA GLY B 17 4.00 45.31 14.63
C GLY B 17 4.55 45.00 13.26
N LYS B 18 5.01 43.76 13.09
CA LYS B 18 5.58 43.32 11.83
C LYS B 18 4.49 43.16 10.78
N LYS B 19 4.91 43.13 9.53
CA LYS B 19 3.96 43.07 8.43
C LYS B 19 4.07 41.73 7.73
N ILE B 20 2.93 41.23 7.28
CA ILE B 20 2.86 39.91 6.71
C ILE B 20 1.84 39.73 5.60
N THR B 21 2.16 38.85 4.66
CA THR B 21 1.32 38.61 3.49
C THR B 21 1.01 37.12 3.38
N LEU B 22 -0.26 36.77 3.17
CA LEU B 22 -0.69 35.38 3.03
C LEU B 22 -1.05 35.09 1.57
N GLU B 23 -0.32 34.18 0.96
CA GLU B 23 -0.58 33.87 -0.43
C GLU B 23 -1.80 32.95 -0.54
N CYS B 24 -2.68 33.27 -1.47
CA CYS B 24 -3.77 32.38 -1.88
C CYS B 24 -3.79 32.42 -3.36
N SER B 25 -3.67 31.26 -3.97
CA SER B 25 -3.67 31.18 -5.43
C SER B 25 -4.54 30.01 -5.87
N GLN B 26 -5.08 30.09 -7.06
CA GLN B 26 -6.06 29.09 -7.50
C GLN B 26 -6.03 29.05 -9.02
N THR B 27 -6.00 27.84 -9.57
CA THR B 27 -5.89 27.67 -11.00
C THR B 27 -7.17 27.12 -11.66
N MET B 28 -8.31 27.25 -11.00
CA MET B 28 -9.57 26.69 -11.54
C MET B 28 -10.34 27.64 -12.45
N GLY B 29 -9.80 28.82 -12.75
CA GLY B 29 -10.49 29.80 -13.61
C GLY B 29 -11.59 30.60 -12.92
N HIS B 30 -11.69 30.47 -11.61
CA HIS B 30 -12.76 31.07 -10.85
C HIS B 30 -12.65 32.58 -10.73
N ASP B 31 -13.79 33.25 -10.78
CA ASP B 31 -13.84 34.71 -10.71
C ASP B 31 -14.00 35.22 -9.28
N LYS B 32 -15.08 34.83 -8.64
CA LYS B 32 -15.27 35.17 -7.24
C LYS B 32 -14.31 34.42 -6.32
N MET B 33 -13.69 35.17 -5.41
CA MET B 33 -12.81 34.63 -4.37
C MET B 33 -13.11 35.32 -3.06
N TYR B 34 -12.79 34.63 -1.96
CA TYR B 34 -13.19 35.09 -0.65
C TYR B 34 -12.15 34.74 0.41
N TRP B 35 -12.12 35.53 1.47
CA TRP B 35 -11.17 35.38 2.56
C TRP B 35 -11.92 35.36 3.90
N TYR B 36 -11.99 34.20 4.55
CA TYR B 36 -12.63 34.09 5.84
C TYR B 36 -11.62 33.92 6.96
N GLN B 37 -11.92 34.51 8.10
CA GLN B 37 -11.05 34.44 9.26
C GLN B 37 -11.71 33.65 10.38
N GLN B 38 -10.96 32.70 10.95
CA GLN B 38 -11.54 31.77 11.90
C GLN B 38 -10.79 31.76 13.24
N ASP B 39 -11.47 32.28 14.27
CA ASP B 39 -10.94 32.27 15.63
C ASP B 39 -10.95 30.87 16.23
N PRO B 40 -10.16 30.63 17.28
CA PRO B 40 -10.34 29.43 18.12
C PRO B 40 -11.78 29.14 18.60
N GLY B 41 -12.65 30.14 18.62
CA GLY B 41 -14.07 29.93 18.90
C GLY B 41 -14.87 29.51 17.68
N MET B 42 -14.18 29.41 16.54
CA MET B 42 -14.61 28.63 15.37
C MET B 42 -15.52 29.30 14.35
N GLU B 43 -16.01 30.49 14.65
CA GLU B 43 -16.92 31.18 13.73
C GLU B 43 -16.18 31.58 12.47
N LEU B 44 -16.86 31.49 11.33
CA LEU B 44 -16.28 31.92 10.07
C LEU B 44 -16.74 33.33 9.75
N HIS B 45 -15.81 34.27 9.70
CA HIS B 45 -16.15 35.67 9.47
C HIS B 45 -15.72 36.08 8.08
N LEU B 46 -16.66 36.50 7.24
CA LEU B 46 -16.25 36.99 5.92
C LEU B 46 -15.48 38.25 6.12
N ILE B 47 -14.25 38.28 5.63
CA ILE B 47 -13.34 39.37 5.93
C ILE B 47 -12.95 40.17 4.68
N HIS B 48 -12.84 39.48 3.53
CA HIS B 48 -12.75 40.14 2.22
C HIS B 48 -13.31 39.26 1.12
N TYR B 49 -13.85 39.89 0.09
CA TYR B 49 -14.15 39.13 -1.14
C TYR B 49 -13.86 39.91 -2.40
N SER B 50 -14.29 39.36 -3.54
CA SER B 50 -13.88 39.90 -4.83
C SER B 50 -14.64 39.23 -5.96
N TYR B 51 -15.08 40.05 -6.90
CA TYR B 51 -15.88 39.60 -8.04
C TYR B 51 -15.01 39.10 -9.19
N GLY B 52 -13.75 39.52 -9.22
CA GLY B 52 -12.85 39.32 -10.37
C GLY B 52 -11.79 40.41 -10.32
N VAL B 53 -10.93 40.51 -11.32
CA VAL B 53 -9.75 41.39 -11.18
C VAL B 53 -10.25 42.83 -11.06
N ASN B 54 -9.49 43.66 -10.34
CA ASN B 54 -9.88 45.01 -9.91
C ASN B 54 -10.92 45.11 -8.79
N SER B 55 -11.55 43.99 -8.43
CA SER B 55 -12.62 44.03 -7.45
C SER B 55 -12.13 43.64 -6.06
N THR B 56 -12.44 44.47 -5.09
CA THR B 56 -12.13 44.18 -3.70
C THR B 56 -13.20 44.77 -2.78
N GLU B 57 -13.57 44.02 -1.77
CA GLU B 57 -14.44 44.59 -0.76
C GLU B 57 -14.25 43.98 0.59
N LYS B 58 -14.61 44.76 1.60
CA LYS B 58 -14.34 44.35 2.95
C LYS B 58 -15.50 43.59 3.57
N GLY B 59 -15.20 42.99 4.72
CA GLY B 59 -16.19 42.55 5.70
C GLY B 59 -15.92 43.11 7.11
N ASP B 60 -14.66 43.21 7.51
CA ASP B 60 -14.33 43.74 8.83
C ASP B 60 -13.01 43.16 9.33
N LEU B 61 -12.77 43.29 10.63
CA LEU B 61 -11.55 42.78 11.25
C LEU B 61 -10.36 43.68 10.94
N SER B 62 -9.65 44.09 11.99
CA SER B 62 -8.48 44.97 11.83
C SER B 62 -7.46 44.36 10.86
N SER B 63 -6.34 45.03 10.70
CA SER B 63 -5.28 44.56 9.82
C SER B 63 -5.85 44.09 8.48
N GLU B 64 -5.07 43.29 7.77
CA GLU B 64 -5.49 42.77 6.48
C GLU B 64 -7.00 42.85 6.30
N SER B 65 -7.43 43.27 5.11
CA SER B 65 -8.86 43.39 4.81
C SER B 65 -9.07 44.16 3.51
N THR B 66 -8.32 43.80 2.48
CA THR B 66 -8.43 44.46 1.19
C THR B 66 -7.71 43.68 0.10
N VAL B 67 -6.55 43.12 0.44
CA VAL B 67 -5.75 42.35 -0.51
C VAL B 67 -5.66 43.07 -1.85
N SER B 68 -5.33 42.31 -2.90
CA SER B 68 -5.21 42.87 -4.23
C SER B 68 -5.63 41.76 -5.17
N ARG B 69 -5.96 42.13 -6.40
CA ARG B 69 -6.40 41.17 -7.40
C ARG B 69 -6.21 41.72 -8.81
N ILE B 70 -5.02 41.53 -9.37
CA ILE B 70 -4.70 42.00 -10.70
C ILE B 70 -4.20 40.88 -11.59
N ARG B 71 -2.89 40.65 -11.55
CA ARG B 71 -2.28 39.59 -12.35
C ARG B 71 -2.76 38.21 -11.91
N THR B 72 -3.95 37.83 -12.38
CA THR B 72 -4.53 36.54 -12.03
C THR B 72 -5.06 36.53 -10.60
N GLU B 73 -5.69 35.43 -10.21
CA GLU B 73 -6.25 35.30 -8.87
C GLU B 73 -5.85 33.96 -8.24
N HIS B 74 -4.85 33.96 -7.36
CA HIS B 74 -4.11 35.16 -6.99
C HIS B 74 -4.99 36.15 -6.24
N PHE B 75 -4.98 36.04 -4.91
CA PHE B 75 -5.79 36.92 -4.06
C PHE B 75 -5.09 37.04 -2.69
N PRO B 76 -3.98 37.78 -2.63
CA PRO B 76 -3.16 37.83 -1.40
C PRO B 76 -3.66 38.76 -0.29
N LEU B 77 -3.85 38.21 0.90
CA LEU B 77 -4.23 39.00 2.05
C LEU B 77 -2.95 39.57 2.61
N THR B 78 -3.03 40.74 3.23
CA THR B 78 -1.85 41.37 3.79
C THR B 78 -2.26 42.06 5.05
N LEU B 79 -1.59 41.72 6.14
CA LEU B 79 -1.77 42.43 7.39
C LEU B 79 -0.56 43.33 7.56
N GLU B 80 -0.83 44.64 7.51
CA GLU B 80 0.16 45.65 7.80
C GLU B 80 0.13 45.70 9.30
N SER B 81 1.28 45.64 9.94
CA SER B 81 1.36 45.75 11.40
C SER B 81 0.48 44.75 12.17
N ALA B 82 1.03 43.56 12.36
CA ALA B 82 0.26 42.49 12.96
C ALA B 82 0.16 42.69 14.45
N ARG B 83 -0.83 42.03 15.06
CA ARG B 83 -1.17 42.17 16.47
C ARG B 83 -1.78 40.87 16.99
N PRO B 84 -1.72 40.61 18.31
CA PRO B 84 -2.25 39.33 18.79
C PRO B 84 -3.69 39.06 18.38
N SER B 85 -4.44 40.13 18.08
CA SER B 85 -5.81 40.03 17.58
C SER B 85 -5.85 39.17 16.33
N HIS B 86 -4.82 39.31 15.49
CA HIS B 86 -4.77 38.63 14.19
C HIS B 86 -4.57 37.12 14.29
N THR B 87 -4.25 36.63 15.50
CA THR B 87 -4.12 35.21 15.73
C THR B 87 -5.42 34.49 15.35
N SER B 88 -5.32 33.58 14.39
CA SER B 88 -6.46 32.77 13.91
C SER B 88 -6.08 31.91 12.69
N GLN B 89 -7.01 31.08 12.24
CA GLN B 89 -6.94 30.50 10.89
C GLN B 89 -7.40 31.50 9.81
N TYR B 90 -6.73 31.51 8.67
CA TYR B 90 -7.14 32.31 7.52
C TYR B 90 -7.53 31.47 6.33
N LEU B 91 -8.83 31.36 6.10
CA LEU B 91 -9.36 30.51 5.06
C LEU B 91 -9.65 31.29 3.80
N CYS B 92 -8.95 30.91 2.73
CA CYS B 92 -9.20 31.44 1.41
C CYS B 92 -10.06 30.47 0.65
N ALA B 93 -10.91 30.97 -0.24
CA ALA B 93 -11.81 30.09 -0.97
C ALA B 93 -12.19 30.69 -2.31
N SER B 94 -12.42 29.80 -3.26
CA SER B 94 -12.76 30.17 -4.61
C SER B 94 -14.19 29.68 -4.92
N ARG B 95 -14.87 30.33 -5.85
CA ARG B 95 -16.26 29.98 -6.15
C ARG B 95 -16.48 29.66 -7.63
N ARG B 96 -17.21 28.57 -7.87
CA ARG B 96 -17.49 28.05 -9.22
C ARG B 96 -18.19 29.10 -10.04
N GLY B 97 -19.42 29.44 -9.69
CA GLY B 97 -20.05 30.59 -10.32
C GLY B 97 -20.54 31.48 -9.22
N SER B 98 -21.85 31.49 -9.01
CA SER B 98 -22.44 31.98 -7.80
C SER B 98 -22.84 30.80 -6.93
N ALA B 99 -22.16 29.67 -7.10
CA ALA B 99 -22.50 28.43 -6.36
C ALA B 99 -21.48 28.11 -5.25
N GLU B 100 -20.94 26.90 -5.21
CA GLU B 100 -20.17 26.45 -4.05
C GLU B 100 -18.76 27.02 -4.00
N LEU B 101 -18.15 26.86 -2.83
CA LEU B 101 -16.82 27.34 -2.57
C LEU B 101 -15.82 26.20 -2.54
N TYR B 102 -14.57 26.56 -2.79
CA TYR B 102 -13.50 25.61 -2.75
C TYR B 102 -12.42 26.20 -1.91
N PHE B 103 -12.30 25.68 -0.70
CA PHE B 103 -11.36 26.21 0.26
C PHE B 103 -9.96 25.67 0.10
N GLY B 104 -9.01 26.60 0.16
CA GLY B 104 -7.63 26.26 0.41
C GLY B 104 -7.48 25.62 1.79
N PRO B 105 -6.29 25.08 2.06
CA PRO B 105 -5.97 24.43 3.33
C PRO B 105 -6.07 25.34 4.54
N GLY B 106 -5.70 26.59 4.37
CA GLY B 106 -5.75 27.57 5.45
C GLY B 106 -4.35 27.92 5.89
N THR B 107 -4.20 29.12 6.45
CA THR B 107 -2.95 29.52 7.11
C THR B 107 -3.25 29.69 8.58
N ARG B 108 -2.43 29.07 9.42
CA ARG B 108 -2.53 29.22 10.86
C ARG B 108 -1.53 30.23 11.30
N LEU B 109 -2.01 31.40 11.66
CA LEU B 109 -1.15 32.49 12.04
C LEU B 109 -1.21 32.75 13.55
N THR B 110 -0.04 32.73 14.20
CA THR B 110 0.09 33.19 15.59
C THR B 110 0.97 34.41 15.61
N VAL B 111 0.43 35.47 16.21
CA VAL B 111 1.18 36.69 16.50
C VAL B 111 1.57 36.68 17.97
N THR B 112 2.86 36.86 18.21
CA THR B 112 3.44 36.77 19.55
C THR B 112 3.96 38.11 20.01
N GLU B 113 3.98 38.29 21.33
CA GLU B 113 4.44 39.55 21.92
C GLU B 113 5.96 39.72 21.78
N ASP B 114 6.69 38.62 21.75
CA ASP B 114 8.14 38.63 21.52
C ASP B 114 8.60 37.31 20.89
N LEU B 115 9.48 37.42 19.90
CA LEU B 115 9.88 36.28 19.07
C LEU B 115 10.77 35.26 19.80
N LYS B 116 11.22 35.61 21.00
CA LYS B 116 11.96 34.68 21.84
C LYS B 116 11.02 34.00 22.79
N ASN B 117 9.72 34.14 22.55
CA ASN B 117 8.73 33.26 23.17
C ASN B 117 8.51 31.97 22.37
N VAL B 118 9.27 31.80 21.28
CA VAL B 118 9.17 30.62 20.40
C VAL B 118 10.06 29.48 20.87
N PHE B 119 9.44 28.36 21.19
CA PHE B 119 10.17 27.16 21.58
C PHE B 119 9.69 25.93 20.82
N PRO B 120 10.65 25.05 20.47
CA PRO B 120 10.30 23.77 19.87
C PRO B 120 9.84 22.81 20.92
N PRO B 121 9.18 21.71 20.53
CA PRO B 121 8.68 20.75 21.51
C PRO B 121 9.77 19.78 22.01
N GLU B 122 9.64 19.38 23.27
CA GLU B 122 10.35 18.22 23.77
C GLU B 122 9.41 17.01 23.68
N VAL B 123 9.93 15.90 23.16
CA VAL B 123 9.11 14.71 22.95
C VAL B 123 9.63 13.55 23.77
N ALA B 124 8.73 12.92 24.53
CA ALA B 124 9.02 11.70 25.24
C ALA B 124 7.94 10.63 24.92
N VAL B 125 8.37 9.37 24.80
CA VAL B 125 7.45 8.25 24.65
C VAL B 125 7.44 7.42 25.92
N PHE B 126 6.24 7.07 26.38
CA PHE B 126 6.05 6.35 27.64
C PHE B 126 5.51 4.96 27.34
N GLU B 127 6.05 3.98 28.05
CA GLU B 127 5.94 2.58 27.64
C GLU B 127 4.76 1.90 28.28
N PRO B 128 4.18 0.90 27.59
CA PRO B 128 3.00 0.27 28.10
C PRO B 128 3.24 -0.37 29.47
N SER B 129 2.23 -0.25 30.34
CA SER B 129 2.32 -0.79 31.69
C SER B 129 2.17 -2.29 31.63
N GLU B 130 2.88 -2.98 32.51
CA GLU B 130 2.78 -4.43 32.60
C GLU B 130 1.41 -4.86 33.09
N ALA B 131 0.76 -4.03 33.89
CA ALA B 131 -0.59 -4.32 34.37
C ALA B 131 -1.64 -4.22 33.26
N GLU B 132 -1.40 -3.34 32.28
CA GLU B 132 -2.27 -3.19 31.11
C GLU B 132 -2.17 -4.43 30.26
N ILE B 133 -0.93 -4.73 29.90
CA ILE B 133 -0.59 -5.88 29.09
C ILE B 133 -1.23 -7.13 29.66
N SER B 134 -1.01 -7.36 30.96
CA SER B 134 -1.48 -8.58 31.62
C SER B 134 -3.01 -8.72 31.66
N HIS B 135 -3.69 -7.63 31.98
CA HIS B 135 -5.14 -7.67 32.16
C HIS B 135 -5.91 -7.58 30.84
N THR B 136 -5.31 -6.91 29.86
CA THR B 136 -6.03 -6.47 28.66
C THR B 136 -5.55 -7.19 27.39
N GLN B 137 -4.31 -7.71 27.42
CA GLN B 137 -3.67 -8.36 26.26
C GLN B 137 -3.43 -7.35 25.13
N LYS B 138 -3.32 -6.07 25.51
CA LYS B 138 -3.05 -4.98 24.62
C LYS B 138 -2.05 -4.06 25.34
N ALA B 139 -1.40 -3.19 24.56
CA ALA B 139 -0.37 -2.30 25.08
C ALA B 139 -0.46 -0.92 24.42
N THR B 140 -0.65 0.10 25.24
CA THR B 140 -0.79 1.46 24.77
C THR B 140 0.51 2.21 25.00
N LEU B 141 1.08 2.81 23.97
CA LEU B 141 2.16 3.75 24.18
C LEU B 141 1.50 5.14 24.29
N VAL B 142 2.04 5.98 25.16
CA VAL B 142 1.67 7.37 25.23
C VAL B 142 2.86 8.21 24.75
N CYS B 143 2.56 9.32 24.06
CA CYS B 143 3.58 10.28 23.64
C CYS B 143 3.20 11.71 24.09
N LEU B 144 4.17 12.41 24.67
CA LEU B 144 3.98 13.76 25.17
C LEU B 144 4.92 14.72 24.50
N ALA B 145 4.37 15.83 24.02
CA ALA B 145 5.14 16.89 23.40
C ALA B 145 4.95 18.11 24.25
N THR B 146 6.01 18.63 24.86
CA THR B 146 5.87 19.69 25.90
C THR B 146 6.71 20.95 25.67
N GLY B 147 6.22 22.05 26.26
CA GLY B 147 6.91 23.34 26.27
C GLY B 147 7.18 23.97 24.92
N PHE B 148 6.22 23.85 24.00
CA PHE B 148 6.35 24.44 22.65
C PHE B 148 5.39 25.63 22.45
N TYR B 149 5.91 26.64 21.74
CA TYR B 149 5.14 27.82 21.37
C TYR B 149 5.61 28.21 19.98
N PRO B 150 4.69 28.48 19.07
CA PRO B 150 3.24 28.42 19.12
C PRO B 150 2.71 26.99 19.02
N ASP B 151 1.40 26.82 19.16
CA ASP B 151 0.77 25.51 19.01
C ASP B 151 0.61 25.20 17.54
N HIS B 152 1.73 25.14 16.82
CA HIS B 152 1.76 24.79 15.41
C HIS B 152 2.54 23.50 15.25
N VAL B 153 1.89 22.36 15.49
CA VAL B 153 2.55 21.04 15.45
C VAL B 153 1.69 19.97 14.77
N GLU B 154 2.37 18.96 14.21
CA GLU B 154 1.70 17.79 13.65
C GLU B 154 2.40 16.54 14.15
N LEU B 155 1.75 15.87 15.09
CA LEU B 155 2.25 14.65 15.66
C LEU B 155 1.78 13.45 14.83
N SER B 156 2.71 12.52 14.58
CA SER B 156 2.47 11.30 13.81
C SER B 156 3.25 10.12 14.42
N TRP B 157 2.70 8.92 14.29
CA TRP B 157 3.32 7.73 14.89
C TRP B 157 3.97 6.87 13.83
N TRP B 158 5.08 6.22 14.16
CA TRP B 158 5.88 5.46 13.18
C TRP B 158 6.35 4.12 13.75
N VAL B 159 5.94 3.05 13.07
CA VAL B 159 6.31 1.69 13.47
C VAL B 159 7.12 1.07 12.36
N ASN B 160 8.32 0.62 12.72
CA ASN B 160 9.21 -0.02 11.78
C ASN B 160 9.41 0.79 10.49
N GLY B 161 9.45 2.12 10.63
CA GLY B 161 9.78 3.02 9.55
C GLY B 161 8.63 3.41 8.65
N LYS B 162 7.40 3.06 9.04
CA LYS B 162 6.21 3.48 8.32
C LYS B 162 5.17 4.12 9.23
N GLU B 163 4.54 5.18 8.74
CA GLU B 163 3.58 5.91 9.53
C GLU B 163 2.33 5.08 9.70
N VAL B 164 1.74 5.21 10.87
CA VAL B 164 0.61 4.38 11.28
C VAL B 164 -0.61 5.27 11.49
N HIS B 165 -1.80 4.69 11.40
CA HIS B 165 -3.01 5.41 11.76
C HIS B 165 -4.00 4.62 12.62
N SER B 166 -4.17 3.34 12.31
CA SER B 166 -4.93 2.45 13.18
C SER B 166 -4.36 2.48 14.57
N GLY B 167 -5.24 2.48 15.56
CA GLY B 167 -4.83 2.44 16.97
C GLY B 167 -4.26 3.73 17.52
N VAL B 168 -4.42 4.84 16.79
CA VAL B 168 -3.92 6.14 17.23
C VAL B 168 -5.03 7.08 17.63
N CYS B 169 -4.72 7.87 18.67
CA CYS B 169 -5.55 8.93 19.13
C CYS B 169 -4.66 10.03 19.62
N THR B 170 -4.78 11.21 19.02
CA THR B 170 -4.14 12.42 19.55
C THR B 170 -5.18 13.44 20.08
N ASP B 171 -4.84 14.12 21.19
CA ASP B 171 -5.71 15.14 21.76
C ASP B 171 -6.18 16.04 20.64
N PRO B 172 -7.49 16.34 20.60
CA PRO B 172 -7.99 17.24 19.54
C PRO B 172 -7.34 18.64 19.56
N GLN B 173 -6.99 19.11 20.77
CA GLN B 173 -6.27 20.38 20.93
C GLN B 173 -5.31 20.33 22.12
N PRO B 174 -4.23 21.11 22.05
CA PRO B 174 -3.24 21.03 23.12
C PRO B 174 -3.67 21.81 24.37
N LEU B 175 -2.79 21.86 25.36
CA LEU B 175 -3.03 22.54 26.61
C LEU B 175 -2.01 23.61 26.86
N LYS B 176 -2.44 24.72 27.46
CA LYS B 176 -1.51 25.76 27.85
C LYS B 176 -0.89 25.29 29.14
N GLU B 177 0.43 25.28 29.16
CA GLU B 177 1.16 24.76 30.31
C GLU B 177 1.05 25.75 31.42
N GLN B 178 1.12 27.02 31.03
CA GLN B 178 0.96 28.16 31.94
C GLN B 178 -0.20 29.02 31.44
N PRO B 179 -1.45 28.55 31.65
CA PRO B 179 -2.70 29.23 31.21
C PRO B 179 -2.91 30.70 31.68
N ALA B 180 -1.99 31.26 32.47
CA ALA B 180 -2.06 32.67 32.85
C ALA B 180 -1.24 33.58 31.94
N LEU B 181 -0.49 33.03 30.98
CA LEU B 181 0.32 33.86 30.09
C LEU B 181 -0.31 34.00 28.68
N ASN B 182 0.20 35.00 27.94
CA ASN B 182 -0.17 35.20 26.53
C ASN B 182 0.89 34.56 25.65
N ASP B 183 1.95 34.10 26.30
CA ASP B 183 3.09 33.49 25.65
C ASP B 183 3.04 31.99 25.86
N SER B 184 1.98 31.52 26.53
CA SER B 184 1.94 30.19 27.14
C SER B 184 2.37 29.06 26.20
N ARG B 185 3.38 28.32 26.62
CA ARG B 185 3.84 27.17 25.88
C ARG B 185 2.85 26.05 26.12
N TYR B 186 2.73 25.15 25.14
CA TYR B 186 1.69 24.13 25.14
C TYR B 186 2.23 22.73 25.36
N ALA B 187 1.30 21.83 25.64
CA ALA B 187 1.60 20.43 25.79
C ALA B 187 0.56 19.61 25.08
N LEU B 188 1.03 18.59 24.38
CA LEU B 188 0.15 17.74 23.59
C LEU B 188 0.50 16.30 23.89
N SER B 189 -0.53 15.48 24.16
CA SER B 189 -0.38 14.06 24.38
C SER B 189 -0.96 13.24 23.24
N SER B 190 -0.49 12.00 23.13
CA SER B 190 -1.03 11.08 22.12
C SER B 190 -0.79 9.62 22.50
N ARG B 191 -1.52 8.73 21.82
CA ARG B 191 -1.62 7.34 22.20
C ARG B 191 -1.65 6.37 21.01
N LEU B 192 -0.76 5.38 21.04
CA LEU B 192 -0.71 4.35 20.03
C LEU B 192 -1.02 3.08 20.75
N ARG B 193 -2.05 2.37 20.32
CA ARG B 193 -2.38 1.09 20.96
C ARG B 193 -2.15 -0.09 20.04
N VAL B 194 -1.44 -1.06 20.58
CA VAL B 194 -0.87 -2.13 19.84
C VAL B 194 -1.25 -3.39 20.63
N SER B 195 -1.16 -4.55 20.00
CA SER B 195 -1.42 -5.81 20.70
C SER B 195 -0.26 -6.12 21.64
N ALA B 196 -0.54 -6.85 22.72
CA ALA B 196 0.54 -7.31 23.61
C ALA B 196 1.67 -8.04 22.86
N THR B 197 1.30 -8.96 21.96
CA THR B 197 2.32 -9.69 21.21
C THR B 197 3.23 -8.72 20.47
N PHE B 198 2.59 -7.79 19.74
CA PHE B 198 3.32 -6.86 18.90
C PHE B 198 4.26 -5.99 19.74
N TRP B 199 3.77 -5.45 20.86
CA TRP B 199 4.63 -4.71 21.77
C TRP B 199 5.78 -5.56 22.28
N GLN B 200 5.47 -6.74 22.82
CA GLN B 200 6.49 -7.61 23.42
C GLN B 200 7.43 -8.22 22.38
N ASP B 201 7.38 -7.76 21.13
CA ASP B 201 8.27 -8.27 20.08
C ASP B 201 9.41 -7.28 19.90
N PRO B 202 10.62 -7.66 20.32
CA PRO B 202 11.78 -6.77 20.26
C PRO B 202 12.27 -6.42 18.85
N ARG B 203 11.77 -7.10 17.83
CA ARG B 203 12.05 -6.69 16.44
C ARG B 203 11.25 -5.46 16.00
N ASN B 204 10.32 -5.04 16.85
CA ASN B 204 9.44 -3.95 16.57
C ASN B 204 9.87 -2.61 17.17
N HIS B 205 9.90 -1.59 16.30
CA HIS B 205 10.38 -0.25 16.63
C HIS B 205 9.24 0.77 16.58
N PHE B 206 9.21 1.68 17.55
CA PHE B 206 8.12 2.66 17.69
C PHE B 206 8.66 4.06 17.86
N ARG B 207 8.07 5.01 17.14
CA ARG B 207 8.51 6.38 17.22
C ARG B 207 7.34 7.34 17.17
N CYS B 208 7.47 8.42 17.94
CA CYS B 208 6.51 9.53 17.95
C CYS B 208 7.17 10.76 17.35
N GLN B 209 6.58 11.26 16.29
CA GLN B 209 7.15 12.31 15.46
C GLN B 209 6.33 13.57 15.51
N VAL B 210 6.96 14.67 15.91
CA VAL B 210 6.28 15.97 15.97
C VAL B 210 6.91 16.97 15.01
N GLN B 211 6.16 17.36 13.97
CA GLN B 211 6.57 18.49 13.13
C GLN B 211 6.28 19.73 13.92
N PHE B 212 7.30 20.56 14.06
CA PHE B 212 7.14 21.85 14.66
C PHE B 212 7.43 22.90 13.60
N TYR B 213 6.52 23.85 13.49
CA TYR B 213 6.72 25.01 12.64
C TYR B 213 7.04 26.19 13.54
N GLY B 214 8.12 26.88 13.23
CA GLY B 214 8.50 28.06 13.98
C GLY B 214 9.27 28.99 13.08
N LEU B 215 10.37 29.52 13.58
CA LEU B 215 11.12 30.56 12.82
C LEU B 215 11.70 30.05 11.52
N SER B 216 12.07 30.99 10.66
CA SER B 216 12.57 30.71 9.31
C SER B 216 13.93 31.40 9.10
N GLU B 217 14.46 31.33 7.87
CA GLU B 217 15.69 32.05 7.48
C GLU B 217 15.50 33.54 7.69
N ASN B 218 14.40 34.05 7.13
CA ASN B 218 13.99 35.43 7.32
C ASN B 218 13.66 35.68 8.80
N ASP B 219 14.47 36.55 9.41
CA ASP B 219 14.37 36.87 10.84
C ASP B 219 14.52 35.60 11.68
N GLU B 220 15.44 35.58 12.65
CA GLU B 220 16.36 36.65 13.05
C GLU B 220 16.77 36.29 14.47
N TRP B 221 17.99 35.81 14.69
CA TRP B 221 18.25 35.22 16.00
C TRP B 221 19.58 35.64 16.59
N THR B 222 19.47 36.49 17.60
CA THR B 222 20.55 36.76 18.53
C THR B 222 20.27 35.74 19.61
N GLN B 223 20.43 36.11 20.87
CA GLN B 223 20.17 35.22 22.00
C GLN B 223 20.63 33.78 21.74
N ASP B 224 20.60 32.96 22.77
CA ASP B 224 21.03 31.57 22.67
C ASP B 224 19.85 30.61 22.76
N ARG B 225 20.10 29.41 23.26
CA ARG B 225 19.06 28.40 23.39
C ARG B 225 18.73 27.75 22.05
N ALA B 226 19.64 27.92 21.08
CA ALA B 226 19.46 27.35 19.75
C ALA B 226 18.28 28.01 19.04
N LYS B 227 18.43 28.22 17.74
CA LYS B 227 17.37 28.85 16.94
C LYS B 227 16.16 27.94 16.77
N PRO B 228 14.94 28.35 17.26
CA PRO B 228 13.74 27.52 17.17
C PRO B 228 13.11 27.54 15.77
N VAL B 229 13.89 27.10 14.79
CA VAL B 229 13.48 27.03 13.41
C VAL B 229 12.51 25.84 13.27
N THR B 230 11.80 25.81 12.15
CA THR B 230 11.02 24.61 11.78
C THR B 230 11.91 23.38 11.84
N GLN B 231 11.40 22.32 12.47
CA GLN B 231 12.18 21.11 12.70
C GLN B 231 11.28 19.96 13.15
N ILE B 232 11.84 18.75 13.15
CA ILE B 232 11.15 17.57 13.64
C ILE B 232 11.82 17.08 14.91
N VAL B 233 11.01 16.81 15.94
CA VAL B 233 11.52 16.15 17.15
C VAL B 233 10.84 14.80 17.35
N SER B 234 11.63 13.80 17.75
CA SER B 234 11.14 12.45 17.89
C SER B 234 11.63 11.80 19.17
N ALA B 235 10.79 10.96 19.76
CA ALA B 235 11.25 10.02 20.78
C ALA B 235 10.90 8.60 20.31
N GLU B 236 11.54 7.60 20.89
CA GLU B 236 11.41 6.23 20.39
C GLU B 236 11.46 5.19 21.51
N ALA B 237 10.96 4.00 21.19
CA ALA B 237 11.08 2.82 22.05
C ALA B 237 11.15 1.54 21.22
N TRP B 238 11.72 0.49 21.82
CA TRP B 238 11.79 -0.83 21.20
C TRP B 238 10.86 -1.77 21.94
N GLY B 239 10.49 -2.86 21.27
CA GLY B 239 9.76 -3.93 21.92
C GLY B 239 10.56 -4.50 23.10
N ARG B 240 9.84 -4.80 24.18
CA ARG B 240 10.44 -5.28 25.44
C ARG B 240 9.63 -6.48 25.91
N ALA B 241 10.32 -7.56 26.28
CA ALA B 241 9.63 -8.79 26.73
C ALA B 241 10.04 -9.24 28.14
N ALA C 1 -12.41 6.71 -8.40
CA ALA C 1 -12.90 7.80 -9.18
C ALA C 1 -14.09 7.29 -9.90
N GLN C 2 -13.84 6.62 -10.99
CA GLN C 2 -14.90 6.05 -11.77
C GLN C 2 -15.65 7.19 -12.31
N THR C 3 -15.26 7.58 -13.51
CA THR C 3 -15.79 8.66 -14.25
C THR C 3 -15.20 8.47 -15.63
N VAL C 4 -16.00 8.68 -16.66
CA VAL C 4 -15.54 8.84 -18.01
C VAL C 4 -15.76 10.30 -18.35
N THR C 5 -14.82 10.91 -19.04
CA THR C 5 -14.90 12.33 -19.32
C THR C 5 -14.91 12.58 -20.80
N GLN C 6 -15.99 13.16 -21.28
CA GLN C 6 -16.11 13.62 -22.67
C GLN C 6 -16.29 15.13 -22.60
N SER C 7 -15.18 15.85 -22.74
CA SER C 7 -15.14 17.29 -22.39
C SER C 7 -15.54 18.24 -23.52
N GLN C 8 -15.97 17.72 -24.67
CA GLN C 8 -16.54 18.59 -25.70
C GLN C 8 -17.90 18.02 -26.08
N PRO C 9 -18.98 18.64 -25.57
CA PRO C 9 -20.31 18.10 -25.80
C PRO C 9 -20.75 18.19 -27.26
N GLU C 10 -20.27 19.19 -28.00
CA GLU C 10 -20.63 19.36 -29.42
C GLU C 10 -19.37 19.47 -30.27
N MET C 11 -19.44 18.99 -31.50
CA MET C 11 -18.34 19.11 -32.46
C MET C 11 -18.89 19.12 -33.86
N SER C 12 -18.10 19.62 -34.80
CA SER C 12 -18.48 19.60 -36.21
C SER C 12 -17.29 19.20 -37.06
N VAL C 13 -17.56 18.46 -38.12
CA VAL C 13 -16.52 18.06 -39.06
C VAL C 13 -17.06 18.21 -40.46
N GLN C 14 -16.26 18.71 -41.39
CA GLN C 14 -16.78 18.82 -42.72
C GLN C 14 -16.61 17.48 -43.44
N GLU C 15 -17.55 17.20 -44.33
CA GLU C 15 -17.59 15.93 -45.03
C GLU C 15 -16.23 15.47 -45.50
N ALA C 16 -16.07 14.15 -45.58
CA ALA C 16 -14.87 13.52 -46.13
C ALA C 16 -13.60 13.74 -45.30
N GLU C 17 -13.73 14.38 -44.14
CA GLU C 17 -12.56 14.69 -43.30
C GLU C 17 -12.57 13.81 -42.03
N THR C 18 -11.51 13.92 -41.24
CA THR C 18 -11.32 13.12 -40.05
C THR C 18 -11.64 13.92 -38.79
N VAL C 19 -12.28 13.26 -37.83
CA VAL C 19 -12.56 13.86 -36.51
C VAL C 19 -12.14 12.90 -35.40
N THR C 20 -11.65 13.48 -34.31
CA THR C 20 -11.21 12.71 -33.16
C THR C 20 -12.02 13.15 -31.94
N LEU C 21 -12.90 12.27 -31.49
CA LEU C 21 -13.70 12.55 -30.31
C LEU C 21 -12.90 12.06 -29.10
N SER C 22 -12.80 12.92 -28.09
CA SER C 22 -11.90 12.67 -26.97
C SER C 22 -12.62 12.04 -25.77
N CYS C 23 -11.91 11.16 -25.09
CA CYS C 23 -12.39 10.52 -23.88
C CYS C 23 -11.20 10.27 -22.99
N THR C 24 -11.36 10.57 -21.71
CA THR C 24 -10.41 10.15 -20.69
C THR C 24 -11.22 9.58 -19.58
N TYR C 25 -10.60 8.75 -18.76
CA TYR C 25 -11.34 8.09 -17.67
C TYR C 25 -10.49 7.95 -16.43
N ASP C 26 -11.15 7.69 -15.32
CA ASP C 26 -10.44 7.52 -14.08
C ASP C 26 -10.88 6.27 -13.38
N THR C 27 -9.92 5.39 -13.09
CA THR C 27 -10.22 4.17 -12.36
C THR C 27 -9.07 3.80 -11.46
N SER C 28 -9.40 3.06 -10.42
CA SER C 28 -8.41 2.46 -9.51
C SER C 28 -8.03 1.07 -10.00
N GLU C 29 -8.46 0.72 -11.21
CA GLU C 29 -8.34 -0.63 -11.73
C GLU C 29 -7.47 -0.74 -12.97
N ASN C 30 -6.86 -1.91 -13.09
CA ASN C 30 -6.04 -2.28 -14.22
C ASN C 30 -6.81 -3.13 -15.26
N ASP C 31 -7.75 -3.94 -14.79
CA ASP C 31 -8.53 -4.81 -15.65
C ASP C 31 -9.91 -4.20 -15.83
N TYR C 32 -10.30 -4.01 -17.09
CA TYR C 32 -11.60 -3.42 -17.43
C TYR C 32 -11.75 -3.43 -18.93
N ILE C 33 -12.82 -2.84 -19.42
CA ILE C 33 -13.07 -2.79 -20.84
C ILE C 33 -13.71 -1.45 -21.20
N LEU C 34 -13.38 -0.94 -22.39
CA LEU C 34 -13.85 0.37 -22.84
C LEU C 34 -14.61 0.23 -24.15
N PHE C 35 -15.49 1.18 -24.40
CA PHE C 35 -16.40 1.10 -25.54
C PHE C 35 -16.66 2.45 -26.15
N TRP C 36 -16.95 2.45 -27.44
CA TRP C 36 -17.62 3.60 -28.04
C TRP C 36 -18.96 3.12 -28.61
N TYR C 37 -19.96 3.98 -28.43
CA TYR C 37 -21.34 3.69 -28.77
C TYR C 37 -21.93 4.88 -29.50
N LYS C 38 -22.59 4.59 -30.61
CA LYS C 38 -23.18 5.62 -31.45
C LYS C 38 -24.69 5.68 -31.14
N GLN C 39 -25.24 6.89 -31.07
CA GLN C 39 -26.67 7.05 -30.96
C GLN C 39 -27.17 8.12 -31.91
N PRO C 40 -27.64 7.73 -33.10
CA PRO C 40 -28.21 8.64 -34.06
C PRO C 40 -29.59 9.08 -33.63
N PRO C 41 -30.24 9.96 -34.42
CA PRO C 41 -31.56 10.44 -34.06
C PRO C 41 -32.61 9.36 -33.88
N SER C 42 -32.37 8.17 -34.41
CA SER C 42 -33.25 7.02 -34.16
C SER C 42 -33.32 6.72 -32.68
N ARG C 43 -32.26 7.07 -31.96
CA ARG C 43 -32.16 6.84 -30.52
C ARG C 43 -31.82 5.38 -30.20
N GLN C 44 -31.36 4.67 -31.23
CA GLN C 44 -30.94 3.29 -31.06
C GLN C 44 -29.43 3.23 -30.81
N MET C 45 -29.04 2.75 -29.65
CA MET C 45 -27.64 2.67 -29.29
C MET C 45 -26.97 1.54 -30.03
N ILE C 46 -25.85 1.83 -30.67
CA ILE C 46 -25.12 0.87 -31.52
C ILE C 46 -23.66 0.78 -31.04
N LEU C 47 -23.10 -0.42 -30.90
CA LEU C 47 -21.70 -0.56 -30.56
C LEU C 47 -20.86 -0.16 -31.74
N VAL C 48 -19.90 0.71 -31.50
CA VAL C 48 -18.98 1.12 -32.56
C VAL C 48 -17.69 0.37 -32.41
N ILE C 49 -17.08 0.46 -31.24
CA ILE C 49 -15.79 -0.17 -30.94
C ILE C 49 -15.71 -0.65 -29.50
N ARG C 50 -14.88 -1.66 -29.27
CA ARG C 50 -14.74 -2.28 -27.96
C ARG C 50 -13.29 -2.63 -27.71
N GLN C 51 -12.70 -2.06 -26.66
CA GLN C 51 -11.28 -2.27 -26.39
C GLN C 51 -11.10 -2.87 -25.01
N GLU C 52 -10.49 -4.05 -24.95
CA GLU C 52 -10.13 -4.66 -23.71
C GLU C 52 -8.87 -4.02 -23.19
N ALA C 53 -8.75 -3.97 -21.86
CA ALA C 53 -7.61 -3.38 -21.18
C ALA C 53 -6.31 -4.17 -21.32
N TYR C 54 -6.41 -5.42 -21.79
CA TYR C 54 -5.24 -6.27 -22.02
C TYR C 54 -4.91 -6.43 -23.50
N LYS C 55 -5.76 -5.93 -24.38
CA LYS C 55 -5.49 -5.97 -25.80
C LYS C 55 -4.56 -4.81 -26.10
N GLN C 56 -3.32 -5.14 -26.44
CA GLN C 56 -2.25 -4.15 -26.44
C GLN C 56 -2.45 -3.03 -27.46
N GLN C 57 -2.47 -3.38 -28.73
CA GLN C 57 -2.50 -2.40 -29.80
C GLN C 57 -3.93 -2.13 -30.29
N ASN C 58 -4.04 -1.09 -31.11
CA ASN C 58 -5.30 -0.54 -31.55
C ASN C 58 -5.96 -1.38 -32.63
N ALA C 59 -7.24 -1.67 -32.42
CA ALA C 59 -8.08 -2.40 -33.38
C ALA C 59 -9.48 -2.31 -32.80
N THR C 60 -10.40 -1.47 -33.31
CA THR C 60 -10.45 -0.72 -34.61
C THR C 60 -10.84 -1.55 -35.83
N GLU C 61 -12.14 -1.47 -36.14
CA GLU C 61 -12.77 -2.22 -37.20
C GLU C 61 -13.52 -1.24 -38.13
N ASN C 62 -13.02 -1.01 -39.32
CA ASN C 62 -13.78 -0.29 -40.31
C ASN C 62 -13.86 1.20 -40.13
N ARG C 63 -13.11 1.95 -40.92
CA ARG C 63 -13.25 3.40 -40.95
C ARG C 63 -13.26 4.10 -39.62
N PHE C 64 -13.35 3.34 -38.53
CA PHE C 64 -13.20 3.94 -37.21
C PHE C 64 -12.06 3.28 -36.56
N SER C 65 -11.24 4.06 -35.90
CA SER C 65 -10.16 3.54 -35.09
C SER C 65 -10.22 4.19 -33.72
N VAL C 66 -9.43 3.70 -32.76
CA VAL C 66 -9.26 4.32 -31.43
C VAL C 66 -7.81 4.50 -31.14
N ASN C 67 -7.50 5.53 -30.36
CA ASN C 67 -6.19 5.65 -29.79
C ASN C 67 -6.32 5.41 -28.29
N PHE C 68 -6.11 4.16 -27.89
CA PHE C 68 -6.16 3.74 -26.51
C PHE C 68 -4.78 3.90 -25.92
N GLN C 69 -4.70 4.60 -24.79
CA GLN C 69 -3.43 4.88 -24.12
C GLN C 69 -3.61 4.62 -22.63
N LYS C 70 -3.31 3.38 -22.23
CA LYS C 70 -3.74 2.90 -20.91
C LYS C 70 -3.20 3.69 -19.72
N ALA C 71 -1.89 3.91 -19.71
CA ALA C 71 -1.25 4.69 -18.65
C ALA C 71 -1.75 6.14 -18.71
N ALA C 72 -2.00 6.62 -19.91
CA ALA C 72 -2.55 7.95 -20.07
C ALA C 72 -4.03 8.01 -19.68
N LYS C 73 -4.68 6.84 -19.69
CA LYS C 73 -6.13 6.72 -19.45
C LYS C 73 -6.93 7.56 -20.46
N SER C 74 -6.55 7.43 -21.72
CA SER C 74 -7.18 8.12 -22.85
C SER C 74 -7.70 7.11 -23.84
N PHE C 75 -8.91 7.34 -24.33
CA PHE C 75 -9.54 6.43 -25.27
C PHE C 75 -10.29 7.23 -26.34
N SER C 76 -9.55 7.93 -27.18
CA SER C 76 -10.17 8.75 -28.20
C SER C 76 -10.65 7.92 -29.40
N LEU C 77 -11.73 8.37 -30.01
CA LEU C 77 -12.29 7.75 -31.22
C LEU C 77 -12.00 8.60 -32.44
N LYS C 78 -11.47 7.94 -33.46
CA LYS C 78 -11.09 8.57 -34.71
C LYS C 78 -12.03 8.14 -35.81
N ILE C 79 -12.71 9.10 -36.41
CA ILE C 79 -13.60 8.80 -37.54
C ILE C 79 -13.12 9.49 -38.82
N SER C 80 -12.81 8.70 -39.85
CA SER C 80 -12.26 9.21 -41.11
C SER C 80 -13.20 8.96 -42.30
N ASP C 81 -13.05 9.79 -43.33
CA ASP C 81 -13.97 9.79 -44.48
C ASP C 81 -15.41 10.08 -43.98
N SER C 82 -15.52 11.10 -43.15
CA SER C 82 -16.78 11.45 -42.53
C SER C 82 -17.92 11.59 -43.54
N GLN C 83 -19.01 10.87 -43.30
CA GLN C 83 -20.22 10.95 -44.11
C GLN C 83 -21.30 11.61 -43.25
N LEU C 84 -22.43 11.96 -43.85
CA LEU C 84 -23.50 12.63 -43.11
C LEU C 84 -24.21 11.66 -42.14
N GLY C 85 -24.15 10.37 -42.45
CA GLY C 85 -24.69 9.33 -41.57
C GLY C 85 -23.92 9.13 -40.27
N ASP C 86 -22.73 9.72 -40.13
CA ASP C 86 -21.98 9.65 -38.86
C ASP C 86 -22.48 10.69 -37.87
N ALA C 87 -23.31 11.61 -38.34
CA ALA C 87 -24.04 12.51 -37.47
C ALA C 87 -24.82 11.70 -36.42
N ALA C 88 -24.55 11.96 -35.15
CA ALA C 88 -25.09 11.19 -34.02
C ALA C 88 -24.46 11.64 -32.69
N MET C 89 -25.04 11.17 -31.59
CA MET C 89 -24.39 11.19 -30.31
C MET C 89 -23.37 10.05 -30.22
N TYR C 90 -22.16 10.34 -29.73
CA TYR C 90 -21.15 9.32 -29.47
C TYR C 90 -20.86 9.26 -27.98
N PHE C 91 -20.95 8.07 -27.40
CA PHE C 91 -20.71 7.90 -25.97
C PHE C 91 -19.51 7.04 -25.76
N CYS C 92 -18.74 7.40 -24.74
CA CYS C 92 -17.57 6.65 -24.35
C CYS C 92 -17.91 6.00 -23.00
N ALA C 93 -17.46 4.77 -22.81
CA ALA C 93 -17.93 3.97 -21.68
C ALA C 93 -16.88 3.04 -21.05
N TYR C 94 -16.98 2.93 -19.74
CA TYR C 94 -16.03 2.15 -18.98
C TYR C 94 -16.83 1.02 -18.40
N GLY C 95 -16.26 -0.18 -18.44
CA GLY C 95 -16.96 -1.39 -18.02
C GLY C 95 -16.15 -2.37 -17.17
N GLU C 96 -16.78 -2.88 -16.12
CA GLU C 96 -16.20 -3.90 -15.25
C GLU C 96 -17.19 -5.05 -15.19
N ASP C 97 -16.94 -6.06 -14.36
CA ASP C 97 -17.90 -7.15 -14.26
C ASP C 97 -19.21 -6.56 -13.84
N ASP C 98 -19.18 -5.60 -12.93
CA ASP C 98 -20.17 -4.55 -12.98
C ASP C 98 -19.72 -3.24 -12.34
N LYS C 99 -19.84 -2.14 -13.12
CA LYS C 99 -20.87 -1.98 -14.20
C LYS C 99 -20.32 -1.53 -15.56
N ILE C 100 -21.20 -1.01 -16.42
CA ILE C 100 -20.79 -0.09 -17.49
C ILE C 100 -21.41 1.28 -17.25
N ILE C 101 -20.57 2.32 -17.20
CA ILE C 101 -21.07 3.69 -17.14
C ILE C 101 -20.60 4.49 -18.33
N PHE C 102 -21.45 5.40 -18.79
CA PHE C 102 -21.17 6.16 -19.98
C PHE C 102 -20.77 7.58 -19.61
N GLY C 103 -19.79 8.12 -20.33
CA GLY C 103 -19.51 9.53 -20.26
C GLY C 103 -20.75 10.32 -20.68
N LYS C 104 -20.63 11.64 -20.66
CA LYS C 104 -21.74 12.56 -20.92
C LYS C 104 -22.19 12.55 -22.36
N GLY C 105 -21.23 12.38 -23.27
CA GLY C 105 -21.56 12.23 -24.66
C GLY C 105 -21.26 13.44 -25.53
N THR C 106 -20.89 13.18 -26.77
CA THR C 106 -20.53 14.21 -27.74
C THR C 106 -21.46 14.11 -28.94
N ARG C 107 -22.17 15.19 -29.22
CA ARG C 107 -22.98 15.31 -30.42
C ARG C 107 -22.08 15.77 -31.55
N LEU C 108 -22.06 15.03 -32.64
CA LEU C 108 -21.23 15.35 -33.80
C LEU C 108 -22.08 15.76 -34.96
N HIS C 109 -21.86 16.95 -35.45
CA HIS C 109 -22.60 17.48 -36.61
C HIS C 109 -21.70 17.33 -37.84
N ILE C 110 -22.30 17.07 -38.99
CA ILE C 110 -21.52 16.89 -40.21
C ILE C 110 -21.96 17.82 -41.30
N LEU C 111 -21.04 18.71 -41.63
CA LEU C 111 -21.27 19.81 -42.55
C LEU C 111 -21.04 19.33 -43.97
N PRO C 112 -22.07 19.40 -44.81
CA PRO C 112 -21.88 18.94 -46.19
C PRO C 112 -21.03 19.91 -46.99
N ASN C 113 -20.32 19.40 -48.00
CA ASN C 113 -19.54 20.25 -48.89
C ASN C 113 -20.37 20.76 -50.04
N ILE C 114 -20.73 22.03 -49.99
CA ILE C 114 -21.68 22.59 -50.93
C ILE C 114 -20.95 23.04 -52.19
N GLN C 115 -21.00 22.18 -53.23
CA GLN C 115 -20.18 22.34 -54.44
C GLN C 115 -20.28 23.75 -55.00
N ASN C 116 -21.50 24.15 -55.37
CA ASN C 116 -21.77 25.50 -55.86
C ASN C 116 -22.83 26.18 -55.01
N PRO C 117 -22.41 26.96 -54.00
CA PRO C 117 -23.33 27.66 -53.10
C PRO C 117 -24.19 28.68 -53.82
N ASP C 118 -25.49 28.69 -53.53
CA ASP C 118 -26.44 29.53 -54.25
C ASP C 118 -27.59 29.96 -53.33
N PRO C 119 -27.24 30.66 -52.24
CA PRO C 119 -28.24 31.03 -51.23
C PRO C 119 -29.46 31.77 -51.81
N ALA C 120 -30.63 31.58 -51.21
CA ALA C 120 -31.89 32.12 -51.72
C ALA C 120 -33.05 31.79 -50.79
N VAL C 121 -34.05 32.68 -50.72
CA VAL C 121 -35.27 32.39 -49.93
C VAL C 121 -36.45 32.30 -50.86
N TYR C 122 -37.22 31.23 -50.75
CA TYR C 122 -38.37 31.01 -51.62
C TYR C 122 -39.58 30.93 -50.75
N GLN C 123 -40.71 31.28 -51.34
CA GLN C 123 -41.99 31.24 -50.66
C GLN C 123 -42.83 30.12 -51.26
N LEU C 124 -43.32 29.23 -50.42
CA LEU C 124 -44.02 28.06 -50.90
C LEU C 124 -45.52 28.28 -50.81
N ARG C 125 -46.29 27.72 -51.74
CA ARG C 125 -47.74 27.88 -51.75
C ARG C 125 -48.32 26.83 -50.85
N ASP C 126 -48.90 27.27 -49.75
CA ASP C 126 -49.42 26.35 -48.75
C ASP C 126 -50.57 25.55 -49.31
N SER C 127 -50.98 24.52 -48.59
CA SER C 127 -52.16 23.76 -48.95
C SER C 127 -53.25 24.56 -48.28
N LYS C 128 -54.32 24.91 -48.99
CA LYS C 128 -55.31 25.86 -48.45
C LYS C 128 -56.24 25.20 -47.40
N SER C 129 -56.11 23.86 -47.24
CA SER C 129 -56.36 23.20 -45.95
C SER C 129 -55.15 23.57 -45.08
N SER C 130 -55.05 24.88 -44.83
CA SER C 130 -53.78 25.52 -44.51
C SER C 130 -53.34 25.30 -43.08
N ASP C 131 -52.07 25.59 -42.85
CA ASP C 131 -51.42 25.43 -41.56
C ASP C 131 -50.18 26.35 -41.53
N LYS C 132 -50.39 27.61 -41.90
CA LYS C 132 -49.38 28.67 -41.82
C LYS C 132 -48.35 28.66 -42.98
N SER C 133 -48.61 29.47 -44.01
CA SER C 133 -47.83 29.49 -45.27
C SER C 133 -46.31 29.65 -45.05
N VAL C 134 -45.53 28.92 -45.86
CA VAL C 134 -44.13 28.60 -45.57
C VAL C 134 -43.06 29.38 -46.35
N CYS C 135 -42.00 29.76 -45.65
CA CYS C 135 -40.81 30.35 -46.27
C CYS C 135 -39.72 29.30 -46.23
N LEU C 136 -38.84 29.31 -47.21
CA LEU C 136 -37.77 28.34 -47.29
C LEU C 136 -36.47 29.00 -47.66
N PHE C 137 -35.44 28.77 -46.87
CA PHE C 137 -34.12 29.36 -47.13
C PHE C 137 -33.21 28.20 -47.52
N THR C 138 -32.63 28.23 -48.73
CA THR C 138 -31.85 27.08 -49.22
C THR C 138 -30.59 27.43 -49.96
N ASP C 139 -29.76 26.40 -50.14
CA ASP C 139 -28.58 26.41 -51.00
C ASP C 139 -27.42 27.27 -50.49
N PHE C 140 -27.47 27.60 -49.20
CA PHE C 140 -26.39 28.31 -48.54
C PHE C 140 -25.29 27.35 -48.16
N ASP C 141 -24.10 27.86 -47.91
CA ASP C 141 -22.98 27.00 -47.55
C ASP C 141 -23.12 26.61 -46.07
N SER C 142 -22.42 25.53 -45.70
CA SER C 142 -22.56 24.87 -44.40
C SER C 142 -21.99 25.69 -43.22
N GLN C 143 -21.28 26.78 -43.53
CA GLN C 143 -20.74 27.73 -42.55
C GLN C 143 -21.74 28.86 -42.21
N THR C 144 -22.92 28.82 -42.84
CA THR C 144 -23.90 29.88 -42.70
C THR C 144 -24.68 29.74 -41.41
N ASN C 145 -25.18 30.88 -40.93
CA ASN C 145 -25.79 30.99 -39.62
C ASN C 145 -27.26 31.33 -39.75
N VAL C 146 -28.12 30.38 -39.44
CA VAL C 146 -29.54 30.64 -39.48
C VAL C 146 -30.04 31.01 -38.09
N SER C 147 -30.72 32.15 -37.98
CA SER C 147 -31.12 32.65 -36.68
C SER C 147 -32.57 32.42 -36.35
N GLN C 148 -32.83 32.50 -35.06
CA GLN C 148 -34.11 32.17 -34.47
C GLN C 148 -35.15 33.25 -34.61
N SER C 149 -36.41 32.81 -34.53
CA SER C 149 -37.52 33.71 -34.51
C SER C 149 -37.56 34.36 -33.14
N LYS C 150 -37.67 35.67 -33.16
CA LYS C 150 -37.79 36.50 -31.97
C LYS C 150 -39.25 36.86 -31.77
N ASP C 151 -40.01 36.79 -32.85
CA ASP C 151 -41.41 37.16 -32.85
C ASP C 151 -42.21 35.91 -32.54
N SER C 152 -43.05 35.99 -31.50
CA SER C 152 -43.96 34.91 -31.09
C SER C 152 -45.00 34.49 -32.16
N ASP C 153 -45.11 35.24 -33.25
CA ASP C 153 -45.97 34.84 -34.38
C ASP C 153 -45.23 33.88 -35.33
N VAL C 154 -43.91 34.02 -35.37
CA VAL C 154 -43.08 33.38 -36.38
C VAL C 154 -42.19 32.27 -35.80
N TYR C 155 -42.11 31.13 -36.52
CA TYR C 155 -41.27 29.98 -36.11
C TYR C 155 -40.18 29.71 -37.15
N ILE C 156 -38.95 29.42 -36.71
CA ILE C 156 -37.86 29.04 -37.63
C ILE C 156 -37.21 27.71 -37.21
N THR C 157 -36.87 26.88 -38.18
CA THR C 157 -36.23 25.60 -37.91
C THR C 157 -34.72 25.73 -37.95
N ASP C 158 -34.04 24.66 -37.56
CA ASP C 158 -32.59 24.59 -37.71
C ASP C 158 -32.27 24.28 -39.16
N LYS C 159 -30.99 24.35 -39.52
CA LYS C 159 -30.56 23.94 -40.84
C LYS C 159 -30.71 22.43 -40.93
N CYS C 160 -30.59 21.90 -42.15
CA CYS C 160 -31.01 20.53 -42.44
C CYS C 160 -30.37 20.12 -43.75
N VAL C 161 -29.64 19.02 -43.74
CA VAL C 161 -28.99 18.56 -44.96
C VAL C 161 -29.88 17.57 -45.72
N LEU C 162 -29.82 17.69 -47.03
CA LEU C 162 -30.68 16.98 -47.95
C LEU C 162 -29.75 16.37 -48.99
N ASP C 163 -29.95 15.10 -49.30
CA ASP C 163 -29.00 14.36 -50.15
C ASP C 163 -29.68 13.73 -51.34
N MET C 164 -29.53 14.37 -52.49
CA MET C 164 -30.03 13.84 -53.75
C MET C 164 -29.05 12.83 -54.31
N ARG C 165 -29.12 11.60 -53.76
CA ARG C 165 -28.15 10.55 -54.09
C ARG C 165 -27.92 10.37 -55.58
N SER C 166 -29.01 10.40 -56.34
CA SER C 166 -28.94 10.14 -57.78
C SER C 166 -28.40 11.31 -58.63
N MET C 167 -28.50 12.52 -58.12
CA MET C 167 -27.89 13.68 -58.79
C MET C 167 -26.54 14.06 -58.16
N ASP C 168 -26.07 13.25 -57.20
CA ASP C 168 -24.77 13.46 -56.58
C ASP C 168 -24.70 14.91 -56.08
N PHE C 169 -25.78 15.37 -55.41
CA PHE C 169 -25.96 16.77 -55.00
C PHE C 169 -26.59 16.87 -53.60
N LYS C 170 -26.06 17.78 -52.79
CA LYS C 170 -26.57 18.04 -51.44
C LYS C 170 -26.94 19.49 -51.31
N SER C 171 -27.79 19.79 -50.34
CA SER C 171 -28.34 21.12 -50.10
C SER C 171 -28.74 21.34 -48.62
N ASN C 172 -28.36 22.47 -48.06
CA ASN C 172 -28.80 22.90 -46.75
C ASN C 172 -30.07 23.69 -46.88
N SER C 173 -30.83 23.81 -45.79
CA SER C 173 -32.07 24.56 -45.83
C SER C 173 -32.67 24.75 -44.44
N ALA C 174 -33.48 25.79 -44.29
CA ALA C 174 -34.21 26.06 -43.07
C ALA C 174 -35.59 26.57 -43.43
N VAL C 175 -36.56 26.34 -42.54
CA VAL C 175 -37.95 26.68 -42.83
C VAL C 175 -38.48 27.69 -41.81
N ALA C 176 -39.33 28.59 -42.30
CA ALA C 176 -39.93 29.62 -41.48
C ALA C 176 -41.39 29.72 -41.83
N TRP C 177 -42.23 29.90 -40.82
CA TRP C 177 -43.66 30.05 -41.05
C TRP C 177 -44.28 30.91 -39.96
N SER C 178 -45.51 31.34 -40.19
CA SER C 178 -46.25 32.26 -39.33
C SER C 178 -47.60 32.37 -39.98
N ASN C 179 -48.47 33.25 -39.50
CA ASN C 179 -49.78 33.38 -40.15
C ASN C 179 -50.31 34.80 -40.21
N LYS C 180 -51.19 35.15 -39.27
CA LYS C 180 -51.76 36.49 -39.22
C LYS C 180 -50.72 37.54 -38.84
N SER C 181 -51.14 38.79 -38.80
CA SER C 181 -50.24 39.88 -38.45
C SER C 181 -49.33 40.25 -39.61
N ASP C 182 -49.66 39.75 -40.80
CA ASP C 182 -48.86 40.01 -42.00
C ASP C 182 -47.48 39.38 -41.89
N PHE C 183 -47.15 38.52 -42.84
CA PHE C 183 -45.86 37.86 -42.86
C PHE C 183 -45.40 37.66 -44.30
N ALA C 184 -44.17 38.07 -44.59
CA ALA C 184 -43.58 37.96 -45.91
C ALA C 184 -42.19 37.35 -45.79
N CYS C 185 -41.76 36.67 -46.84
CA CYS C 185 -40.64 35.75 -46.74
C CYS C 185 -39.30 36.38 -47.05
N ALA C 186 -39.32 37.67 -47.33
CA ALA C 186 -38.08 38.40 -47.53
C ALA C 186 -37.51 38.85 -46.23
N ASN C 187 -38.36 39.18 -45.26
CA ASN C 187 -37.91 39.51 -43.93
C ASN C 187 -37.25 38.27 -43.44
N ALA C 188 -38.04 37.41 -42.81
CA ALA C 188 -37.81 35.99 -42.53
C ALA C 188 -36.45 35.56 -42.08
N PHE C 189 -35.57 35.37 -43.02
CA PHE C 189 -34.32 34.73 -42.73
C PHE C 189 -33.24 35.73 -42.86
N ASN C 190 -33.28 36.40 -43.98
CA ASN C 190 -32.41 37.51 -44.17
C ASN C 190 -32.81 38.65 -43.22
N ASN C 191 -33.02 38.28 -41.95
CA ASN C 191 -33.23 39.17 -40.81
C ASN C 191 -32.64 38.59 -39.54
N ALA D 1 -33.90 -19.05 -33.38
CA ALA D 1 -32.87 -18.51 -34.25
C ALA D 1 -32.85 -16.99 -34.21
N GLU D 2 -34.02 -16.40 -33.94
CA GLU D 2 -34.15 -14.95 -33.88
C GLU D 2 -33.13 -14.35 -32.92
N ALA D 3 -33.50 -14.25 -31.65
CA ALA D 3 -32.62 -13.69 -30.63
C ALA D 3 -32.32 -12.22 -30.91
N ASP D 4 -32.76 -11.35 -30.01
CA ASP D 4 -32.54 -9.92 -30.14
C ASP D 4 -33.38 -9.13 -29.14
N ILE D 5 -32.71 -8.28 -28.37
CA ILE D 5 -33.39 -7.45 -27.37
C ILE D 5 -34.66 -6.85 -27.93
N TYR D 6 -35.70 -6.76 -27.09
CA TYR D 6 -36.98 -6.18 -27.51
C TYR D 6 -37.56 -5.24 -26.50
N GLN D 7 -38.19 -4.16 -26.94
CA GLN D 7 -38.73 -3.13 -26.04
C GLN D 7 -40.08 -2.56 -26.42
N THR D 8 -41.09 -2.73 -25.57
CA THR D 8 -42.43 -2.19 -25.84
C THR D 8 -43.04 -1.43 -24.68
N PRO D 9 -43.86 -0.42 -24.99
CA PRO D 9 -44.14 0.01 -26.36
C PRO D 9 -43.09 1.03 -26.74
N ARG D 10 -42.92 1.29 -28.02
CA ARG D 10 -41.88 2.24 -28.41
C ARG D 10 -42.21 3.64 -27.89
N TYR D 11 -43.51 3.96 -27.83
CA TYR D 11 -44.01 5.28 -27.35
C TYR D 11 -45.14 5.08 -26.34
N LEU D 12 -45.23 5.98 -25.36
CA LEU D 12 -46.29 5.89 -24.37
C LEU D 12 -46.58 7.25 -23.77
N VAL D 13 -47.88 7.53 -23.66
CA VAL D 13 -48.37 8.76 -23.06
C VAL D 13 -49.37 8.41 -21.96
N ILE D 14 -49.18 9.01 -20.78
CA ILE D 14 -50.00 8.67 -19.62
C ILE D 14 -50.08 9.89 -18.68
N GLY D 15 -51.08 9.91 -17.79
CA GLY D 15 -51.26 11.03 -16.83
C GLY D 15 -50.63 10.73 -15.48
N THR D 16 -50.15 11.78 -14.80
CA THR D 16 -49.45 11.66 -13.50
C THR D 16 -50.25 10.85 -12.48
N GLY D 17 -49.54 10.20 -11.57
CA GLY D 17 -50.18 9.40 -10.54
C GLY D 17 -50.44 7.98 -11.02
N LYS D 18 -50.57 7.83 -12.34
CA LYS D 18 -50.76 6.52 -12.94
C LYS D 18 -49.51 5.68 -12.88
N LYS D 19 -49.69 4.36 -12.99
CA LYS D 19 -48.59 3.42 -12.88
C LYS D 19 -48.38 2.72 -14.19
N ILE D 20 -47.12 2.44 -14.48
CA ILE D 20 -46.78 1.86 -15.75
C ILE D 20 -45.62 0.89 -15.69
N THR D 21 -45.68 -0.11 -16.58
CA THR D 21 -44.65 -1.12 -16.71
C THR D 21 -44.14 -1.13 -18.16
N LEU D 22 -42.83 -1.10 -18.32
CA LEU D 22 -42.20 -1.11 -19.64
C LEU D 22 -41.55 -2.44 -19.91
N GLU D 23 -42.02 -3.13 -20.95
CA GLU D 23 -41.48 -4.45 -21.24
C GLU D 23 -40.13 -4.39 -21.96
N CYS D 24 -39.17 -5.19 -21.47
CA CYS D 24 -37.90 -5.44 -22.16
C CYS D 24 -37.62 -6.93 -22.10
N SER D 25 -37.38 -7.53 -23.26
CA SER D 25 -37.00 -8.93 -23.32
C SER D 25 -35.84 -9.15 -24.28
N GLN D 26 -35.10 -10.22 -24.06
CA GLN D 26 -33.94 -10.54 -24.86
C GLN D 26 -33.84 -12.04 -25.01
N THR D 27 -33.55 -12.50 -26.22
CA THR D 27 -33.48 -13.92 -26.49
C THR D 27 -32.07 -14.41 -26.77
N MET D 28 -31.07 -13.63 -26.38
CA MET D 28 -29.68 -13.99 -26.66
C MET D 28 -28.95 -14.77 -25.57
N GLY D 29 -29.62 -15.15 -24.49
CA GLY D 29 -29.02 -15.94 -23.40
C GLY D 29 -28.17 -15.16 -22.40
N HIS D 30 -28.32 -13.84 -22.42
CA HIS D 30 -27.52 -12.98 -21.56
C HIS D 30 -27.98 -12.99 -20.10
N ASP D 31 -27.01 -12.98 -19.18
CA ASP D 31 -27.31 -12.95 -17.77
C ASP D 31 -27.50 -11.51 -17.30
N LYS D 32 -26.50 -10.67 -17.55
CA LYS D 32 -26.57 -9.26 -17.20
C LYS D 32 -27.52 -8.48 -18.13
N MET D 33 -28.38 -7.68 -17.51
CA MET D 33 -29.25 -6.74 -18.19
C MET D 33 -29.26 -5.44 -17.40
N TYR D 34 -29.58 -4.34 -18.09
CA TYR D 34 -29.45 -3.00 -17.53
C TYR D 34 -30.53 -2.09 -18.05
N TRP D 35 -30.82 -1.05 -17.27
CA TRP D 35 -31.85 -0.05 -17.58
C TRP D 35 -31.26 1.33 -17.43
N TYR D 36 -31.10 2.04 -18.55
CA TYR D 36 -30.63 3.43 -18.51
C TYR D 36 -31.75 4.39 -18.82
N GLN D 37 -31.74 5.54 -18.15
CA GLN D 37 -32.69 6.61 -18.40
C GLN D 37 -32.01 7.83 -19.00
N GLN D 38 -32.59 8.36 -20.06
CA GLN D 38 -31.97 9.48 -20.80
C GLN D 38 -32.88 10.72 -20.91
N ASP D 39 -32.51 11.80 -20.22
CA ASP D 39 -33.21 13.10 -20.30
C ASP D 39 -32.80 13.85 -21.56
N PRO D 40 -33.66 14.76 -22.05
CA PRO D 40 -33.22 15.73 -23.05
C PRO D 40 -32.00 16.44 -22.48
N GLY D 41 -30.91 16.50 -23.24
CA GLY D 41 -29.60 16.86 -22.67
C GLY D 41 -28.74 15.62 -22.63
N MET D 42 -29.38 14.45 -22.73
CA MET D 42 -28.78 13.27 -23.31
C MET D 42 -27.93 12.42 -22.38
N GLU D 43 -27.73 12.80 -21.12
CA GLU D 43 -26.88 11.99 -20.27
C GLU D 43 -27.55 10.64 -20.06
N LEU D 44 -26.74 9.58 -20.08
CA LEU D 44 -27.22 8.23 -19.81
C LEU D 44 -27.01 7.91 -18.34
N HIS D 45 -28.10 7.67 -17.60
CA HIS D 45 -27.99 7.43 -16.17
C HIS D 45 -28.38 6.01 -15.81
N LEU D 46 -27.43 5.24 -15.28
CA LEU D 46 -27.70 3.87 -14.92
C LEU D 46 -28.73 3.88 -13.82
N ILE D 47 -29.85 3.21 -14.04
CA ILE D 47 -31.00 3.31 -13.15
C ILE D 47 -31.25 1.98 -12.44
N HIS D 48 -31.06 0.86 -13.14
CA HIS D 48 -31.08 -0.50 -12.53
C HIS D 48 -30.22 -1.47 -13.33
N TYR D 49 -29.70 -2.49 -12.66
CA TYR D 49 -29.10 -3.62 -13.38
C TYR D 49 -29.40 -4.98 -12.74
N SER D 50 -28.75 -6.05 -13.22
CA SER D 50 -29.12 -7.43 -12.81
C SER D 50 -28.12 -8.46 -13.34
N TYR D 51 -27.74 -9.41 -12.50
CA TYR D 51 -26.70 -10.39 -12.81
C TYR D 51 -27.22 -11.63 -13.49
N GLY D 52 -28.52 -11.90 -13.33
CA GLY D 52 -29.13 -13.18 -13.72
C GLY D 52 -30.43 -13.29 -12.96
N VAL D 53 -31.16 -14.39 -13.10
CA VAL D 53 -32.52 -14.44 -12.51
C VAL D 53 -32.39 -14.34 -10.99
N ASN D 54 -33.41 -13.74 -10.36
CA ASN D 54 -33.41 -13.34 -8.94
C ASN D 54 -32.60 -12.11 -8.56
N SER D 55 -31.75 -11.62 -9.48
CA SER D 55 -30.83 -10.53 -9.16
C SER D 55 -31.39 -9.17 -9.60
N THR D 56 -31.35 -8.21 -8.67
CA THR D 56 -31.74 -6.83 -8.94
C THR D 56 -30.88 -5.86 -8.17
N GLU D 57 -30.47 -4.78 -8.83
CA GLU D 57 -29.70 -3.75 -8.19
C GLU D 57 -30.22 -2.36 -8.56
N LYS D 58 -30.15 -1.43 -7.59
CA LYS D 58 -30.59 -0.06 -7.76
C LYS D 58 -29.36 0.78 -7.98
N GLY D 59 -29.34 2.02 -7.51
CA GLY D 59 -28.19 2.90 -7.70
C GLY D 59 -28.55 3.94 -8.75
N ASP D 60 -28.49 5.20 -8.32
CA ASP D 60 -28.98 6.41 -9.03
C ASP D 60 -30.49 6.55 -8.90
N LEU D 61 -30.93 7.77 -8.63
CA LEU D 61 -32.35 8.06 -8.47
C LEU D 61 -33.21 6.89 -8.95
N SER D 62 -34.35 6.71 -8.30
CA SER D 62 -35.26 5.63 -8.66
C SER D 62 -36.50 5.63 -7.77
N SER D 63 -37.29 6.70 -7.87
CA SER D 63 -38.51 6.83 -7.07
C SER D 63 -39.73 7.03 -7.97
N GLU D 64 -40.37 5.92 -8.34
CA GLU D 64 -39.91 4.60 -7.90
C GLU D 64 -39.70 3.82 -9.17
N SER D 65 -38.73 2.92 -9.18
CA SER D 65 -38.71 1.88 -10.20
C SER D 65 -38.48 0.53 -9.54
N THR D 66 -39.26 -0.42 -10.02
CA THR D 66 -39.17 -1.79 -9.69
C THR D 66 -38.57 -2.32 -10.96
N VAL D 67 -37.69 -3.29 -10.81
CA VAL D 67 -37.40 -4.22 -11.87
C VAL D 67 -37.69 -5.58 -11.26
N SER D 68 -38.04 -6.54 -12.10
CA SER D 68 -38.05 -7.94 -11.70
C SER D 68 -37.16 -8.76 -12.64
N ARG D 69 -36.70 -9.91 -12.14
CA ARG D 69 -35.92 -10.85 -12.93
C ARG D 69 -36.27 -12.29 -12.56
N ILE D 70 -37.37 -12.77 -13.09
CA ILE D 70 -37.84 -14.10 -12.78
C ILE D 70 -37.40 -15.06 -13.88
N ARG D 71 -37.36 -14.56 -15.12
CA ARG D 71 -36.82 -15.28 -16.27
C ARG D 71 -35.62 -14.58 -16.93
N THR D 72 -34.66 -15.37 -17.39
CA THR D 72 -33.49 -14.81 -18.04
C THR D 72 -33.84 -13.80 -19.12
N GLU D 73 -34.95 -14.06 -19.82
CA GLU D 73 -35.41 -13.21 -20.92
C GLU D 73 -35.91 -11.82 -20.54
N HIS D 74 -36.65 -11.69 -19.43
CA HIS D 74 -37.51 -10.52 -19.14
C HIS D 74 -37.02 -9.64 -17.99
N PHE D 75 -36.99 -8.33 -18.20
CA PHE D 75 -36.47 -7.38 -17.21
C PHE D 75 -37.31 -6.11 -17.23
N PRO D 76 -38.52 -6.20 -16.69
CA PRO D 76 -39.49 -5.14 -16.86
C PRO D 76 -39.33 -4.02 -15.86
N LEU D 77 -39.22 -2.79 -16.35
CA LEU D 77 -39.16 -1.61 -15.49
C LEU D 77 -40.59 -1.24 -15.15
N THR D 78 -40.80 -0.69 -13.95
CA THR D 78 -42.15 -0.39 -13.49
C THR D 78 -42.13 0.88 -12.66
N LEU D 79 -42.87 1.88 -13.12
CA LEU D 79 -43.01 3.14 -12.40
C LEU D 79 -44.39 3.16 -11.80
N GLU D 80 -44.49 2.76 -10.54
CA GLU D 80 -45.73 2.85 -9.79
C GLU D 80 -46.04 4.33 -9.49
N SER D 81 -47.14 4.84 -10.02
CA SER D 81 -47.46 6.25 -9.84
C SER D 81 -46.37 7.12 -10.43
N ALA D 82 -46.62 7.64 -11.64
CA ALA D 82 -45.66 8.48 -12.38
C ALA D 82 -45.87 9.99 -12.22
N ARG D 83 -44.85 10.76 -12.59
CA ARG D 83 -44.80 12.22 -12.45
C ARG D 83 -44.11 12.81 -13.67
N PRO D 84 -44.38 14.09 -14.00
CA PRO D 84 -43.70 14.68 -15.18
C PRO D 84 -42.19 14.50 -15.17
N SER D 85 -41.63 14.36 -13.98
CA SER D 85 -40.23 14.09 -13.78
C SER D 85 -39.80 12.86 -14.57
N HIS D 86 -40.67 11.86 -14.64
CA HIS D 86 -40.37 10.57 -15.29
C HIS D 86 -40.33 10.64 -16.81
N THR D 87 -40.68 11.80 -17.36
CA THR D 87 -40.53 12.04 -18.79
C THR D 87 -39.06 11.79 -19.17
N SER D 88 -38.85 10.82 -20.07
CA SER D 88 -37.51 10.40 -20.50
C SER D 88 -37.55 9.31 -21.56
N GLN D 89 -36.40 9.05 -22.15
CA GLN D 89 -36.17 7.82 -22.91
C GLN D 89 -35.84 6.72 -21.92
N TYR D 90 -36.34 5.51 -22.14
CA TYR D 90 -35.96 4.39 -21.29
C TYR D 90 -35.24 3.29 -22.06
N LEU D 91 -33.92 3.25 -21.91
CA LEU D 91 -33.09 2.30 -22.65
C LEU D 91 -32.79 1.05 -21.83
N CYS D 92 -33.27 -0.08 -22.35
CA CYS D 92 -32.93 -1.39 -21.82
C CYS D 92 -31.80 -1.97 -22.64
N ALA D 93 -30.91 -2.71 -21.99
CA ALA D 93 -29.75 -3.26 -22.69
C ALA D 93 -29.29 -4.55 -22.06
N SER D 94 -28.76 -5.42 -22.89
CA SER D 94 -28.31 -6.75 -22.51
C SER D 94 -26.78 -6.78 -22.64
N ARG D 95 -26.13 -7.70 -21.93
CA ARG D 95 -24.69 -7.80 -21.99
C ARG D 95 -24.23 -9.23 -22.23
N ARG D 96 -23.28 -9.38 -23.16
CA ARG D 96 -22.84 -10.70 -23.62
C ARG D 96 -22.23 -11.49 -22.49
N GLY D 97 -21.11 -11.01 -21.97
CA GLY D 97 -20.62 -11.56 -20.71
C GLY D 97 -20.41 -10.40 -19.77
N SER D 98 -19.14 -10.07 -19.52
CA SER D 98 -18.78 -8.81 -18.94
C SER D 98 -18.26 -7.94 -20.07
N ALA D 99 -18.68 -8.21 -21.30
CA ALA D 99 -18.21 -7.46 -22.47
C ALA D 99 -19.32 -6.51 -22.91
N GLU D 100 -19.65 -6.43 -24.20
CA GLU D 100 -20.44 -5.31 -24.73
C GLU D 100 -21.95 -5.38 -24.44
N LEU D 101 -22.64 -4.26 -24.68
CA LEU D 101 -24.06 -4.13 -24.46
C LEU D 101 -24.82 -4.19 -25.75
N TYR D 102 -26.08 -4.59 -25.65
CA TYR D 102 -26.97 -4.64 -26.79
C TYR D 102 -28.27 -3.97 -26.42
N PHE D 103 -28.48 -2.77 -26.94
CA PHE D 103 -29.63 -1.98 -26.58
C PHE D 103 -30.85 -2.32 -27.37
N GLY D 104 -31.97 -2.42 -26.66
CA GLY D 104 -33.26 -2.39 -27.29
C GLY D 104 -33.48 -1.01 -27.90
N PRO D 105 -34.57 -0.84 -28.63
CA PRO D 105 -34.93 0.42 -29.31
C PRO D 105 -35.19 1.60 -28.39
N GLY D 106 -35.78 1.32 -27.24
CA GLY D 106 -36.04 2.35 -26.25
C GLY D 106 -37.53 2.59 -26.16
N THR D 107 -37.99 3.08 -25.01
CA THR D 107 -39.35 3.59 -24.87
C THR D 107 -39.28 5.10 -24.63
N ARG D 108 -40.06 5.83 -25.43
CA ARG D 108 -40.15 7.27 -25.33
C ARG D 108 -41.39 7.60 -24.53
N LEU D 109 -41.19 8.00 -23.29
CA LEU D 109 -42.27 8.19 -22.34
C LEU D 109 -42.45 9.64 -22.02
N THR D 110 -43.65 10.14 -22.27
CA THR D 110 -44.04 11.46 -21.82
C THR D 110 -45.16 11.33 -20.79
N VAL D 111 -44.93 11.94 -19.62
CA VAL D 111 -45.93 12.06 -18.57
C VAL D 111 -46.40 13.50 -18.60
N THR D 112 -47.72 13.69 -18.66
CA THR D 112 -48.28 15.04 -18.67
C THR D 112 -49.18 15.25 -17.47
N GLU D 113 -49.25 16.50 -17.05
CA GLU D 113 -49.97 16.89 -15.85
C GLU D 113 -51.48 16.79 -16.06
N ASP D 114 -51.92 16.96 -17.31
CA ASP D 114 -53.34 16.82 -17.72
C ASP D 114 -53.39 16.18 -19.10
N LEU D 115 -54.18 15.13 -19.21
CA LEU D 115 -54.17 14.28 -20.39
C LEU D 115 -54.91 14.88 -21.59
N LYS D 116 -55.55 16.03 -21.39
CA LYS D 116 -56.25 16.73 -22.47
C LYS D 116 -55.32 17.66 -23.19
N ASN D 117 -54.06 17.73 -22.76
CA ASN D 117 -53.06 18.46 -23.52
C ASN D 117 -52.48 17.62 -24.66
N VAL D 118 -53.03 16.43 -24.87
CA VAL D 118 -52.65 15.59 -26.01
C VAL D 118 -53.44 15.96 -27.24
N PHE D 119 -52.74 16.37 -28.29
CA PHE D 119 -53.34 16.65 -29.60
C PHE D 119 -52.58 15.95 -30.75
N PRO D 120 -53.31 15.49 -31.78
CA PRO D 120 -52.70 14.96 -33.00
C PRO D 120 -52.18 16.10 -33.89
N PRO D 121 -51.34 15.78 -34.88
CA PRO D 121 -50.75 16.82 -35.70
C PRO D 121 -51.68 17.23 -36.82
N GLU D 122 -51.59 18.48 -37.23
CA GLU D 122 -52.15 18.92 -38.50
C GLU D 122 -51.03 18.90 -39.53
N VAL D 123 -51.30 18.30 -40.69
CA VAL D 123 -50.30 18.16 -41.73
C VAL D 123 -50.71 18.90 -43.01
N ALA D 124 -49.79 19.72 -43.51
CA ALA D 124 -49.95 20.42 -44.77
C ALA D 124 -48.69 20.24 -45.62
N VAL D 125 -48.87 20.09 -46.93
CA VAL D 125 -47.76 20.07 -47.86
C VAL D 125 -47.76 21.33 -48.68
N PHE D 126 -46.59 21.95 -48.80
CA PHE D 126 -46.42 23.21 -49.47
C PHE D 126 -45.64 22.98 -50.75
N GLU D 127 -46.08 23.63 -51.82
CA GLU D 127 -45.66 23.29 -53.15
C GLU D 127 -44.47 24.13 -53.54
N PRO D 128 -43.62 23.61 -54.44
CA PRO D 128 -42.40 24.30 -54.79
C PRO D 128 -42.71 25.66 -55.41
N SER D 129 -41.85 26.63 -55.14
CA SER D 129 -41.99 27.94 -55.76
C SER D 129 -41.54 27.83 -57.20
N GLU D 130 -42.19 28.57 -58.09
CA GLU D 130 -41.80 28.60 -59.50
C GLU D 130 -40.42 29.21 -59.67
N ALA D 131 -40.07 30.15 -58.78
CA ALA D 131 -38.77 30.79 -58.81
C ALA D 131 -37.66 29.83 -58.40
N GLU D 132 -37.99 28.86 -57.54
CA GLU D 132 -37.03 27.86 -57.13
C GLU D 132 -36.75 27.07 -58.36
N ILE D 133 -37.83 26.58 -58.95
CA ILE D 133 -37.78 25.83 -60.18
C ILE D 133 -37.00 26.59 -61.24
N SER D 134 -37.36 27.84 -61.44
CA SER D 134 -36.76 28.64 -62.49
C SER D 134 -35.27 28.90 -62.32
N HIS D 135 -34.82 29.17 -61.10
CA HIS D 135 -33.41 29.51 -60.82
C HIS D 135 -32.54 28.26 -60.71
N THR D 136 -33.11 27.15 -60.23
CA THR D 136 -32.31 25.98 -59.87
C THR D 136 -32.56 24.73 -60.70
N GLN D 137 -33.74 24.66 -61.33
CA GLN D 137 -34.21 23.45 -62.05
C GLN D 137 -34.43 22.28 -61.11
N LYS D 138 -34.77 22.63 -59.87
CA LYS D 138 -35.09 21.67 -58.81
C LYS D 138 -36.31 22.21 -58.08
N ALA D 139 -36.98 21.33 -57.34
CA ALA D 139 -38.22 21.69 -56.68
C ALA D 139 -38.29 21.07 -55.30
N THR D 140 -38.38 21.92 -54.28
CA THR D 140 -38.45 21.47 -52.90
C THR D 140 -39.89 21.57 -52.45
N LEU D 141 -40.45 20.46 -52.01
CA LEU D 141 -41.70 20.55 -51.30
C LEU D 141 -41.38 20.63 -49.81
N VAL D 142 -42.16 21.40 -49.08
CA VAL D 142 -42.05 21.40 -47.64
C VAL D 142 -43.28 20.73 -47.06
N CYS D 143 -43.11 20.06 -45.92
CA CYS D 143 -44.22 19.52 -45.14
C CYS D 143 -44.12 20.03 -43.69
N LEU D 144 -45.25 20.52 -43.18
CA LEU D 144 -45.36 21.02 -41.79
C LEU D 144 -46.40 20.26 -41.00
N ALA D 145 -46.00 19.80 -39.82
CA ALA D 145 -46.87 19.05 -38.93
C ALA D 145 -46.94 19.86 -37.67
N THR D 146 -48.12 20.37 -37.35
CA THR D 146 -48.22 21.39 -36.27
C THR D 146 -49.16 21.05 -35.14
N GLY D 147 -48.88 21.66 -33.99
CA GLY D 147 -49.75 21.62 -32.81
C GLY D 147 -50.00 20.26 -32.21
N PHE D 148 -48.97 19.41 -32.20
CA PHE D 148 -49.08 18.08 -31.59
C PHE D 148 -48.36 18.07 -30.25
N TYR D 149 -49.11 17.77 -29.19
CA TYR D 149 -48.55 17.75 -27.84
C TYR D 149 -47.29 16.89 -27.74
N PRO D 150 -47.50 15.55 -27.34
CA PRO D 150 -46.24 14.78 -27.26
C PRO D 150 -45.46 14.82 -28.57
N ASP D 151 -44.14 14.88 -28.48
CA ASP D 151 -43.31 14.91 -29.65
C ASP D 151 -42.98 13.48 -29.98
N HIS D 152 -44.04 12.69 -30.17
CA HIS D 152 -43.95 11.29 -30.49
C HIS D 152 -44.57 11.11 -31.87
N VAL D 153 -43.78 11.38 -32.91
CA VAL D 153 -44.24 11.31 -34.30
C VAL D 153 -43.16 10.77 -35.21
N GLU D 154 -43.59 10.17 -36.32
CA GLU D 154 -42.68 9.69 -37.35
C GLU D 154 -43.18 10.13 -38.71
N LEU D 155 -42.54 11.14 -39.25
CA LEU D 155 -42.83 11.68 -40.58
C LEU D 155 -42.06 10.93 -41.67
N SER D 156 -42.74 10.59 -42.76
CA SER D 156 -42.13 9.93 -43.92
C SER D 156 -42.73 10.45 -45.22
N TRP D 157 -41.95 10.43 -46.29
CA TRP D 157 -42.39 10.94 -47.57
C TRP D 157 -42.75 9.78 -48.49
N TRP D 158 -43.77 9.96 -49.33
CA TRP D 158 -44.28 8.90 -50.19
C TRP D 158 -44.54 9.43 -51.61
N VAL D 159 -43.85 8.83 -52.58
CA VAL D 159 -43.99 9.17 -53.98
C VAL D 159 -44.57 7.99 -54.72
N ASN D 160 -45.69 8.23 -55.39
CA ASN D 160 -46.35 7.20 -56.18
C ASN D 160 -46.57 5.94 -55.38
N GLY D 161 -46.87 6.08 -54.09
CA GLY D 161 -47.21 4.93 -53.25
C GLY D 161 -46.02 4.18 -52.67
N LYS D 162 -44.81 4.71 -52.82
CA LYS D 162 -43.63 4.14 -52.17
C LYS D 162 -42.87 5.17 -51.35
N GLU D 163 -42.38 4.74 -50.19
CA GLU D 163 -41.65 5.60 -49.30
C GLU D 163 -40.27 5.91 -49.87
N VAL D 164 -39.83 7.15 -49.67
CA VAL D 164 -38.65 7.71 -50.27
C VAL D 164 -37.67 8.09 -49.16
N HIS D 165 -36.38 8.18 -49.50
CA HIS D 165 -35.40 8.69 -48.54
C HIS D 165 -34.36 9.63 -49.13
N SER D 166 -33.90 9.34 -50.34
CA SER D 166 -33.11 10.30 -51.11
C SER D 166 -33.84 11.65 -51.28
N GLY D 167 -33.11 12.75 -51.17
CA GLY D 167 -33.65 14.09 -51.33
C GLY D 167 -34.48 14.58 -50.17
N VAL D 168 -34.44 13.86 -49.04
CA VAL D 168 -35.26 14.23 -47.88
C VAL D 168 -34.41 14.68 -46.70
N CYS D 169 -34.95 15.65 -45.96
CA CYS D 169 -34.41 16.06 -44.67
C CYS D 169 -35.59 16.44 -43.80
N THR D 170 -35.70 15.77 -42.66
CA THR D 170 -36.62 16.19 -41.63
C THR D 170 -35.82 16.74 -40.44
N ASP D 171 -36.35 17.77 -39.81
CA ASP D 171 -35.73 18.33 -38.61
C ASP D 171 -35.37 17.16 -37.69
N PRO D 172 -34.17 17.16 -37.08
CA PRO D 172 -33.78 15.99 -36.25
C PRO D 172 -34.64 15.81 -35.00
N GLN D 173 -35.28 16.88 -34.56
CA GLN D 173 -36.24 16.79 -33.50
C GLN D 173 -37.18 17.94 -33.67
N PRO D 174 -38.39 17.84 -33.11
CA PRO D 174 -39.32 18.94 -33.37
C PRO D 174 -39.04 20.15 -32.51
N LEU D 175 -39.88 21.17 -32.66
CA LEU D 175 -39.70 22.41 -31.93
C LEU D 175 -40.97 22.76 -31.22
N LYS D 176 -40.80 23.47 -30.12
CA LYS D 176 -41.93 23.80 -29.28
C LYS D 176 -42.52 25.14 -29.71
N GLU D 177 -43.84 25.25 -29.60
CA GLU D 177 -44.51 26.49 -29.98
C GLU D 177 -44.16 27.65 -29.05
N GLN D 178 -44.08 27.37 -27.75
CA GLN D 178 -43.56 28.32 -26.75
C GLN D 178 -42.40 27.67 -26.00
N PRO D 179 -41.20 27.72 -26.61
CA PRO D 179 -40.01 26.97 -26.17
C PRO D 179 -39.53 27.03 -24.71
N ALA D 180 -40.09 27.92 -23.89
CA ALA D 180 -39.72 27.97 -22.47
C ALA D 180 -40.68 27.23 -21.54
N LEU D 181 -41.78 26.68 -22.08
CA LEU D 181 -42.88 26.10 -21.26
C LEU D 181 -42.92 24.56 -21.26
N ASN D 182 -43.71 23.99 -20.34
CA ASN D 182 -43.84 22.53 -20.15
C ASN D 182 -45.00 21.80 -20.83
N ASP D 183 -46.04 22.52 -21.24
CA ASP D 183 -47.20 21.90 -21.89
C ASP D 183 -47.10 22.05 -23.39
N SER D 184 -46.02 22.68 -23.86
CA SER D 184 -45.90 23.19 -25.23
C SER D 184 -46.17 22.14 -26.30
N ARG D 185 -47.11 22.44 -27.21
CA ARG D 185 -47.40 21.60 -28.38
C ARG D 185 -46.25 21.80 -29.35
N TYR D 186 -46.01 20.80 -30.21
CA TYR D 186 -44.83 20.80 -31.06
C TYR D 186 -45.15 20.95 -32.55
N ALA D 187 -44.09 21.27 -33.29
CA ALA D 187 -44.18 21.47 -34.72
C ALA D 187 -42.97 20.85 -35.36
N LEU D 188 -43.20 20.18 -36.47
CA LEU D 188 -42.14 19.48 -37.18
C LEU D 188 -42.24 19.81 -38.65
N SER D 189 -41.12 20.21 -39.23
CA SER D 189 -41.05 20.49 -40.66
C SER D 189 -40.23 19.44 -41.39
N SER D 190 -40.45 19.36 -42.70
CA SER D 190 -39.65 18.47 -43.53
C SER D 190 -39.70 18.92 -44.98
N ARG D 191 -38.74 18.41 -45.76
CA ARG D 191 -38.55 18.88 -47.14
C ARG D 191 -38.13 17.75 -48.04
N LEU D 192 -38.83 17.64 -49.17
CA LEU D 192 -38.54 16.66 -50.18
C LEU D 192 -38.11 17.46 -51.37
N ARG D 193 -36.91 17.20 -51.86
CA ARG D 193 -36.44 17.89 -53.05
C ARG D 193 -36.33 16.94 -54.24
N VAL D 194 -36.96 17.36 -55.30
CA VAL D 194 -37.21 16.55 -56.46
C VAL D 194 -36.73 17.42 -57.62
N SER D 195 -36.48 16.81 -58.77
CA SER D 195 -36.06 17.59 -59.94
C SER D 195 -37.25 18.34 -60.48
N ALA D 196 -37.01 19.47 -61.13
CA ALA D 196 -38.10 20.21 -61.77
C ALA D 196 -38.91 19.32 -62.70
N THR D 197 -38.22 18.56 -63.55
CA THR D 197 -38.91 17.71 -64.52
C THR D 197 -39.86 16.77 -63.78
N PHE D 198 -39.35 16.13 -62.73
CA PHE D 198 -40.14 15.15 -61.96
C PHE D 198 -41.36 15.80 -61.31
N TRP D 199 -41.17 16.94 -60.67
CA TRP D 199 -42.30 17.72 -60.13
C TRP D 199 -43.29 18.11 -61.21
N GLN D 200 -42.82 18.64 -62.33
CA GLN D 200 -43.68 19.03 -63.44
C GLN D 200 -44.35 17.88 -64.18
N ASP D 201 -44.24 16.66 -63.68
CA ASP D 201 -44.87 15.50 -64.30
C ASP D 201 -46.13 15.18 -63.53
N PRO D 202 -47.29 15.44 -64.14
CA PRO D 202 -48.58 15.32 -63.46
C PRO D 202 -49.01 13.91 -63.13
N ARG D 203 -48.31 12.89 -63.64
CA ARG D 203 -48.56 11.51 -63.20
C ARG D 203 -47.92 11.20 -61.83
N ASN D 204 -47.14 12.14 -61.31
CA ASN D 204 -46.40 11.94 -60.09
C ASN D 204 -47.14 12.47 -58.88
N HIS D 205 -47.26 11.61 -57.88
CA HIS D 205 -48.02 11.86 -56.67
C HIS D 205 -47.05 11.92 -55.49
N PHE D 206 -47.29 12.86 -54.57
CA PHE D 206 -46.42 13.11 -53.43
C PHE D 206 -47.25 13.19 -52.17
N ARG D 207 -46.78 12.54 -51.12
CA ARG D 207 -47.52 12.56 -49.87
C ARG D 207 -46.56 12.66 -48.70
N CYS D 208 -47.00 13.37 -47.66
CA CYS D 208 -46.28 13.49 -46.39
C CYS D 208 -47.10 12.78 -45.31
N GLN D 209 -46.49 11.76 -44.72
CA GLN D 209 -47.18 10.88 -43.77
C GLN D 209 -46.59 11.01 -42.36
N VAL D 210 -47.45 11.35 -41.39
CA VAL D 210 -47.01 11.49 -39.99
C VAL D 210 -47.72 10.47 -39.10
N GLN D 211 -46.96 9.51 -38.55
CA GLN D 211 -47.47 8.63 -37.51
C GLN D 211 -47.50 9.47 -36.27
N PHE D 212 -48.65 9.52 -35.64
CA PHE D 212 -48.77 10.14 -34.31
C PHE D 212 -49.10 9.08 -33.31
N TYR D 213 -48.34 9.07 -32.22
CA TYR D 213 -48.65 8.19 -31.10
C TYR D 213 -49.22 9.02 -29.96
N GLY D 214 -50.35 8.57 -29.42
CA GLY D 214 -50.99 9.28 -28.34
C GLY D 214 -51.80 8.31 -27.48
N LEU D 215 -53.00 8.73 -27.08
CA LEU D 215 -53.82 7.95 -26.18
C LEU D 215 -54.29 6.70 -26.88
N SER D 216 -54.76 5.76 -26.10
CA SER D 216 -55.20 4.47 -26.63
C SER D 216 -56.65 4.20 -26.20
N GLU D 217 -57.14 3.01 -26.53
CA GLU D 217 -58.50 2.60 -26.24
C GLU D 217 -58.76 2.51 -24.74
N ASN D 218 -57.90 1.76 -24.04
CA ASN D 218 -57.99 1.66 -22.58
C ASN D 218 -57.88 3.01 -21.88
N ASP D 219 -57.52 4.04 -22.63
CA ASP D 219 -57.55 5.39 -22.10
C ASP D 219 -58.97 5.93 -22.14
N GLU D 220 -59.16 7.00 -21.39
CA GLU D 220 -60.46 7.57 -21.14
C GLU D 220 -60.40 9.04 -21.52
N TRP D 221 -61.51 9.53 -22.07
CA TRP D 221 -61.59 10.93 -22.50
C TRP D 221 -62.97 11.50 -22.20
N THR D 222 -63.02 12.49 -21.31
CA THR D 222 -64.27 13.14 -20.94
C THR D 222 -64.88 13.90 -22.12
N GLN D 223 -64.20 14.96 -22.55
CA GLN D 223 -64.66 15.77 -23.66
C GLN D 223 -65.16 14.90 -24.81
N ASP D 224 -65.87 15.51 -25.75
CA ASP D 224 -66.41 14.79 -26.90
C ASP D 224 -66.23 15.58 -28.18
N ARG D 225 -65.01 15.60 -28.69
CA ARG D 225 -64.70 16.31 -29.93
C ARG D 225 -63.91 15.43 -30.90
N ALA D 226 -62.91 14.72 -30.36
CA ALA D 226 -62.08 13.83 -31.16
C ALA D 226 -60.86 13.37 -30.38
N LYS D 227 -61.04 12.28 -29.63
CA LYS D 227 -59.95 11.72 -28.83
C LYS D 227 -58.66 11.65 -29.64
N PRO D 228 -57.56 12.07 -29.04
CA PRO D 228 -56.28 12.07 -29.70
C PRO D 228 -55.65 10.71 -29.55
N VAL D 229 -56.27 9.75 -30.23
CA VAL D 229 -55.79 8.39 -30.29
C VAL D 229 -54.56 8.33 -31.21
N THR D 230 -53.72 7.29 -31.06
CA THR D 230 -52.68 7.01 -32.03
C THR D 230 -53.34 6.92 -33.41
N GLN D 231 -52.72 7.57 -34.39
CA GLN D 231 -53.29 7.67 -35.73
C GLN D 231 -52.28 8.22 -36.75
N ILE D 232 -52.63 8.13 -38.04
CA ILE D 232 -51.81 8.67 -39.11
C ILE D 232 -52.50 9.88 -39.72
N VAL D 233 -51.77 10.98 -39.90
CA VAL D 233 -52.28 12.14 -40.62
C VAL D 233 -51.41 12.40 -41.86
N SER D 234 -52.06 12.75 -42.96
CA SER D 234 -51.38 12.96 -44.21
C SER D 234 -51.86 14.20 -44.94
N ALA D 235 -50.95 14.86 -45.65
CA ALA D 235 -51.33 15.82 -46.67
C ALA D 235 -50.62 15.38 -47.94
N GLU D 236 -51.06 15.88 -49.09
CA GLU D 236 -50.49 15.42 -50.34
C GLU D 236 -50.58 16.43 -51.47
N ALA D 237 -49.83 16.20 -52.54
CA ALA D 237 -49.87 17.04 -53.75
C ALA D 237 -49.63 16.23 -55.00
N TRP D 238 -50.07 16.76 -56.14
CA TRP D 238 -49.79 16.16 -57.47
C TRP D 238 -48.84 17.02 -58.27
N GLY D 239 -48.24 16.40 -59.28
CA GLY D 239 -47.43 17.13 -60.25
C GLY D 239 -48.22 18.16 -61.01
N ARG D 240 -47.56 19.27 -61.30
CA ARG D 240 -48.16 20.44 -61.92
C ARG D 240 -47.46 20.56 -63.25
N ALA D 241 -47.71 21.60 -64.03
CA ALA D 241 -47.06 21.71 -65.34
C ALA D 241 -46.39 23.08 -65.53
N ALA D 242 -45.39 23.10 -66.42
CA ALA D 242 -44.61 24.32 -66.71
C ALA D 242 -45.46 25.38 -67.42
N GLY E 1 12.26 -15.92 -0.69
CA GLY E 1 11.67 -17.16 -1.28
C GLY E 1 10.51 -16.87 -2.22
N SER E 2 9.66 -17.88 -2.43
CA SER E 2 8.49 -17.75 -3.28
C SER E 2 7.28 -17.25 -2.50
N HIS E 3 6.37 -16.60 -3.23
CA HIS E 3 5.23 -15.93 -2.65
C HIS E 3 3.96 -16.20 -3.46
N SER E 4 2.83 -15.85 -2.85
CA SER E 4 1.56 -16.01 -3.53
C SER E 4 0.55 -15.02 -3.01
N MET E 5 -0.44 -14.73 -3.87
CA MET E 5 -1.66 -14.08 -3.44
C MET E 5 -2.77 -15.06 -3.72
N ARG E 6 -3.69 -15.18 -2.78
CA ARG E 6 -4.83 -16.09 -2.91
C ARG E 6 -6.08 -15.49 -2.31
N TYR E 7 -7.19 -15.61 -3.00
CA TYR E 7 -8.47 -15.20 -2.45
C TYR E 7 -9.37 -16.42 -2.39
N PHE E 8 -10.15 -16.53 -1.32
CA PHE E 8 -11.07 -17.62 -1.15
C PHE E 8 -12.47 -17.09 -0.96
N PHE E 9 -13.40 -17.64 -1.72
CA PHE E 9 -14.81 -17.25 -1.68
C PHE E 9 -15.73 -18.42 -1.34
N THR E 10 -16.69 -18.20 -0.47
CA THR E 10 -17.65 -19.22 -0.14
C THR E 10 -19.06 -18.63 -0.12
N SER E 11 -19.97 -19.28 -0.82
CA SER E 11 -21.36 -18.89 -0.88
C SER E 11 -22.21 -20.04 -0.44
N VAL E 12 -22.92 -19.87 0.66
CA VAL E 12 -23.80 -20.91 1.19
C VAL E 12 -25.24 -20.41 1.10
N SER E 13 -26.05 -21.10 0.30
CA SER E 13 -27.46 -20.74 0.19
C SER E 13 -28.19 -21.05 1.49
N ARG E 14 -29.23 -20.28 1.75
CA ARG E 14 -30.02 -20.38 2.95
C ARG E 14 -31.50 -20.44 2.56
N PRO E 15 -31.89 -21.57 1.98
CA PRO E 15 -33.28 -21.78 1.54
C PRO E 15 -34.22 -20.65 1.94
N GLY E 16 -34.76 -19.95 0.94
CA GLY E 16 -35.70 -18.88 1.16
C GLY E 16 -35.37 -18.00 2.35
N ARG E 17 -35.17 -18.63 3.51
CA ARG E 17 -34.85 -17.90 4.73
C ARG E 17 -33.80 -16.82 4.48
N GLY E 18 -34.02 -16.01 3.45
CA GLY E 18 -33.11 -14.94 3.11
C GLY E 18 -32.00 -15.29 2.13
N GLU E 19 -31.06 -14.36 2.01
CA GLU E 19 -30.06 -14.38 0.95
C GLU E 19 -28.82 -15.21 1.35
N PRO E 20 -28.05 -15.67 0.36
CA PRO E 20 -26.95 -16.56 0.71
C PRO E 20 -25.91 -15.90 1.60
N ARG E 21 -25.23 -16.70 2.42
CA ARG E 21 -24.12 -16.21 3.22
C ARG E 21 -22.89 -16.26 2.34
N PHE E 22 -22.18 -15.14 2.28
CA PHE E 22 -21.04 -15.03 1.41
C PHE E 22 -19.88 -14.54 2.21
N ILE E 23 -18.77 -15.26 2.07
CA ILE E 23 -17.56 -14.96 2.81
C ILE E 23 -16.35 -14.96 1.87
N ALA E 24 -15.55 -13.92 1.95
CA ALA E 24 -14.43 -13.74 1.06
C ALA E 24 -13.21 -13.40 1.89
N VAL E 25 -12.05 -13.96 1.55
CA VAL E 25 -10.83 -13.70 2.30
C VAL E 25 -9.65 -13.62 1.38
N GLY E 26 -8.66 -12.80 1.74
CA GLY E 26 -7.46 -12.64 0.93
C GLY E 26 -6.22 -12.97 1.71
N TYR E 27 -5.23 -13.56 1.03
CA TYR E 27 -3.96 -13.88 1.66
C TYR E 27 -2.79 -13.46 0.84
N VAL E 28 -1.73 -13.04 1.52
CA VAL E 28 -0.40 -13.08 0.94
C VAL E 28 0.39 -14.09 1.76
N ASP E 29 0.94 -15.09 1.07
CA ASP E 29 1.47 -16.29 1.69
C ASP E 29 0.44 -16.87 2.69
N ASP E 30 0.87 -17.14 3.92
CA ASP E 30 0.02 -17.67 4.96
C ASP E 30 -0.54 -16.52 5.84
N THR E 31 -0.62 -15.30 5.32
CA THR E 31 -1.05 -14.13 6.09
C THR E 31 -2.30 -13.54 5.46
N GLN E 32 -3.40 -13.47 6.22
CA GLN E 32 -4.62 -12.82 5.76
C GLN E 32 -4.45 -11.32 5.78
N PHE E 33 -4.94 -10.63 4.75
CA PHE E 33 -4.95 -9.15 4.77
C PHE E 33 -6.31 -8.47 4.61
N VAL E 34 -7.26 -9.16 4.00
CA VAL E 34 -8.60 -8.59 3.83
C VAL E 34 -9.67 -9.65 4.04
N ARG E 35 -10.92 -9.20 4.13
CA ARG E 35 -12.06 -10.08 4.29
C ARG E 35 -13.36 -9.37 3.93
N PHE E 36 -14.39 -10.17 3.71
CA PHE E 36 -15.73 -9.65 3.60
C PHE E 36 -16.69 -10.67 4.13
N ASP E 37 -17.73 -10.20 4.81
CA ASP E 37 -18.75 -11.07 5.37
C ASP E 37 -20.11 -10.43 5.12
N SER E 38 -20.93 -11.11 4.34
CA SER E 38 -22.21 -10.56 3.92
C SER E 38 -23.15 -10.38 5.09
N ASP E 39 -22.89 -11.06 6.19
CA ASP E 39 -23.68 -10.91 7.40
C ASP E 39 -22.98 -10.11 8.50
N ALA E 40 -22.10 -9.18 8.16
CA ALA E 40 -21.55 -8.27 9.15
C ALA E 40 -22.07 -6.86 8.88
N ALA E 41 -21.62 -5.91 9.69
CA ALA E 41 -22.20 -4.57 9.71
C ALA E 41 -21.76 -3.73 8.54
N SER E 42 -20.45 -3.64 8.35
CA SER E 42 -19.86 -2.74 7.39
C SER E 42 -20.40 -2.87 5.96
N GLN E 43 -20.69 -4.09 5.53
CA GLN E 43 -20.89 -4.36 4.07
C GLN E 43 -19.77 -3.77 3.18
N ARG E 44 -18.55 -3.85 3.68
CA ARG E 44 -17.39 -3.35 2.98
C ARG E 44 -16.22 -4.32 3.12
N MET E 45 -15.33 -4.31 2.16
CA MET E 45 -14.10 -5.06 2.29
C MET E 45 -13.35 -4.44 3.44
N GLU E 46 -12.79 -5.27 4.32
CA GLU E 46 -12.17 -4.79 5.55
C GLU E 46 -10.72 -5.27 5.63
N PRO E 47 -9.82 -4.44 6.18
CA PRO E 47 -8.41 -4.78 6.38
C PRO E 47 -8.20 -5.76 7.51
N ARG E 48 -7.10 -6.49 7.46
CA ARG E 48 -6.81 -7.53 8.43
C ARG E 48 -5.34 -7.66 8.79
N ALA E 49 -4.46 -7.18 7.93
CA ALA E 49 -3.07 -6.99 8.28
C ALA E 49 -2.73 -5.49 8.21
N PRO E 50 -1.85 -5.00 9.12
CA PRO E 50 -1.41 -3.61 9.23
C PRO E 50 -1.08 -2.93 7.90
N TRP E 51 -0.22 -3.54 7.09
CA TRP E 51 0.25 -2.93 5.81
C TRP E 51 -0.84 -2.70 4.75
N ILE E 52 -1.95 -3.43 4.78
CA ILE E 52 -2.97 -3.18 3.77
C ILE E 52 -3.67 -1.87 4.09
N GLU E 53 -3.67 -1.50 5.36
CA GLU E 53 -4.37 -0.30 5.79
C GLU E 53 -3.87 1.01 5.13
N GLN E 54 -2.59 1.05 4.80
CA GLN E 54 -2.05 2.20 4.07
C GLN E 54 -2.68 2.48 2.70
N GLU E 55 -3.49 1.58 2.14
CA GLU E 55 -4.17 1.90 0.88
C GLU E 55 -5.25 2.92 1.16
N GLY E 56 -5.43 3.83 0.23
CA GLY E 56 -6.45 4.86 0.38
C GLY E 56 -7.89 4.41 0.25
N PRO E 57 -8.83 5.37 0.30
CA PRO E 57 -10.27 5.10 0.13
C PRO E 57 -10.68 4.66 -1.28
N GLU E 58 -9.84 4.91 -2.30
CA GLU E 58 -10.13 4.40 -3.66
C GLU E 58 -10.08 2.85 -3.68
N TYR E 59 -9.10 2.32 -2.96
CA TYR E 59 -8.93 0.91 -2.80
C TYR E 59 -10.12 0.32 -2.08
N TRP E 60 -10.50 0.90 -0.95
CA TRP E 60 -11.58 0.31 -0.18
C TRP E 60 -12.93 0.35 -0.93
N ASP E 61 -13.15 1.42 -1.67
CA ASP E 61 -14.32 1.48 -2.54
C ASP E 61 -14.26 0.49 -3.66
N GLY E 62 -13.10 0.41 -4.28
CA GLY E 62 -12.88 -0.50 -5.39
C GLY E 62 -13.07 -1.96 -5.00
N GLU E 63 -12.40 -2.40 -3.94
CA GLU E 63 -12.41 -3.81 -3.57
C GLU E 63 -13.78 -4.18 -3.06
N THR E 64 -14.50 -3.20 -2.48
CA THR E 64 -15.85 -3.44 -1.99
C THR E 64 -16.83 -3.63 -3.15
N ARG E 65 -16.62 -2.88 -4.21
CA ARG E 65 -17.43 -3.01 -5.41
C ARG E 65 -17.30 -4.38 -6.04
N LYS E 66 -16.06 -4.82 -6.21
CA LYS E 66 -15.77 -6.07 -6.89
C LYS E 66 -16.22 -7.27 -6.07
N VAL E 67 -15.89 -7.23 -4.77
CA VAL E 67 -16.25 -8.32 -3.91
C VAL E 67 -17.78 -8.50 -3.94
N LYS E 68 -18.54 -7.41 -4.04
CA LYS E 68 -19.98 -7.52 -4.17
C LYS E 68 -20.40 -8.14 -5.51
N ALA E 69 -19.66 -7.84 -6.56
CA ALA E 69 -19.90 -8.50 -7.83
C ALA E 69 -19.63 -10.01 -7.73
N HIS E 70 -18.64 -10.39 -6.93
CA HIS E 70 -18.40 -11.79 -6.67
C HIS E 70 -19.62 -12.40 -6.01
N SER E 71 -20.05 -11.79 -4.92
CA SER E 71 -21.19 -12.26 -4.18
C SER E 71 -22.41 -12.48 -5.08
N GLN E 72 -22.70 -11.47 -5.91
CA GLN E 72 -23.90 -11.46 -6.76
C GLN E 72 -23.89 -12.49 -7.89
N THR E 73 -22.72 -12.65 -8.50
CA THR E 73 -22.49 -13.68 -9.50
C THR E 73 -22.65 -15.08 -8.90
N HIS E 74 -22.13 -15.27 -7.69
CA HIS E 74 -22.35 -16.51 -6.96
C HIS E 74 -23.82 -16.72 -6.65
N ARG E 75 -24.49 -15.65 -6.24
CA ARG E 75 -25.90 -15.76 -5.90
C ARG E 75 -26.73 -16.29 -7.08
N VAL E 76 -26.43 -15.79 -8.27
CA VAL E 76 -27.05 -16.27 -9.51
C VAL E 76 -26.62 -17.72 -9.82
N ASP E 77 -25.32 -17.97 -9.68
CA ASP E 77 -24.73 -19.31 -9.86
C ASP E 77 -25.51 -20.37 -9.11
N LEU E 78 -25.84 -20.09 -7.84
CA LEU E 78 -26.55 -21.06 -7.02
C LEU E 78 -27.91 -21.45 -7.62
N GLY E 79 -28.56 -20.53 -8.32
CA GLY E 79 -29.79 -20.86 -9.04
C GLY E 79 -29.51 -21.72 -10.27
N THR E 80 -28.44 -21.38 -10.99
CA THR E 80 -28.10 -22.08 -12.23
C THR E 80 -27.76 -23.55 -11.95
N LEU E 81 -26.91 -23.73 -10.95
CA LEU E 81 -26.39 -25.03 -10.62
C LEU E 81 -27.52 -25.91 -10.12
N ARG E 82 -28.40 -25.33 -9.32
CA ARG E 82 -29.59 -26.01 -8.84
C ARG E 82 -30.43 -26.56 -10.04
N GLY E 83 -30.40 -25.82 -11.15
CA GLY E 83 -30.99 -26.27 -12.39
C GLY E 83 -30.16 -27.34 -13.05
N TYR E 84 -28.86 -27.11 -13.20
CA TYR E 84 -27.96 -28.07 -13.86
C TYR E 84 -28.03 -29.46 -13.26
N TYR E 85 -28.13 -29.54 -11.93
CA TYR E 85 -28.19 -30.81 -11.22
C TYR E 85 -29.58 -31.14 -10.74
N ASN E 86 -30.61 -30.53 -11.30
CA ASN E 86 -32.00 -30.92 -11.03
C ASN E 86 -32.40 -30.93 -9.57
N GLN E 87 -31.76 -30.10 -8.78
CA GLN E 87 -31.94 -30.15 -7.34
C GLN E 87 -33.09 -29.25 -6.97
N SER E 88 -33.65 -29.50 -5.80
CA SER E 88 -34.81 -28.77 -5.33
C SER E 88 -34.34 -27.49 -4.65
N GLU E 89 -35.20 -26.48 -4.64
CA GLU E 89 -34.91 -25.23 -3.97
C GLU E 89 -34.70 -25.43 -2.47
N ALA E 90 -35.27 -26.47 -1.89
CA ALA E 90 -35.01 -26.77 -0.48
C ALA E 90 -33.70 -27.53 -0.38
N GLY E 91 -33.10 -27.50 0.80
CA GLY E 91 -31.75 -28.02 1.00
C GLY E 91 -30.72 -26.98 0.58
N SER E 92 -29.72 -26.77 1.45
CA SER E 92 -28.68 -25.80 1.23
C SER E 92 -27.58 -26.34 0.34
N HIS E 93 -26.95 -25.45 -0.42
CA HIS E 93 -25.80 -25.79 -1.24
C HIS E 93 -24.66 -24.78 -1.08
N THR E 94 -23.47 -25.15 -1.54
CA THR E 94 -22.28 -24.33 -1.34
C THR E 94 -21.58 -24.11 -2.65
N VAL E 95 -21.26 -22.86 -2.97
CA VAL E 95 -20.32 -22.55 -4.05
C VAL E 95 -19.02 -22.10 -3.43
N GLN E 96 -17.91 -22.56 -4.01
CA GLN E 96 -16.57 -22.14 -3.60
C GLN E 96 -15.72 -21.79 -4.78
N ARG E 97 -14.95 -20.70 -4.63
CA ARG E 97 -14.04 -20.21 -5.66
C ARG E 97 -12.75 -19.87 -4.97
N MET E 98 -11.66 -20.05 -5.70
CA MET E 98 -10.35 -19.69 -5.22
C MET E 98 -9.51 -19.30 -6.42
N TYR E 99 -8.74 -18.22 -6.30
CA TYR E 99 -7.85 -17.82 -7.36
C TYR E 99 -6.72 -17.03 -6.83
N GLY E 100 -5.64 -16.97 -7.59
CA GLY E 100 -4.45 -16.30 -7.12
C GLY E 100 -3.15 -16.57 -7.86
N CYS E 101 -2.16 -15.80 -7.44
CA CYS E 101 -0.87 -15.72 -8.05
C CYS E 101 0.16 -16.52 -7.33
N ASP E 102 1.14 -17.04 -8.08
CA ASP E 102 2.42 -17.45 -7.51
C ASP E 102 3.54 -16.68 -8.21
N VAL E 103 4.52 -16.21 -7.42
CA VAL E 103 5.79 -15.68 -7.95
C VAL E 103 7.00 -16.35 -7.28
N GLY E 104 8.10 -16.45 -8.02
CA GLY E 104 9.33 -17.05 -7.49
C GLY E 104 10.18 -16.07 -6.72
N SER E 105 11.38 -16.51 -6.37
CA SER E 105 12.32 -15.72 -5.57
C SER E 105 12.68 -14.37 -6.17
N ASP E 106 12.59 -14.26 -7.49
CA ASP E 106 12.92 -13.02 -8.19
C ASP E 106 11.66 -12.17 -8.43
N TRP E 107 10.55 -12.59 -7.79
CA TRP E 107 9.26 -11.88 -7.79
C TRP E 107 8.56 -11.93 -9.13
N ARG E 108 8.93 -12.89 -9.98
CA ARG E 108 8.29 -13.03 -11.27
C ARG E 108 7.33 -14.21 -11.34
N PHE E 109 6.35 -14.06 -12.20
CA PHE E 109 5.24 -14.99 -12.36
C PHE E 109 5.74 -16.42 -12.51
N LEU E 110 5.20 -17.32 -11.69
CA LEU E 110 5.44 -18.74 -11.87
C LEU E 110 4.18 -19.35 -12.43
N ARG E 111 3.07 -19.16 -11.74
CA ARG E 111 1.80 -19.65 -12.26
C ARG E 111 0.65 -18.89 -11.63
N GLY E 112 -0.54 -19.26 -12.07
CA GLY E 112 -1.77 -18.69 -11.57
C GLY E 112 -2.81 -19.77 -11.58
N TYR E 113 -3.87 -19.60 -10.81
CA TYR E 113 -4.89 -20.64 -10.68
C TYR E 113 -6.25 -19.96 -10.53
N HIS E 114 -7.27 -20.64 -10.99
CA HIS E 114 -8.62 -20.19 -10.77
C HIS E 114 -9.54 -21.37 -10.81
N GLN E 115 -10.02 -21.79 -9.65
CA GLN E 115 -10.77 -23.03 -9.53
C GLN E 115 -12.10 -22.74 -8.89
N TYR E 116 -13.03 -23.66 -9.08
CA TYR E 116 -14.42 -23.47 -8.69
C TYR E 116 -14.96 -24.80 -8.27
N ALA E 117 -15.90 -24.80 -7.34
CA ALA E 117 -16.39 -26.04 -6.80
C ALA E 117 -17.82 -25.89 -6.37
N TYR E 118 -18.56 -26.99 -6.50
CA TYR E 118 -19.95 -27.00 -6.13
C TYR E 118 -20.17 -28.14 -5.19
N ASP E 119 -20.87 -27.85 -4.10
CA ASP E 119 -21.03 -28.78 -2.97
C ASP E 119 -19.77 -29.60 -2.62
N GLY E 120 -18.62 -28.92 -2.63
CA GLY E 120 -17.39 -29.52 -2.12
C GLY E 120 -16.66 -30.41 -3.08
N LYS E 121 -17.17 -30.53 -4.30
CA LYS E 121 -16.53 -31.33 -5.31
C LYS E 121 -16.09 -30.40 -6.46
N ASP E 122 -14.96 -30.72 -7.07
CA ASP E 122 -14.43 -29.91 -8.18
C ASP E 122 -15.53 -29.69 -9.19
N TYR E 123 -15.50 -28.58 -9.89
CA TYR E 123 -16.53 -28.27 -10.89
C TYR E 123 -15.92 -27.76 -12.18
N ILE E 124 -15.34 -26.58 -12.15
CA ILE E 124 -14.62 -26.09 -13.31
C ILE E 124 -13.36 -25.42 -12.83
N ALA E 125 -12.33 -25.51 -13.65
CA ALA E 125 -11.01 -25.01 -13.27
C ALA E 125 -10.27 -24.56 -14.51
N LEU E 126 -9.49 -23.51 -14.35
CA LEU E 126 -8.64 -23.06 -15.43
C LEU E 126 -7.42 -23.95 -15.44
N LYS E 127 -7.12 -24.57 -16.58
CA LYS E 127 -5.89 -25.36 -16.73
C LYS E 127 -4.72 -24.44 -16.54
N GLU E 128 -3.57 -25.02 -16.27
CA GLU E 128 -2.43 -24.21 -15.88
C GLU E 128 -1.88 -23.33 -17.03
N ASP E 129 -2.20 -23.67 -18.26
CA ASP E 129 -1.76 -22.85 -19.38
C ASP E 129 -2.55 -21.56 -19.44
N LEU E 130 -3.66 -21.54 -18.71
CA LEU E 130 -4.52 -20.37 -18.52
C LEU E 130 -5.29 -20.06 -19.79
N ARG E 131 -5.47 -21.08 -20.61
CA ARG E 131 -6.12 -20.89 -21.90
C ARG E 131 -7.22 -21.92 -22.14
N SER E 132 -7.39 -22.85 -21.20
CA SER E 132 -8.24 -24.03 -21.37
C SER E 132 -8.92 -24.37 -20.04
N TRP E 133 -10.01 -25.16 -20.07
CA TRP E 133 -10.77 -25.49 -18.86
C TRP E 133 -10.82 -27.00 -18.60
N THR E 134 -10.83 -27.38 -17.32
CA THR E 134 -11.04 -28.77 -16.93
C THR E 134 -12.41 -28.86 -16.25
N ALA E 135 -13.21 -29.82 -16.67
CA ALA E 135 -14.59 -29.92 -16.23
C ALA E 135 -14.88 -31.29 -15.66
N ALA E 136 -14.90 -31.41 -14.33
CA ALA E 136 -15.20 -32.68 -13.71
C ALA E 136 -16.56 -33.20 -14.25
N ASP E 137 -17.63 -32.46 -13.99
CA ASP E 137 -18.99 -32.93 -14.25
C ASP E 137 -19.52 -32.72 -15.67
N MET E 138 -20.60 -33.44 -15.95
CA MET E 138 -21.43 -33.22 -17.13
C MET E 138 -22.04 -31.83 -17.16
N ALA E 139 -22.55 -31.40 -16.02
CA ALA E 139 -23.12 -30.06 -15.89
C ALA E 139 -22.08 -28.96 -16.18
N ALA E 140 -20.83 -29.24 -15.81
CA ALA E 140 -19.74 -28.28 -16.00
C ALA E 140 -19.29 -28.21 -17.44
N GLN E 141 -19.78 -29.12 -18.28
CA GLN E 141 -19.58 -29.01 -19.73
C GLN E 141 -20.30 -27.78 -20.27
N THR E 142 -21.53 -27.55 -19.81
CA THR E 142 -22.29 -26.36 -20.18
C THR E 142 -21.55 -25.09 -19.78
N THR E 143 -21.13 -24.99 -18.53
CA THR E 143 -20.31 -23.84 -18.12
C THR E 143 -19.06 -23.77 -18.98
N LYS E 144 -18.35 -24.90 -19.11
CA LYS E 144 -17.15 -24.97 -19.92
C LYS E 144 -17.35 -24.30 -21.26
N HIS E 145 -18.41 -24.69 -21.96
CA HIS E 145 -18.70 -24.13 -23.27
C HIS E 145 -18.99 -22.61 -23.28
N LYS E 146 -19.82 -22.15 -22.35
CA LYS E 146 -20.19 -20.73 -22.32
C LYS E 146 -18.96 -19.85 -22.05
N TRP E 147 -18.14 -20.26 -21.07
CA TRP E 147 -16.91 -19.54 -20.73
C TRP E 147 -15.86 -19.58 -21.83
N GLU E 148 -15.82 -20.69 -22.56
CA GLU E 148 -14.96 -20.82 -23.74
C GLU E 148 -15.33 -19.78 -24.80
N ALA E 149 -16.63 -19.68 -25.06
CA ALA E 149 -17.13 -18.69 -26.02
C ALA E 149 -16.94 -17.27 -25.51
N ALA E 150 -17.02 -17.07 -24.20
CA ALA E 150 -16.93 -15.72 -23.58
C ALA E 150 -15.50 -15.21 -23.40
N HIS E 151 -14.52 -16.07 -23.66
CA HIS E 151 -13.11 -15.74 -23.50
C HIS E 151 -12.81 -15.31 -22.05
N VAL E 152 -13.46 -16.01 -21.11
CA VAL E 152 -13.22 -15.82 -19.69
C VAL E 152 -11.75 -16.07 -19.42
N ALA E 153 -11.22 -17.13 -20.01
CA ALA E 153 -9.85 -17.54 -19.80
C ALA E 153 -8.89 -16.41 -20.16
N GLU E 154 -9.21 -15.71 -21.23
CA GLU E 154 -8.43 -14.55 -21.70
C GLU E 154 -8.41 -13.44 -20.67
N GLN E 155 -9.54 -13.23 -20.02
CA GLN E 155 -9.69 -12.20 -19.00
C GLN E 155 -8.97 -12.58 -17.69
N LEU E 156 -9.17 -13.81 -17.27
CA LEU E 156 -8.52 -14.34 -16.08
C LEU E 156 -7.01 -14.41 -16.22
N ARG E 157 -6.53 -14.75 -17.41
CA ARG E 157 -5.09 -14.73 -17.69
C ARG E 157 -4.52 -13.31 -17.67
N ALA E 158 -5.33 -12.32 -17.98
CA ALA E 158 -4.89 -10.92 -17.94
C ALA E 158 -4.65 -10.49 -16.50
N TYR E 159 -5.63 -10.80 -15.66
CA TYR E 159 -5.55 -10.59 -14.21
C TYR E 159 -4.37 -11.30 -13.61
N LEU E 160 -4.30 -12.60 -13.81
CA LEU E 160 -3.31 -13.45 -13.16
C LEU E 160 -1.90 -13.07 -13.49
N GLU E 161 -1.63 -12.78 -14.75
CA GLU E 161 -0.28 -12.42 -15.16
C GLU E 161 0.02 -10.98 -14.85
N GLY E 162 -1.01 -10.15 -14.73
CA GLY E 162 -0.79 -8.71 -14.56
C GLY E 162 -1.17 -8.21 -13.17
N THR E 163 -2.44 -7.87 -13.03
CA THR E 163 -2.90 -7.24 -11.83
C THR E 163 -2.50 -8.04 -10.63
N CYS E 164 -2.81 -9.34 -10.66
CA CYS E 164 -2.57 -10.20 -9.52
C CYS E 164 -1.12 -10.16 -9.05
N VAL E 165 -0.17 -10.20 -9.97
CA VAL E 165 1.26 -10.25 -9.62
C VAL E 165 1.82 -8.87 -9.25
N GLU E 166 1.49 -7.86 -10.04
CA GLU E 166 1.94 -6.50 -9.73
C GLU E 166 1.65 -6.13 -8.29
N TRP E 167 0.40 -6.32 -7.89
CA TRP E 167 -0.05 -5.96 -6.57
C TRP E 167 0.52 -6.87 -5.50
N LEU E 168 0.73 -8.14 -5.85
CA LEU E 168 1.42 -9.02 -4.94
C LEU E 168 2.78 -8.40 -4.60
N ARG E 169 3.50 -7.94 -5.61
CA ARG E 169 4.79 -7.31 -5.40
C ARG E 169 4.64 -6.07 -4.54
N ARG E 170 3.64 -5.27 -4.83
CA ARG E 170 3.40 -4.09 -4.02
C ARG E 170 3.11 -4.38 -2.55
N TYR E 171 2.27 -5.37 -2.29
CA TYR E 171 1.99 -5.81 -0.92
C TYR E 171 3.23 -6.34 -0.22
N LEU E 172 4.02 -7.17 -0.91
CA LEU E 172 5.30 -7.68 -0.36
C LEU E 172 6.23 -6.52 -0.01
N GLU E 173 6.21 -5.49 -0.85
CA GLU E 173 6.97 -4.26 -0.60
C GLU E 173 6.44 -3.52 0.62
N ASN E 174 5.15 -3.23 0.63
CA ASN E 174 4.58 -2.40 1.67
C ASN E 174 4.64 -3.05 3.03
N GLY E 175 4.57 -4.38 3.05
CA GLY E 175 4.69 -5.16 4.28
C GLY E 175 6.02 -5.89 4.40
N LYS E 176 7.07 -5.32 3.83
CA LYS E 176 8.38 -5.95 3.73
C LYS E 176 8.83 -6.47 5.05
N GLU E 177 8.70 -5.63 6.07
CA GLU E 177 9.17 -5.94 7.42
C GLU E 177 8.39 -7.08 8.07
N THR E 178 7.28 -7.47 7.48
CA THR E 178 6.43 -8.51 8.03
C THR E 178 6.30 -9.72 7.12
N LEU E 179 5.89 -9.49 5.89
CA LEU E 179 5.67 -10.57 4.96
C LEU E 179 6.92 -11.35 4.62
N GLN E 180 8.03 -10.64 4.53
CA GLN E 180 9.27 -11.24 4.11
C GLN E 180 10.03 -11.82 5.30
N ARG E 181 9.48 -11.67 6.51
CA ARG E 181 10.05 -12.24 7.75
C ARG E 181 10.01 -13.76 7.70
N THR E 182 10.94 -14.41 8.38
CA THR E 182 10.82 -15.82 8.68
C THR E 182 11.01 -16.04 10.18
N ASP E 183 10.01 -16.57 10.87
CA ASP E 183 10.12 -16.84 12.29
C ASP E 183 10.42 -18.32 12.43
N ALA E 184 11.61 -18.62 12.94
CA ALA E 184 12.07 -20.00 13.11
C ALA E 184 11.26 -20.69 14.20
N PRO E 185 11.19 -22.03 14.14
CA PRO E 185 10.46 -22.78 15.16
C PRO E 185 11.16 -22.79 16.50
N LYS E 186 10.39 -22.55 17.55
CA LYS E 186 10.86 -22.70 18.92
C LYS E 186 10.44 -24.09 19.38
N THR E 187 11.42 -24.95 19.59
CA THR E 187 11.17 -26.38 19.74
C THR E 187 11.49 -26.86 21.13
N HIS E 188 10.84 -27.94 21.52
CA HIS E 188 11.19 -28.66 22.75
C HIS E 188 10.56 -30.06 22.75
N MET E 189 11.14 -30.96 23.55
CA MET E 189 10.66 -32.34 23.68
C MET E 189 10.06 -32.55 25.06
N THR E 190 9.19 -33.53 25.18
CA THR E 190 8.42 -33.72 26.40
C THR E 190 8.11 -35.20 26.57
N HIS E 191 8.00 -35.64 27.82
CA HIS E 191 7.95 -37.06 28.13
C HIS E 191 6.91 -37.36 29.19
N HIS E 192 6.03 -38.33 28.89
CA HIS E 192 4.93 -38.68 29.79
C HIS E 192 4.69 -40.18 29.78
N ALA E 193 4.69 -40.80 30.95
CA ALA E 193 4.26 -42.19 31.11
C ALA E 193 3.34 -42.26 32.30
N VAL E 194 2.30 -43.08 32.21
CA VAL E 194 1.43 -43.37 33.38
C VAL E 194 1.53 -44.82 33.90
N SER E 195 2.31 -45.67 33.21
CA SER E 195 2.46 -47.08 33.55
C SER E 195 3.96 -47.42 33.57
N ASP E 196 4.29 -48.71 33.53
CA ASP E 196 5.67 -49.20 33.64
C ASP E 196 6.45 -49.17 32.32
N HIS E 197 5.94 -49.94 31.36
CA HIS E 197 6.60 -50.24 30.10
C HIS E 197 6.38 -49.09 29.14
N GLU E 198 5.30 -48.34 29.35
CA GLU E 198 4.84 -47.37 28.35
C GLU E 198 5.28 -45.95 28.63
N ALA E 199 5.84 -45.28 27.62
CA ALA E 199 6.11 -43.84 27.72
C ALA E 199 5.87 -43.11 26.40
N THR E 200 5.27 -41.92 26.50
CA THR E 200 4.94 -41.06 25.34
C THR E 200 6.01 -39.98 25.21
N LEU E 201 6.42 -39.72 23.96
CA LEU E 201 7.39 -38.68 23.62
C LEU E 201 6.78 -37.72 22.60
N ARG E 202 7.17 -36.44 22.64
CA ARG E 202 6.56 -35.45 21.73
C ARG E 202 7.43 -34.26 21.25
N CYS E 203 7.67 -34.23 19.94
CA CYS E 203 8.44 -33.15 19.31
C CYS E 203 7.56 -31.91 19.00
N TRP E 204 7.83 -30.81 19.69
CA TRP E 204 7.10 -29.54 19.46
C TRP E 204 7.86 -28.57 18.55
N ALA E 205 7.12 -27.91 17.65
CA ALA E 205 7.56 -26.70 16.96
C ALA E 205 6.52 -25.61 17.20
N LEU E 206 6.96 -24.46 17.71
CA LEU E 206 6.05 -23.36 18.03
C LEU E 206 6.51 -22.02 17.42
N SER E 207 5.59 -21.07 17.34
CA SER E 207 5.89 -19.71 16.87
C SER E 207 6.65 -19.66 15.55
N PHE E 208 6.22 -20.42 14.54
CA PHE E 208 6.92 -20.38 13.25
C PHE E 208 6.07 -19.74 12.15
N TYR E 209 6.77 -19.20 11.16
CA TYR E 209 6.15 -18.65 9.94
C TYR E 209 7.20 -18.69 8.86
N PRO E 210 6.89 -19.21 7.66
CA PRO E 210 5.60 -19.72 7.19
C PRO E 210 5.15 -21.03 7.83
N ALA E 211 4.01 -21.52 7.38
CA ALA E 211 3.43 -22.75 7.91
C ALA E 211 4.15 -23.99 7.45
N GLU E 212 4.81 -23.92 6.31
CA GLU E 212 5.46 -25.13 5.76
C GLU E 212 6.54 -25.61 6.71
N ILE E 213 6.36 -26.84 7.18
CA ILE E 213 7.30 -27.45 8.11
C ILE E 213 7.14 -28.98 8.06
N THR E 214 8.16 -29.70 8.51
CA THR E 214 8.09 -31.15 8.61
C THR E 214 8.63 -31.62 9.97
N LEU E 215 7.95 -32.58 10.57
CA LEU E 215 8.39 -33.15 11.84
C LEU E 215 8.45 -34.66 11.72
N THR E 216 9.66 -35.20 11.56
CA THR E 216 9.84 -36.65 11.42
C THR E 216 10.57 -37.29 12.59
N TRP E 217 9.83 -38.06 13.39
CA TRP E 217 10.41 -38.93 14.41
C TRP E 217 11.28 -39.99 13.75
N GLN E 218 12.18 -40.58 14.53
CA GLN E 218 13.18 -41.54 14.04
C GLN E 218 13.65 -42.53 15.10
N ARG E 219 14.17 -43.68 14.64
CA ARG E 219 14.89 -44.60 15.48
C ARG E 219 16.23 -44.93 14.84
N ASP E 220 17.22 -45.25 15.67
CA ASP E 220 18.53 -45.62 15.20
C ASP E 220 19.19 -44.47 14.45
N GLY E 221 18.44 -43.83 13.57
CA GLY E 221 18.95 -42.71 12.81
C GLY E 221 18.18 -42.48 11.51
N GLU E 222 17.25 -43.38 11.22
CA GLU E 222 16.44 -43.24 9.98
C GLU E 222 14.96 -43.50 10.26
N ASP E 223 14.10 -42.86 9.45
CA ASP E 223 12.68 -42.69 9.73
C ASP E 223 11.99 -43.86 10.39
N GLN E 224 11.34 -43.55 11.50
CA GLN E 224 10.36 -44.42 12.11
C GLN E 224 8.97 -43.83 11.81
N THR E 225 8.35 -44.37 10.78
CA THR E 225 7.05 -43.89 10.32
C THR E 225 5.90 -44.50 11.12
N GLN E 226 6.19 -45.30 12.15
CA GLN E 226 5.22 -46.32 12.56
C GLN E 226 4.33 -46.01 13.78
N ASP E 227 4.88 -45.90 14.99
CA ASP E 227 4.02 -45.53 16.14
C ASP E 227 3.86 -44.00 16.30
N THR E 228 4.01 -43.28 15.18
CA THR E 228 3.86 -41.83 15.10
C THR E 228 2.37 -41.42 15.11
N GLU E 229 2.07 -40.33 15.83
CA GLU E 229 0.87 -39.53 15.63
C GLU E 229 1.30 -38.10 15.29
N LEU E 230 1.02 -37.68 14.05
CA LEU E 230 1.37 -36.34 13.58
C LEU E 230 0.12 -35.51 13.32
N VAL E 231 -0.08 -34.49 14.17
CA VAL E 231 -1.22 -33.56 14.02
C VAL E 231 -1.03 -32.49 12.94
N GLU E 232 -2.17 -31.96 12.49
CA GLU E 232 -2.25 -30.96 11.42
C GLU E 232 -1.54 -29.70 11.91
N THR E 233 -0.84 -29.01 11.01
CA THR E 233 -0.30 -27.70 11.36
C THR E 233 -1.49 -26.79 11.69
N ARG E 234 -1.36 -26.01 12.75
CA ARG E 234 -2.46 -25.24 13.26
C ARG E 234 -2.09 -23.78 13.49
N PRO E 235 -3.11 -22.89 13.48
CA PRO E 235 -2.88 -21.47 13.75
C PRO E 235 -2.74 -21.17 15.25
N ALA E 236 -1.71 -20.41 15.60
CA ALA E 236 -1.50 -20.02 17.00
C ALA E 236 -2.43 -18.88 17.41
N GLY E 237 -2.94 -18.15 16.41
CA GLY E 237 -3.85 -17.03 16.64
C GLY E 237 -3.18 -15.68 16.52
N ASP E 238 -1.85 -15.67 16.69
CA ASP E 238 -1.05 -14.44 16.61
C ASP E 238 -0.31 -14.29 15.30
N GLY E 239 -0.64 -15.11 14.31
CA GLY E 239 0.02 -15.04 13.02
C GLY E 239 1.14 -16.03 12.82
N THR E 240 1.48 -16.77 13.87
CA THR E 240 2.44 -17.87 13.76
C THR E 240 1.67 -19.18 13.77
N PHE E 241 2.40 -20.26 13.50
CA PHE E 241 1.79 -21.60 13.46
C PHE E 241 2.49 -22.56 14.43
N GLN E 242 1.81 -23.66 14.70
CA GLN E 242 2.25 -24.71 15.64
C GLN E 242 1.96 -26.09 15.08
N LYS E 243 2.83 -27.04 15.43
CA LYS E 243 2.68 -28.44 15.04
C LYS E 243 3.47 -29.33 16.02
N TRP E 244 2.97 -30.54 16.28
CA TRP E 244 3.71 -31.55 17.05
C TRP E 244 3.71 -32.92 16.43
N ALA E 245 4.64 -33.77 16.86
CA ALA E 245 4.70 -35.18 16.46
C ALA E 245 5.04 -36.07 17.65
N ALA E 246 4.15 -37.00 18.00
CA ALA E 246 4.34 -37.86 19.17
C ALA E 246 4.72 -39.28 18.79
N VAL E 247 5.12 -40.04 19.80
CA VAL E 247 5.45 -41.47 19.65
C VAL E 247 5.41 -42.14 21.03
N VAL E 248 4.93 -43.37 21.04
CA VAL E 248 4.92 -44.15 22.28
C VAL E 248 6.11 -45.07 22.28
N VAL E 249 6.87 -44.99 23.37
CA VAL E 249 8.16 -45.64 23.44
C VAL E 249 8.23 -46.60 24.63
N PRO E 250 8.83 -47.81 24.44
CA PRO E 250 9.07 -48.64 25.62
C PRO E 250 10.08 -48.00 26.57
N SER E 251 9.74 -47.93 27.84
CA SER E 251 10.65 -47.39 28.83
C SER E 251 12.09 -47.86 28.62
N GLY E 252 13.04 -46.94 28.69
CA GLY E 252 14.44 -47.29 28.53
C GLY E 252 14.88 -47.16 27.08
N GLN E 253 14.00 -46.67 26.21
CA GLN E 253 14.33 -46.57 24.78
C GLN E 253 14.64 -45.14 24.27
N GLU E 254 14.06 -44.13 24.88
CA GLU E 254 14.22 -42.74 24.38
C GLU E 254 15.59 -42.46 23.75
N GLN E 255 16.65 -42.87 24.44
CA GLN E 255 18.02 -42.61 23.97
C GLN E 255 18.34 -43.18 22.58
N ARG E 256 17.32 -43.54 21.82
CA ARG E 256 17.51 -44.04 20.46
C ARG E 256 16.61 -43.32 19.44
N TYR E 257 15.58 -42.66 19.95
CA TYR E 257 14.68 -41.85 19.16
C TYR E 257 15.23 -40.44 19.01
N THR E 258 15.08 -39.88 17.81
CA THR E 258 15.36 -38.48 17.56
C THR E 258 14.14 -37.87 16.90
N CYS E 259 13.99 -36.56 17.04
CA CYS E 259 13.06 -35.82 16.20
C CYS E 259 13.82 -34.90 15.28
N HIS E 260 13.25 -34.67 14.11
CA HIS E 260 13.90 -33.87 13.09
C HIS E 260 12.95 -32.81 12.54
N VAL E 261 13.41 -31.55 12.57
CA VAL E 261 12.58 -30.39 12.23
C VAL E 261 13.18 -29.68 11.04
N GLN E 262 12.36 -29.39 10.03
CA GLN E 262 12.82 -28.65 8.85
C GLN E 262 11.95 -27.43 8.62
N HIS E 263 12.59 -26.30 8.33
CA HIS E 263 11.88 -25.01 8.14
C HIS E 263 12.76 -24.07 7.36
N GLU E 264 12.13 -23.13 6.68
CA GLU E 264 12.86 -22.13 5.89
C GLU E 264 13.59 -21.13 6.81
N GLY E 265 13.15 -21.06 8.06
CA GLY E 265 13.70 -20.16 9.05
C GLY E 265 14.99 -20.66 9.69
N LEU E 266 15.24 -21.96 9.61
CA LEU E 266 16.48 -22.57 10.07
C LEU E 266 17.45 -22.89 8.90
N PRO E 267 18.71 -22.45 9.00
CA PRO E 267 19.74 -22.79 8.00
C PRO E 267 20.15 -24.27 8.04
N LYS E 268 20.19 -24.83 9.25
CA LYS E 268 20.43 -26.26 9.43
C LYS E 268 19.22 -26.92 10.12
N PRO E 269 18.86 -28.14 9.69
CA PRO E 269 17.83 -28.92 10.39
C PRO E 269 18.12 -29.10 11.89
N LEU E 270 17.08 -29.18 12.69
CA LEU E 270 17.26 -29.45 14.11
C LEU E 270 17.12 -30.92 14.35
N THR E 271 17.82 -31.37 15.39
CA THR E 271 17.63 -32.71 15.87
C THR E 271 17.49 -32.64 17.39
N LEU E 272 16.50 -33.36 17.94
CA LEU E 272 16.09 -33.21 19.35
C LEU E 272 15.99 -34.53 20.09
N ARG E 273 16.89 -34.75 21.03
CA ARG E 273 16.83 -35.93 21.90
C ARG E 273 16.18 -35.53 23.21
N TRP E 274 15.79 -36.52 24.02
CA TRP E 274 15.27 -36.25 25.37
C TRP E 274 16.45 -35.90 26.33
N GLU E 275 16.12 -35.37 27.50
CA GLU E 275 17.11 -35.08 28.52
C GLU E 275 16.42 -34.86 29.86
N GLY F 1 -23.50 -33.29 -0.58
CA GLY F 1 -22.46 -33.25 -1.61
C GLY F 1 -21.33 -34.21 -1.32
N ILE F 2 -20.70 -34.05 -0.16
CA ILE F 2 -19.60 -34.90 0.24
C ILE F 2 -19.74 -35.35 1.69
N GLN F 3 -19.79 -34.38 2.59
CA GLN F 3 -19.93 -34.68 4.02
C GLN F 3 -18.61 -35.14 4.62
N ARG F 4 -17.77 -34.19 5.01
CA ARG F 4 -16.50 -34.50 5.59
C ARG F 4 -16.55 -34.05 7.02
N THR F 5 -15.95 -34.84 7.91
CA THR F 5 -16.11 -34.57 9.31
C THR F 5 -14.92 -33.84 9.93
N PRO F 6 -15.21 -32.96 10.90
CA PRO F 6 -14.19 -32.07 11.42
C PRO F 6 -13.11 -32.78 12.18
N LYS F 7 -11.87 -32.44 11.88
CA LYS F 7 -10.78 -32.65 12.83
C LYS F 7 -10.88 -31.55 13.89
N ILE F 8 -10.57 -31.89 15.14
CA ILE F 8 -10.64 -30.92 16.22
C ILE F 8 -9.32 -30.92 16.98
N GLN F 9 -8.74 -29.75 17.20
CA GLN F 9 -7.60 -29.58 18.11
C GLN F 9 -7.90 -28.46 19.08
N VAL F 10 -7.63 -28.71 20.37
CA VAL F 10 -7.83 -27.73 21.42
C VAL F 10 -6.48 -27.48 22.06
N TYR F 11 -6.10 -26.22 22.18
CA TYR F 11 -4.74 -25.82 22.58
C TYR F 11 -4.68 -24.35 22.97
N SER F 12 -3.59 -23.95 23.60
CA SER F 12 -3.37 -22.55 23.97
C SER F 12 -2.35 -21.92 23.03
N ARG F 13 -2.49 -20.61 22.82
CA ARG F 13 -1.62 -19.86 21.91
C ARG F 13 -0.20 -19.83 22.42
N HIS F 14 -0.06 -19.41 23.67
CA HIS F 14 1.23 -19.41 24.33
C HIS F 14 1.23 -20.58 25.30
N PRO F 15 2.42 -21.07 25.68
CA PRO F 15 2.43 -22.16 26.64
C PRO F 15 1.69 -21.72 27.89
N ALA F 16 0.85 -22.60 28.44
CA ALA F 16 -0.02 -22.24 29.54
C ALA F 16 0.78 -22.05 30.82
N GLU F 17 0.50 -20.96 31.51
CA GLU F 17 1.10 -20.67 32.80
C GLU F 17 -0.03 -20.30 33.75
N ASN F 18 0.03 -20.76 34.99
CA ASN F 18 -1.06 -20.46 35.94
C ASN F 18 -1.13 -18.97 36.30
N GLY F 19 -2.33 -18.40 36.24
CA GLY F 19 -2.53 -16.97 36.51
C GLY F 19 -1.98 -16.00 35.46
N LYS F 20 -1.54 -16.53 34.32
CA LYS F 20 -0.97 -15.73 33.25
C LYS F 20 -1.95 -15.74 32.10
N SER F 21 -2.41 -14.54 31.71
CA SER F 21 -3.41 -14.41 30.68
C SER F 21 -2.96 -15.06 29.36
N ASN F 22 -3.93 -15.62 28.63
CA ASN F 22 -3.65 -16.35 27.40
C ASN F 22 -4.92 -16.40 26.54
N PHE F 23 -4.81 -16.96 25.34
CA PHE F 23 -5.99 -17.30 24.54
C PHE F 23 -6.10 -18.82 24.34
N LEU F 24 -7.33 -19.34 24.55
CA LEU F 24 -7.64 -20.77 24.38
C LEU F 24 -8.18 -20.99 22.98
N ASN F 25 -7.39 -21.67 22.16
CA ASN F 25 -7.81 -21.99 20.81
C ASN F 25 -8.60 -23.29 20.73
N CYS F 26 -9.50 -23.35 19.77
CA CYS F 26 -10.00 -24.61 19.25
C CYS F 26 -10.04 -24.51 17.73
N TYR F 27 -9.30 -25.40 17.06
CA TYR F 27 -9.15 -25.36 15.62
C TYR F 27 -9.87 -26.53 15.01
N VAL F 28 -10.99 -26.26 14.38
CA VAL F 28 -11.73 -27.28 13.65
C VAL F 28 -11.34 -27.24 12.15
N SER F 29 -11.01 -28.38 11.57
CA SER F 29 -10.60 -28.37 10.15
C SER F 29 -11.13 -29.57 9.34
N GLY F 30 -10.95 -29.48 8.03
CA GLY F 30 -11.28 -30.55 7.13
C GLY F 30 -12.75 -30.91 7.02
N PHE F 31 -13.63 -29.98 7.34
CA PHE F 31 -15.06 -30.30 7.36
C PHE F 31 -15.80 -29.74 6.17
N HIS F 32 -16.96 -30.34 5.89
CA HIS F 32 -17.82 -29.95 4.79
C HIS F 32 -19.14 -30.61 5.04
N PRO F 33 -20.22 -29.84 5.02
CA PRO F 33 -20.28 -28.45 4.60
C PRO F 33 -19.99 -27.43 5.73
N SER F 34 -19.78 -26.18 5.32
CA SER F 34 -19.40 -25.09 6.22
C SER F 34 -20.09 -25.09 7.59
N GLU F 35 -21.42 -25.11 7.59
CA GLU F 35 -22.22 -25.03 8.82
C GLU F 35 -21.61 -25.83 9.97
N ILE F 36 -21.43 -25.18 11.11
CA ILE F 36 -20.78 -25.82 12.23
C ILE F 36 -21.07 -25.05 13.50
N GLU F 37 -21.19 -25.76 14.61
CA GLU F 37 -21.40 -25.13 15.91
C GLU F 37 -20.19 -25.48 16.76
N VAL F 38 -19.61 -24.47 17.42
CA VAL F 38 -18.38 -24.69 18.18
C VAL F 38 -18.41 -23.91 19.46
N ASP F 39 -18.07 -24.57 20.56
CA ASP F 39 -18.15 -23.92 21.84
C ASP F 39 -16.91 -24.21 22.66
N LEU F 40 -16.57 -23.26 23.52
CA LEU F 40 -15.46 -23.38 24.44
C LEU F 40 -16.02 -23.44 25.83
N LEU F 41 -15.84 -24.58 26.50
CA LEU F 41 -16.46 -24.82 27.78
C LEU F 41 -15.51 -24.61 28.94
N LYS F 42 -15.93 -23.79 29.90
CA LYS F 42 -15.24 -23.60 31.18
C LYS F 42 -15.95 -24.43 32.26
N ASN F 43 -15.35 -25.57 32.62
CA ASN F 43 -15.96 -26.53 33.54
C ASN F 43 -17.36 -26.91 33.06
N GLY F 44 -17.49 -27.11 31.75
CA GLY F 44 -18.78 -27.45 31.13
C GLY F 44 -19.76 -26.28 30.95
N GLU F 45 -19.41 -25.11 31.49
CA GLU F 45 -20.21 -23.91 31.37
C GLU F 45 -19.72 -23.23 30.11
N ARG F 46 -20.65 -22.74 29.29
CA ARG F 46 -20.29 -22.15 28.01
C ARG F 46 -19.81 -20.71 28.18
N ILE F 47 -18.67 -20.43 27.55
CA ILE F 47 -18.10 -19.07 27.53
C ILE F 47 -18.79 -18.26 26.44
N GLU F 48 -19.19 -17.04 26.78
CA GLU F 48 -20.06 -16.23 25.93
C GLU F 48 -19.33 -15.37 24.92
N LYS F 49 -18.11 -14.95 25.25
CA LYS F 49 -17.42 -13.92 24.48
C LYS F 49 -16.42 -14.55 23.53
N VAL F 50 -16.85 -15.60 22.83
CA VAL F 50 -15.97 -16.33 21.96
C VAL F 50 -16.03 -15.75 20.56
N GLU F 51 -14.85 -15.56 19.98
CA GLU F 51 -14.73 -15.09 18.59
C GLU F 51 -14.08 -16.17 17.75
N HIS F 52 -14.21 -16.04 16.43
CA HIS F 52 -13.59 -16.97 15.50
C HIS F 52 -13.21 -16.32 14.19
N SER F 53 -12.24 -16.91 13.51
CA SER F 53 -11.66 -16.35 12.29
C SER F 53 -12.65 -16.42 11.13
N ASP F 54 -12.29 -15.81 10.01
CA ASP F 54 -13.16 -15.84 8.84
C ASP F 54 -13.07 -17.19 8.23
N LEU F 55 -14.20 -17.72 7.79
CA LEU F 55 -14.23 -18.98 7.04
C LEU F 55 -13.30 -18.95 5.83
N SER F 56 -12.40 -19.91 5.74
CA SER F 56 -11.55 -20.14 4.57
C SER F 56 -11.62 -21.66 4.29
N PHE F 57 -10.80 -22.16 3.34
CA PHE F 57 -10.75 -23.58 3.02
C PHE F 57 -9.46 -24.03 2.33
N SER F 58 -9.15 -25.32 2.45
CA SER F 58 -7.92 -25.95 1.93
C SER F 58 -8.06 -26.24 0.44
N GLU F 59 -7.12 -27.00 -0.14
CA GLU F 59 -7.21 -27.32 -1.58
C GLU F 59 -8.15 -28.50 -1.94
N ASP F 60 -8.60 -29.27 -0.96
CA ASP F 60 -9.65 -30.24 -1.22
C ASP F 60 -11.05 -29.66 -0.92
N TRP F 61 -11.11 -28.34 -0.80
CA TRP F 61 -12.36 -27.60 -0.56
C TRP F 61 -12.91 -27.76 0.86
N SER F 62 -12.14 -28.40 1.74
CA SER F 62 -12.59 -28.64 3.12
C SER F 62 -12.37 -27.37 3.92
N PHE F 63 -13.22 -27.15 4.92
CA PHE F 63 -13.21 -25.89 5.64
C PHE F 63 -12.38 -25.93 6.91
N TYR F 64 -11.81 -24.78 7.25
CA TYR F 64 -11.23 -24.61 8.57
C TYR F 64 -11.68 -23.31 9.22
N LEU F 65 -11.97 -23.40 10.51
CA LEU F 65 -12.23 -22.26 11.37
C LEU F 65 -11.38 -22.33 12.65
N LEU F 66 -11.04 -21.17 13.21
CA LEU F 66 -10.33 -21.09 14.49
C LEU F 66 -11.17 -20.34 15.50
N TYR F 67 -11.48 -20.98 16.62
CA TYR F 67 -12.26 -20.36 17.69
C TYR F 67 -11.37 -20.03 18.88
N TYR F 68 -11.50 -18.82 19.43
CA TYR F 68 -10.60 -18.34 20.47
C TYR F 68 -11.24 -17.32 21.41
N THR F 69 -10.88 -17.43 22.68
CA THR F 69 -11.28 -16.47 23.70
C THR F 69 -10.14 -16.29 24.66
N GLU F 70 -10.03 -15.07 25.17
CA GLU F 70 -9.11 -14.75 26.23
C GLU F 70 -9.45 -15.66 27.40
N PHE F 71 -8.43 -16.13 28.11
CA PHE F 71 -8.63 -16.84 29.36
C PHE F 71 -7.37 -16.83 30.17
N THR F 72 -7.55 -16.95 31.48
CA THR F 72 -6.44 -17.07 32.39
C THR F 72 -6.56 -18.41 33.13
N PRO F 73 -5.66 -19.34 32.78
CA PRO F 73 -5.69 -20.67 33.36
C PRO F 73 -5.38 -20.68 34.86
N THR F 74 -5.87 -21.71 35.52
CA THR F 74 -5.52 -21.98 36.90
C THR F 74 -5.34 -23.48 37.03
N GLU F 75 -4.56 -23.92 38.01
CA GLU F 75 -4.38 -25.36 38.29
C GLU F 75 -5.72 -26.11 38.39
N LYS F 76 -6.75 -25.39 38.84
CA LYS F 76 -8.07 -25.95 39.11
C LYS F 76 -9.02 -26.04 37.88
N ASP F 77 -9.16 -24.94 37.12
CA ASP F 77 -10.13 -24.89 36.03
C ASP F 77 -9.87 -25.91 34.93
N GLU F 78 -10.95 -26.42 34.34
CA GLU F 78 -10.87 -27.37 33.22
C GLU F 78 -11.59 -26.82 32.00
N TYR F 79 -11.01 -27.03 30.83
CA TYR F 79 -11.52 -26.46 29.58
C TYR F 79 -11.59 -27.48 28.44
N ALA F 80 -12.65 -27.40 27.65
CA ALA F 80 -12.79 -28.26 26.47
C ALA F 80 -13.49 -27.55 25.30
N CYS F 81 -13.41 -28.18 24.12
CA CYS F 81 -14.09 -27.69 22.91
C CYS F 81 -15.22 -28.62 22.52
N ARG F 82 -16.45 -28.11 22.54
CA ARG F 82 -17.62 -28.89 22.16
C ARG F 82 -18.07 -28.54 20.76
N VAL F 83 -18.18 -29.55 19.91
CA VAL F 83 -18.40 -29.35 18.48
C VAL F 83 -19.57 -30.16 17.97
N ASN F 84 -20.45 -29.53 17.19
CA ASN F 84 -21.55 -30.24 16.56
C ASN F 84 -21.66 -29.89 15.07
N HIS F 85 -21.82 -30.94 14.27
CA HIS F 85 -21.81 -30.89 12.82
C HIS F 85 -22.76 -31.97 12.31
N VAL F 86 -23.19 -31.89 11.05
CA VAL F 86 -23.99 -32.97 10.46
C VAL F 86 -23.38 -34.36 10.63
N THR F 87 -22.08 -34.48 10.36
CA THR F 87 -21.41 -35.77 10.33
C THR F 87 -21.35 -36.43 11.71
N LEU F 88 -21.71 -35.69 12.76
CA LEU F 88 -21.65 -36.17 14.12
C LEU F 88 -23.02 -36.48 14.72
N SER F 89 -23.12 -37.67 15.30
CA SER F 89 -24.37 -38.17 15.87
C SER F 89 -24.70 -37.37 17.11
N GLN F 90 -23.66 -36.96 17.84
CA GLN F 90 -23.82 -36.31 19.14
C GLN F 90 -22.67 -35.30 19.34
N PRO F 91 -22.97 -34.15 19.98
CA PRO F 91 -21.92 -33.13 20.16
C PRO F 91 -20.68 -33.72 20.79
N LYS F 92 -19.55 -33.55 20.11
CA LYS F 92 -18.30 -34.23 20.44
C LYS F 92 -17.40 -33.32 21.26
N ILE F 93 -17.21 -33.66 22.53
CA ILE F 93 -16.42 -32.84 23.43
C ILE F 93 -14.96 -33.26 23.40
N VAL F 94 -14.09 -32.38 22.96
CA VAL F 94 -12.65 -32.67 22.99
C VAL F 94 -12.00 -31.86 24.10
N LYS F 95 -11.32 -32.57 25.00
CA LYS F 95 -10.80 -31.93 26.21
C LYS F 95 -9.42 -31.32 26.01
N TRP F 96 -9.22 -30.16 26.64
CA TRP F 96 -7.96 -29.46 26.57
C TRP F 96 -7.10 -30.01 27.64
N ASP F 97 -5.92 -30.44 27.24
CA ASP F 97 -4.97 -31.06 28.11
C ASP F 97 -3.72 -30.23 27.99
N ARG F 98 -3.17 -29.81 29.11
CA ARG F 98 -2.09 -28.81 29.11
C ARG F 98 -1.04 -28.93 28.00
N ASP F 99 -0.76 -30.13 27.54
CA ASP F 99 0.28 -30.32 26.55
C ASP F 99 -0.16 -31.25 25.40
N MET F 100 -1.44 -31.10 25.04
CA MET F 100 -2.01 -31.61 23.78
C MET F 100 -2.87 -30.49 23.21
N GLY G 1 51.15 2.79 1.52
CA GLY G 1 51.08 3.01 2.99
C GLY G 1 52.43 2.94 3.68
N SER G 2 52.41 2.70 4.98
CA SER G 2 53.65 2.62 5.76
C SER G 2 54.19 1.20 5.80
N HIS G 3 55.51 1.07 5.98
CA HIS G 3 56.21 -0.22 5.90
C HIS G 3 57.23 -0.39 7.02
N SER G 4 57.69 -1.63 7.16
CA SER G 4 58.66 -1.93 8.19
C SER G 4 59.49 -3.12 7.80
N MET G 5 60.68 -3.17 8.38
CA MET G 5 61.51 -4.39 8.37
C MET G 5 61.69 -4.79 9.83
N ARG G 6 61.62 -6.07 10.11
CA ARG G 6 61.77 -6.58 11.46
C ARG G 6 62.48 -7.91 11.47
N TYR G 7 63.43 -8.07 12.39
CA TYR G 7 64.08 -9.34 12.56
C TYR G 7 63.76 -9.85 13.95
N PHE G 8 63.50 -11.16 14.08
CA PHE G 8 63.21 -11.77 15.37
C PHE G 8 64.16 -12.91 15.67
N PHE G 9 64.77 -12.87 16.86
CA PHE G 9 65.78 -13.84 17.28
C PHE G 9 65.34 -14.56 18.53
N THR G 10 65.57 -15.87 18.58
CA THR G 10 65.27 -16.63 19.75
C THR G 10 66.40 -17.59 20.07
N SER G 11 66.86 -17.56 21.31
CA SER G 11 67.89 -18.48 21.76
C SER G 11 67.39 -19.21 22.97
N VAL G 12 67.28 -20.52 22.86
CA VAL G 12 66.83 -21.38 23.96
C VAL G 12 67.94 -22.35 24.33
N SER G 13 68.44 -22.24 25.56
CA SER G 13 69.51 -23.13 26.02
C SER G 13 68.96 -24.55 26.18
N ARG G 14 69.84 -25.53 26.00
CA ARG G 14 69.49 -26.94 26.07
C ARG G 14 70.47 -27.66 27.00
N PRO G 15 70.35 -27.40 28.31
CA PRO G 15 71.22 -27.91 29.37
C PRO G 15 71.71 -29.34 29.15
N GLY G 16 73.01 -29.52 28.97
CA GLY G 16 73.56 -30.86 28.71
C GLY G 16 73.32 -31.31 27.27
N ARG G 17 72.05 -31.42 26.89
CA ARG G 17 71.67 -31.85 25.54
C ARG G 17 72.06 -30.86 24.42
N GLY G 18 73.37 -30.66 24.26
CA GLY G 18 73.93 -29.90 23.14
C GLY G 18 73.99 -28.38 23.29
N GLU G 19 74.20 -27.70 22.17
CA GLU G 19 74.34 -26.23 22.11
C GLU G 19 72.95 -25.56 22.02
N PRO G 20 72.85 -24.25 22.36
CA PRO G 20 71.51 -23.67 22.38
C PRO G 20 70.84 -23.67 21.02
N ARG G 21 69.51 -23.72 21.03
CA ARG G 21 68.75 -23.64 19.79
C ARG G 21 68.51 -22.19 19.48
N PHE G 22 68.81 -21.83 18.24
CA PHE G 22 68.77 -20.47 17.83
C PHE G 22 67.95 -20.34 16.57
N ILE G 23 67.02 -19.39 16.58
CA ILE G 23 66.10 -19.18 15.48
C ILE G 23 66.05 -17.72 15.16
N ALA G 24 66.15 -17.41 13.88
CA ALA G 24 66.16 -16.05 13.43
C ALA G 24 65.22 -15.92 12.24
N VAL G 25 64.47 -14.82 12.18
CA VAL G 25 63.50 -14.58 11.12
C VAL G 25 63.52 -13.12 10.69
N GLY G 26 63.29 -12.87 9.41
CA GLY G 26 63.20 -11.50 8.90
C GLY G 26 61.87 -11.23 8.21
N TYR G 27 61.35 -10.02 8.35
CA TYR G 27 60.07 -9.64 7.73
C TYR G 27 60.10 -8.31 7.04
N VAL G 28 59.37 -8.21 5.96
CA VAL G 28 58.92 -6.94 5.47
C VAL G 28 57.40 -6.94 5.65
N ASP G 29 56.92 -5.98 6.43
CA ASP G 29 55.56 -5.96 6.93
C ASP G 29 55.23 -7.34 7.49
N ASP G 30 54.18 -7.96 6.96
CA ASP G 30 53.69 -9.26 7.41
C ASP G 30 54.08 -10.39 6.48
N THR G 31 55.22 -10.23 5.82
CA THR G 31 55.76 -11.24 4.91
C THR G 31 57.17 -11.59 5.37
N GLN G 32 57.40 -12.87 5.67
CA GLN G 32 58.75 -13.34 6.00
C GLN G 32 59.57 -13.46 4.72
N PHE G 33 60.83 -13.06 4.78
CA PHE G 33 61.73 -13.23 3.64
C PHE G 33 62.97 -14.05 3.91
N VAL G 34 63.43 -14.12 5.15
CA VAL G 34 64.60 -14.93 5.50
C VAL G 34 64.36 -15.67 6.81
N ARG G 35 65.19 -16.66 7.06
CA ARG G 35 65.13 -17.44 8.27
C ARG G 35 66.45 -18.17 8.53
N PHE G 36 66.66 -18.54 9.78
CA PHE G 36 67.78 -19.36 10.14
C PHE G 36 67.35 -20.23 11.30
N ASP G 37 67.75 -21.49 11.26
CA ASP G 37 67.40 -22.45 12.28
C ASP G 37 68.62 -23.25 12.55
N SER G 38 69.13 -23.16 13.77
CA SER G 38 70.42 -23.77 14.12
C SER G 38 70.35 -25.29 14.01
N ASP G 39 69.14 -25.83 14.02
CA ASP G 39 68.95 -27.27 13.80
C ASP G 39 68.39 -27.63 12.45
N ALA G 40 68.72 -26.88 11.41
CA ALA G 40 68.52 -27.37 10.05
C ALA G 40 69.87 -27.73 9.45
N ALA G 41 69.86 -28.19 8.20
CA ALA G 41 71.03 -28.80 7.56
C ALA G 41 72.02 -27.78 7.05
N SER G 42 71.48 -26.81 6.33
CA SER G 42 72.27 -25.83 5.64
C SER G 42 73.25 -25.09 6.52
N GLN G 43 72.88 -24.80 7.77
CA GLN G 43 73.57 -23.80 8.60
C GLN G 43 73.79 -22.49 7.84
N ARG G 44 72.78 -22.08 7.05
CA ARG G 44 72.84 -20.87 6.22
C ARG G 44 71.58 -20.05 6.42
N MET G 45 71.68 -18.73 6.30
CA MET G 45 70.49 -17.91 6.19
C MET G 45 69.77 -18.35 4.95
N GLU G 46 68.46 -18.52 5.04
CA GLU G 46 67.70 -19.12 3.96
C GLU G 46 66.61 -18.16 3.49
N PRO G 47 66.33 -18.13 2.18
CA PRO G 47 65.32 -17.27 1.60
C PRO G 47 63.95 -17.83 1.90
N ARG G 48 62.95 -16.97 1.86
CA ARG G 48 61.58 -17.35 2.22
C ARG G 48 60.49 -16.62 1.47
N ALA G 49 60.86 -15.52 0.84
CA ALA G 49 60.03 -14.92 -0.18
C ALA G 49 60.83 -14.81 -1.47
N PRO G 50 60.17 -15.07 -2.61
CA PRO G 50 60.78 -15.03 -3.95
C PRO G 50 61.75 -13.87 -4.21
N TRP G 51 61.32 -12.64 -3.97
CA TRP G 51 62.11 -11.43 -4.30
C TRP G 51 63.43 -11.30 -3.55
N ILE G 52 63.59 -11.93 -2.39
CA ILE G 52 64.87 -11.88 -1.72
C ILE G 52 65.88 -12.77 -2.43
N GLU G 53 65.41 -13.82 -3.09
CA GLU G 53 66.28 -14.79 -3.78
C GLU G 53 67.16 -14.16 -4.85
N GLN G 54 66.66 -13.11 -5.43
CA GLN G 54 67.42 -12.24 -6.32
C GLN G 54 68.80 -11.72 -5.83
N GLU G 55 69.04 -11.67 -4.52
CA GLU G 55 70.35 -11.20 -4.01
C GLU G 55 71.42 -12.24 -4.30
N GLY G 56 72.62 -11.77 -4.60
CA GLY G 56 73.74 -12.65 -4.89
C GLY G 56 74.31 -13.41 -3.70
N PRO G 57 75.32 -14.25 -3.96
CA PRO G 57 75.94 -15.06 -2.93
C PRO G 57 76.72 -14.25 -1.90
N GLU G 58 77.10 -13.02 -2.22
CA GLU G 58 77.77 -12.17 -1.21
C GLU G 58 76.79 -11.87 -0.09
N TYR G 59 75.54 -11.61 -0.45
CA TYR G 59 74.46 -11.36 0.50
C TYR G 59 74.25 -12.56 1.39
N TRP G 60 74.10 -13.73 0.79
CA TRP G 60 73.85 -14.94 1.56
C TRP G 60 75.00 -15.31 2.50
N ASP G 61 76.21 -15.16 2.02
CA ASP G 61 77.39 -15.36 2.87
C ASP G 61 77.46 -14.31 3.95
N GLY G 62 77.16 -13.06 3.59
CA GLY G 62 77.12 -11.96 4.54
C GLY G 62 76.09 -12.15 5.65
N GLU G 63 74.85 -12.45 5.28
CA GLU G 63 73.80 -12.50 6.28
C GLU G 63 73.95 -13.76 7.12
N THR G 64 74.60 -14.78 6.55
CA THR G 64 74.87 -16.02 7.28
C THR G 64 75.92 -15.76 8.36
N ARG G 65 76.90 -14.93 8.02
CA ARG G 65 77.95 -14.59 8.97
C ARG G 65 77.40 -13.84 10.17
N LYS G 66 76.60 -12.82 9.90
CA LYS G 66 76.14 -11.90 10.91
C LYS G 66 75.15 -12.58 11.81
N VAL G 67 74.21 -13.32 11.22
CA VAL G 67 73.24 -14.04 12.01
C VAL G 67 73.93 -14.99 12.97
N LYS G 68 74.98 -15.66 12.51
CA LYS G 68 75.70 -16.56 13.39
C LYS G 68 76.40 -15.80 14.53
N ALA G 69 76.86 -14.58 14.22
CA ALA G 69 77.45 -13.71 15.23
C ALA G 69 76.39 -13.27 16.23
N HIS G 70 75.16 -13.09 15.77
CA HIS G 70 74.06 -12.81 16.68
C HIS G 70 73.98 -13.99 17.63
N SER G 71 73.86 -15.17 17.05
CA SER G 71 73.72 -16.38 17.82
C SER G 71 74.84 -16.50 18.85
N GLN G 72 76.08 -16.30 18.43
CA GLN G 72 77.22 -16.49 19.33
C GLN G 72 77.17 -15.57 20.53
N THR G 73 76.74 -14.34 20.27
CA THR G 73 76.54 -13.33 21.31
C THR G 73 75.42 -13.77 22.27
N HIS G 74 74.36 -14.34 21.73
CA HIS G 74 73.30 -14.88 22.56
C HIS G 74 73.78 -16.07 23.38
N ARG G 75 74.56 -16.93 22.76
CA ARG G 75 75.09 -18.10 23.43
C ARG G 75 75.94 -17.67 24.66
N VAL G 76 76.73 -16.60 24.52
CA VAL G 76 77.46 -16.04 25.65
C VAL G 76 76.48 -15.44 26.64
N ASP G 77 75.53 -14.66 26.14
CA ASP G 77 74.49 -14.02 26.94
C ASP G 77 73.81 -14.98 27.90
N LEU G 78 73.44 -16.16 27.40
CA LEU G 78 72.76 -17.14 28.24
C LEU G 78 73.64 -17.55 29.43
N GLY G 79 74.95 -17.64 29.22
CA GLY G 79 75.86 -17.95 30.32
C GLY G 79 75.99 -16.76 31.27
N THR G 80 75.94 -15.56 30.72
CA THR G 80 76.07 -14.35 31.51
C THR G 80 74.88 -14.27 32.45
N LEU G 81 73.68 -14.35 31.89
CA LEU G 81 72.41 -14.11 32.59
C LEU G 81 72.11 -15.20 33.62
N ARG G 82 72.45 -16.44 33.29
CA ARG G 82 72.38 -17.57 34.23
C ARG G 82 73.15 -17.23 35.51
N GLY G 83 74.24 -16.49 35.33
CA GLY G 83 75.05 -15.99 36.44
C GLY G 83 74.32 -14.87 37.14
N TYR G 84 73.88 -13.87 36.37
CA TYR G 84 73.27 -12.66 36.95
C TYR G 84 72.10 -13.00 37.86
N TYR G 85 71.31 -14.00 37.48
CA TYR G 85 70.13 -14.40 38.23
C TYR G 85 70.31 -15.68 39.03
N ASN G 86 71.54 -16.07 39.31
CA ASN G 86 71.82 -17.21 40.18
C ASN G 86 71.11 -18.52 39.78
N GLN G 87 70.85 -18.69 38.49
CA GLN G 87 70.03 -19.84 38.06
C GLN G 87 70.94 -21.02 37.88
N SER G 88 70.36 -22.22 37.80
CA SER G 88 71.16 -23.44 37.74
C SER G 88 71.60 -23.71 36.30
N GLU G 89 72.73 -24.38 36.17
CA GLU G 89 73.27 -24.77 34.87
C GLU G 89 72.31 -25.73 34.17
N ALA G 90 71.52 -26.46 34.94
CA ALA G 90 70.43 -27.24 34.35
C ALA G 90 69.20 -26.35 34.19
N GLY G 91 68.28 -26.76 33.34
CA GLY G 91 67.07 -25.98 33.10
C GLY G 91 67.23 -24.89 32.04
N SER G 92 66.24 -24.80 31.16
CA SER G 92 66.28 -23.94 29.99
C SER G 92 65.89 -22.51 30.29
N HIS G 93 66.52 -21.59 29.59
CA HIS G 93 66.16 -20.19 29.65
C HIS G 93 66.13 -19.64 28.22
N THR G 94 65.51 -18.48 28.05
CA THR G 94 65.27 -17.98 26.70
C THR G 94 65.79 -16.58 26.58
N VAL G 95 66.55 -16.31 25.52
CA VAL G 95 66.84 -14.94 25.10
C VAL G 95 66.05 -14.63 23.86
N GLN G 96 65.51 -13.41 23.79
CA GLN G 96 64.87 -12.90 22.58
C GLN G 96 65.34 -11.49 22.27
N ARG G 97 65.59 -11.25 20.98
CA ARG G 97 65.96 -9.95 20.46
C ARG G 97 65.09 -9.67 19.24
N MET G 98 64.77 -8.40 19.06
CA MET G 98 63.96 -7.97 17.93
C MET G 98 64.38 -6.58 17.58
N TYR G 99 64.54 -6.29 16.31
CA TYR G 99 64.88 -4.92 15.87
C TYR G 99 64.44 -4.65 14.45
N GLY G 100 64.30 -3.38 14.13
CA GLY G 100 63.83 -3.01 12.80
C GLY G 100 63.39 -1.56 12.63
N CYS G 101 63.24 -1.13 11.37
CA CYS G 101 62.80 0.22 11.09
C CYS G 101 61.41 0.30 10.51
N ASP G 102 60.84 1.48 10.66
CA ASP G 102 59.55 1.87 10.08
C ASP G 102 59.84 3.00 9.10
N VAL G 103 59.15 2.98 7.97
CA VAL G 103 59.10 4.12 7.05
C VAL G 103 57.64 4.48 6.77
N GLY G 104 57.40 5.76 6.51
CA GLY G 104 56.07 6.23 6.12
C GLY G 104 55.73 6.03 4.63
N SER G 105 54.59 6.58 4.22
CA SER G 105 54.13 6.50 2.84
C SER G 105 55.12 7.03 1.80
N ASP G 106 55.98 7.94 2.23
CA ASP G 106 56.98 8.56 1.36
C ASP G 106 58.30 7.79 1.39
N TRP G 107 58.28 6.64 2.08
CA TRP G 107 59.41 5.70 2.19
C TRP G 107 60.55 6.25 3.04
N ARG G 108 60.25 7.23 3.89
CA ARG G 108 61.26 7.83 4.76
C ARG G 108 61.12 7.36 6.23
N PHE G 109 62.28 7.30 6.89
CA PHE G 109 62.41 6.81 8.25
C PHE G 109 61.38 7.44 9.18
N LEU G 110 60.64 6.60 9.90
CA LEU G 110 59.73 7.06 10.93
C LEU G 110 60.35 6.76 12.28
N ARG G 111 60.60 5.50 12.56
CA ARG G 111 60.98 5.07 13.89
C ARG G 111 61.82 3.82 13.82
N GLY G 112 62.51 3.47 14.90
CA GLY G 112 63.29 2.22 14.98
C GLY G 112 63.22 1.58 16.35
N TYR G 113 63.50 0.29 16.43
CA TYR G 113 63.34 -0.47 17.65
C TYR G 113 64.54 -1.40 17.82
N HIS G 114 64.95 -1.60 19.06
CA HIS G 114 65.85 -2.70 19.39
C HIS G 114 65.61 -3.09 20.81
N GLN G 115 64.94 -4.21 20.98
CA GLN G 115 64.52 -4.65 22.29
C GLN G 115 65.07 -6.03 22.52
N TYR G 116 65.11 -6.38 23.81
CA TYR G 116 65.75 -7.59 24.27
C TYR G 116 64.95 -8.09 25.45
N ALA G 117 64.91 -9.38 25.64
CA ALA G 117 64.11 -9.95 26.71
C ALA G 117 64.74 -11.21 27.20
N TYR G 118 64.57 -11.46 28.50
CA TYR G 118 65.11 -12.65 29.13
C TYR G 118 63.97 -13.38 29.81
N ASP G 119 63.91 -14.69 29.58
CA ASP G 119 62.79 -15.52 29.99
C ASP G 119 61.41 -14.88 29.79
N GLY G 120 61.24 -14.20 28.67
CA GLY G 120 59.93 -13.71 28.25
C GLY G 120 59.54 -12.35 28.84
N LYS G 121 60.39 -11.81 29.69
CA LYS G 121 60.11 -10.55 30.34
C LYS G 121 61.10 -9.51 29.83
N ASP G 122 60.65 -8.26 29.74
CA ASP G 122 61.50 -7.17 29.24
C ASP G 122 62.79 -7.19 29.98
N TYR G 123 63.85 -6.75 29.31
CA TYR G 123 65.16 -6.71 29.93
C TYR G 123 65.84 -5.41 29.62
N ILE G 124 66.26 -5.22 28.39
CA ILE G 124 66.84 -3.94 27.99
C ILE G 124 66.29 -3.56 26.63
N ALA G 125 66.12 -2.25 26.43
CA ALA G 125 65.45 -1.73 25.25
C ALA G 125 65.92 -0.33 24.92
N LEU G 126 66.13 -0.10 23.64
CA LEU G 126 66.57 1.17 23.14
C LEU G 126 65.34 2.04 23.05
N LYS G 127 65.36 3.17 23.74
CA LYS G 127 64.23 4.12 23.73
C LYS G 127 64.01 4.70 22.35
N GLU G 128 62.87 5.36 22.14
CA GLU G 128 62.49 5.85 20.81
C GLU G 128 63.38 6.98 20.29
N ASP G 129 64.08 7.66 21.21
CA ASP G 129 65.00 8.70 20.76
C ASP G 129 66.21 8.05 20.10
N LEU G 130 66.44 6.78 20.42
CA LEU G 130 67.56 6.00 19.90
C LEU G 130 68.91 6.49 20.43
N ARG G 131 68.89 7.04 21.63
CA ARG G 131 70.10 7.49 22.28
C ARG G 131 70.17 7.00 23.70
N SER G 132 69.13 6.34 24.18
CA SER G 132 68.91 6.14 25.59
C SER G 132 68.42 4.71 25.76
N TRP G 133 68.60 4.14 26.95
CA TRP G 133 68.20 2.75 27.20
C TRP G 133 67.20 2.66 28.33
N THR G 134 66.28 1.71 28.23
CA THR G 134 65.33 1.43 29.31
C THR G 134 65.68 0.08 29.90
N ALA G 135 65.91 0.07 31.20
CA ALA G 135 66.38 -1.11 31.91
C ALA G 135 65.67 -1.20 33.23
N ALA G 136 64.63 -2.03 33.28
CA ALA G 136 63.87 -2.23 34.51
C ALA G 136 64.77 -2.86 35.54
N ASP G 137 65.39 -3.96 35.14
CA ASP G 137 66.09 -4.82 36.06
C ASP G 137 67.48 -4.34 36.46
N MET G 138 67.90 -4.85 37.61
CA MET G 138 69.24 -4.60 38.17
C MET G 138 70.34 -5.11 37.25
N ALA G 139 70.18 -6.34 36.78
CA ALA G 139 71.13 -6.96 35.85
C ALA G 139 71.18 -6.19 34.53
N ALA G 140 70.03 -5.63 34.13
CA ALA G 140 69.94 -4.81 32.93
C ALA G 140 70.50 -3.41 33.14
N GLN G 141 70.75 -3.02 34.38
CA GLN G 141 71.46 -1.79 34.67
C GLN G 141 72.92 -2.01 34.38
N THR G 142 73.41 -3.19 34.76
CA THR G 142 74.78 -3.60 34.41
C THR G 142 74.93 -3.56 32.90
N THR G 143 74.03 -4.21 32.19
CA THR G 143 74.08 -4.17 30.74
C THR G 143 74.02 -2.73 30.22
N LYS G 144 73.08 -1.94 30.73
CA LYS G 144 72.95 -0.56 30.29
C LYS G 144 74.29 0.16 30.26
N HIS G 145 75.00 0.10 31.39
CA HIS G 145 76.23 0.86 31.55
C HIS G 145 77.32 0.34 30.62
N LYS G 146 77.40 -0.98 30.45
CA LYS G 146 78.42 -1.52 29.55
C LYS G 146 78.19 -1.09 28.10
N TRP G 147 76.94 -1.22 27.66
CA TRP G 147 76.56 -0.78 26.34
C TRP G 147 76.71 0.71 26.17
N GLU G 148 76.46 1.47 27.23
CA GLU G 148 76.68 2.93 27.23
C GLU G 148 78.14 3.29 27.04
N ALA G 149 79.02 2.59 27.74
CA ALA G 149 80.48 2.76 27.53
C ALA G 149 80.89 2.28 26.12
N ALA G 150 80.18 1.31 25.56
CA ALA G 150 80.48 0.78 24.23
C ALA G 150 79.87 1.59 23.06
N HIS G 151 79.01 2.55 23.36
CA HIS G 151 78.29 3.32 22.34
C HIS G 151 77.47 2.42 21.42
N VAL G 152 76.87 1.41 22.03
CA VAL G 152 75.97 0.55 21.28
C VAL G 152 74.83 1.35 20.62
N ALA G 153 74.22 2.25 21.38
CA ALA G 153 73.06 3.03 20.91
C ALA G 153 73.40 3.81 19.64
N GLU G 154 74.59 4.38 19.63
CA GLU G 154 75.08 5.17 18.52
C GLU G 154 75.17 4.33 17.24
N GLN G 155 75.59 3.09 17.38
CA GLN G 155 75.71 2.16 16.24
C GLN G 155 74.32 1.70 15.76
N LEU G 156 73.50 1.30 16.72
CA LEU G 156 72.17 0.85 16.40
C LEU G 156 71.36 1.96 15.73
N ARG G 157 71.51 3.19 16.23
CA ARG G 157 70.82 4.34 15.64
C ARG G 157 71.13 4.44 14.15
N ALA G 158 72.41 4.36 13.81
CA ALA G 158 72.84 4.40 12.42
C ALA G 158 72.14 3.33 11.61
N TYR G 159 72.48 2.08 11.88
CA TYR G 159 71.85 0.97 11.23
C TYR G 159 70.39 1.29 10.95
N LEU G 160 69.66 1.63 12.02
CA LEU G 160 68.22 1.89 11.95
C LEU G 160 67.90 3.02 10.96
N GLU G 161 68.67 4.09 10.99
CA GLU G 161 68.42 5.25 10.11
C GLU G 161 68.99 5.03 8.71
N GLY G 162 69.97 4.16 8.59
CA GLY G 162 70.68 3.97 7.31
C GLY G 162 70.39 2.62 6.67
N THR G 163 71.18 1.63 7.06
CA THR G 163 71.10 0.36 6.43
C THR G 163 69.69 -0.14 6.47
N CYS G 164 69.08 -0.13 7.66
CA CYS G 164 67.74 -0.68 7.83
C CYS G 164 66.70 -0.10 6.86
N VAL G 165 66.68 1.22 6.64
CA VAL G 165 65.67 1.82 5.74
C VAL G 165 66.07 1.70 4.28
N GLU G 166 67.33 1.95 3.98
CA GLU G 166 67.79 1.82 2.59
C GLU G 166 67.40 0.46 2.01
N TRP G 167 67.70 -0.61 2.75
CA TRP G 167 67.42 -1.96 2.28
C TRP G 167 65.95 -2.32 2.36
N LEU G 168 65.23 -1.74 3.31
CA LEU G 168 63.80 -1.86 3.29
C LEU G 168 63.25 -1.33 1.95
N ARG G 169 63.75 -0.17 1.53
CA ARG G 169 63.33 0.40 0.27
C ARG G 169 63.72 -0.51 -0.90
N ARG G 170 64.94 -1.04 -0.87
CA ARG G 170 65.38 -1.98 -1.92
C ARG G 170 64.48 -3.22 -2.02
N TYR G 171 64.12 -3.79 -0.87
CA TYR G 171 63.19 -4.91 -0.84
C TYR G 171 61.80 -4.55 -1.32
N LEU G 172 61.28 -3.41 -0.89
CA LEU G 172 59.96 -2.97 -1.38
C LEU G 172 59.94 -2.82 -2.91
N GLU G 173 61.03 -2.35 -3.50
CA GLU G 173 61.15 -2.32 -4.98
C GLU G 173 61.17 -3.72 -5.60
N ASN G 174 62.07 -4.56 -5.10
CA ASN G 174 62.23 -5.89 -5.69
C ASN G 174 60.99 -6.76 -5.55
N GLY G 175 60.27 -6.61 -4.45
CA GLY G 175 59.08 -7.42 -4.18
C GLY G 175 57.84 -6.61 -4.44
N LYS G 176 57.99 -5.61 -5.29
CA LYS G 176 56.98 -4.60 -5.58
C LYS G 176 55.63 -5.19 -5.92
N GLU G 177 55.64 -6.23 -6.74
CA GLU G 177 54.42 -6.85 -7.28
C GLU G 177 53.55 -7.55 -6.23
N THR G 178 54.16 -7.87 -5.09
CA THR G 178 53.48 -8.53 -3.95
C THR G 178 53.51 -7.70 -2.68
N LEU G 179 54.66 -7.16 -2.29
CA LEU G 179 54.75 -6.37 -1.06
C LEU G 179 53.84 -5.14 -1.13
N GLN G 180 53.84 -4.45 -2.26
CA GLN G 180 53.08 -3.22 -2.39
C GLN G 180 51.65 -3.47 -2.85
N ARG G 181 51.32 -4.72 -3.15
CA ARG G 181 49.97 -5.09 -3.54
C ARG G 181 49.08 -5.37 -2.33
N THR G 182 47.83 -4.97 -2.43
CA THR G 182 46.89 -5.17 -1.35
C THR G 182 45.87 -6.21 -1.78
N ASP G 183 45.54 -7.09 -0.85
CA ASP G 183 44.42 -7.99 -1.04
C ASP G 183 43.33 -7.57 -0.06
N ALA G 184 42.20 -7.15 -0.61
CA ALA G 184 41.11 -6.66 0.23
C ALA G 184 40.46 -7.80 0.97
N PRO G 185 39.88 -7.52 2.13
CA PRO G 185 39.09 -8.52 2.85
C PRO G 185 37.79 -8.96 2.13
N LYS G 186 37.57 -10.26 2.08
CA LYS G 186 36.30 -10.83 1.66
C LYS G 186 35.48 -11.08 2.92
N THR G 187 34.36 -10.36 3.06
CA THR G 187 33.66 -10.32 4.34
C THR G 187 32.31 -10.97 4.30
N HIS G 188 31.90 -11.52 5.45
CA HIS G 188 30.59 -12.11 5.58
C HIS G 188 30.18 -12.26 7.02
N MET G 189 28.89 -12.43 7.23
CA MET G 189 28.33 -12.56 8.55
C MET G 189 27.73 -13.94 8.78
N THR G 190 27.57 -14.27 10.05
CA THR G 190 27.17 -15.59 10.44
C THR G 190 26.50 -15.46 11.79
N HIS G 191 25.58 -16.35 12.09
CA HIS G 191 24.71 -16.15 13.22
C HIS G 191 24.45 -17.47 13.89
N HIS G 192 25.01 -17.63 15.08
CA HIS G 192 25.02 -18.88 15.80
C HIS G 192 24.19 -18.60 17.05
N ALA G 193 23.17 -19.43 17.30
CA ALA G 193 22.16 -19.13 18.33
C ALA G 193 22.36 -19.96 19.63
N VAL G 194 23.10 -19.36 20.56
CA VAL G 194 23.35 -19.97 21.86
C VAL G 194 22.06 -20.44 22.55
N SER G 195 21.35 -19.50 23.17
CA SER G 195 20.13 -19.85 23.91
C SER G 195 18.92 -19.25 23.20
N ASP G 196 17.72 -19.79 23.45
CA ASP G 196 16.52 -19.32 22.76
C ASP G 196 16.34 -17.79 22.91
N HIS G 197 17.04 -17.20 23.89
CA HIS G 197 16.98 -15.76 24.15
C HIS G 197 18.20 -15.06 23.56
N GLU G 198 19.25 -15.83 23.33
CA GLU G 198 20.55 -15.31 22.97
C GLU G 198 20.93 -15.73 21.56
N ALA G 199 21.63 -14.84 20.85
CA ALA G 199 22.20 -15.16 19.55
C ALA G 199 23.59 -14.53 19.43
N THR G 200 24.52 -15.31 18.87
CA THR G 200 25.89 -14.87 18.66
C THR G 200 26.13 -14.59 17.19
N LEU G 201 26.81 -13.47 16.95
CA LEU G 201 27.13 -13.03 15.60
C LEU G 201 28.63 -12.90 15.48
N ARG G 202 29.23 -13.44 14.43
CA ARG G 202 30.66 -13.25 14.17
C ARG G 202 30.82 -12.59 12.80
N CYS G 203 31.52 -11.46 12.79
CA CYS G 203 31.84 -10.75 11.58
C CYS G 203 33.19 -11.28 11.04
N TRP G 204 33.20 -11.74 9.80
CA TRP G 204 34.41 -12.31 9.19
C TRP G 204 35.09 -11.38 8.18
N ALA G 205 36.41 -11.36 8.24
CA ALA G 205 37.24 -10.83 7.16
C ALA G 205 38.20 -11.91 6.75
N LEU G 206 38.24 -12.22 5.45
CA LEU G 206 39.11 -13.29 4.93
C LEU G 206 39.97 -12.82 3.75
N SER G 207 41.05 -13.56 3.48
CA SER G 207 41.93 -13.28 2.34
C SER G 207 42.46 -11.85 2.26
N PHE G 208 42.92 -11.28 3.36
CA PHE G 208 43.44 -9.90 3.32
C PHE G 208 44.94 -9.79 3.59
N TYR G 209 45.55 -8.77 3.00
CA TYR G 209 46.93 -8.43 3.25
C TYR G 209 47.09 -6.92 2.99
N PRO G 210 47.70 -6.17 3.94
CA PRO G 210 48.34 -6.67 5.17
C PRO G 210 47.40 -7.07 6.28
N ALA G 211 48.00 -7.35 7.42
CA ALA G 211 47.32 -7.87 8.56
C ALA G 211 46.55 -6.79 9.29
N GLU G 212 46.97 -5.55 9.10
CA GLU G 212 46.39 -4.44 9.78
C GLU G 212 44.95 -4.28 9.37
N ILE G 213 44.07 -4.51 10.32
CA ILE G 213 42.65 -4.43 10.09
C ILE G 213 42.01 -4.02 11.39
N THR G 214 40.92 -3.31 11.27
CA THR G 214 40.11 -3.00 12.42
C THR G 214 38.67 -3.44 12.13
N LEU G 215 38.07 -4.09 13.11
CA LEU G 215 36.73 -4.57 12.97
C LEU G 215 35.89 -4.08 14.11
N THR G 216 35.06 -3.08 13.84
CA THR G 216 34.22 -2.50 14.89
C THR G 216 32.73 -2.82 14.68
N TRP G 217 32.19 -3.65 15.59
CA TRP G 217 30.74 -3.86 15.71
C TRP G 217 30.07 -2.57 16.18
N GLN G 218 28.76 -2.50 16.01
CA GLN G 218 27.96 -1.36 16.43
C GLN G 218 26.50 -1.77 16.60
N ARG G 219 25.79 -1.07 17.45
CA ARG G 219 24.32 -1.06 17.44
C ARG G 219 23.99 0.42 17.33
N ASP G 220 24.24 0.95 16.13
CA ASP G 220 24.08 2.38 15.87
C ASP G 220 24.59 3.23 17.03
N GLY G 221 25.90 3.45 17.10
CA GLY G 221 26.46 4.30 18.15
C GLY G 221 26.86 3.54 19.41
N GLU G 222 27.61 2.46 19.21
CA GLU G 222 28.12 1.60 20.27
C GLU G 222 29.38 0.96 19.76
N ASP G 223 30.19 0.42 20.67
CA ASP G 223 31.52 -0.01 20.31
C ASP G 223 31.83 -1.33 21.01
N GLN G 224 33.03 -1.47 21.57
CA GLN G 224 33.31 -2.62 22.40
C GLN G 224 32.71 -2.36 23.75
N THR G 225 31.97 -3.35 24.24
CA THR G 225 31.64 -3.46 25.64
C THR G 225 32.29 -4.76 26.07
N GLN G 226 32.60 -4.88 27.36
CA GLN G 226 33.22 -6.09 27.90
C GLN G 226 32.63 -7.33 27.25
N ASP G 227 31.88 -7.14 26.17
CA ASP G 227 31.26 -8.25 25.47
C ASP G 227 31.95 -8.51 24.13
N THR G 228 32.28 -7.45 23.41
CA THR G 228 32.95 -7.57 22.13
C THR G 228 34.10 -8.57 22.19
N GLU G 229 34.04 -9.57 21.31
CA GLU G 229 35.05 -10.58 21.27
C GLU G 229 35.83 -10.43 19.99
N LEU G 230 37.07 -9.98 20.11
CA LEU G 230 37.91 -9.70 18.97
C LEU G 230 39.18 -10.53 19.07
N VAL G 231 39.21 -11.63 18.29
CA VAL G 231 40.34 -12.60 18.30
C VAL G 231 41.55 -12.12 17.56
N GLU G 232 42.68 -12.73 17.89
CA GLU G 232 43.92 -12.34 17.27
C GLU G 232 43.85 -12.69 15.80
N THR G 233 44.33 -11.75 14.99
CA THR G 233 44.45 -11.95 13.56
C THR G 233 45.37 -13.14 13.33
N ARG G 234 45.03 -13.95 12.34
CA ARG G 234 45.70 -15.21 12.11
C ARG G 234 46.10 -15.39 10.65
N PRO G 235 47.13 -16.22 10.41
CA PRO G 235 47.60 -16.50 9.07
C PRO G 235 46.76 -17.55 8.35
N ALA G 236 46.40 -17.26 7.11
CA ALA G 236 45.61 -18.20 6.31
C ALA G 236 46.50 -19.31 5.73
N GLY G 237 47.81 -19.06 5.68
CA GLY G 237 48.76 -20.02 5.17
C GLY G 237 49.25 -19.72 3.78
N ASP G 238 48.48 -18.93 3.04
CA ASP G 238 48.82 -18.54 1.66
C ASP G 238 49.39 -17.12 1.58
N GLY G 239 49.70 -16.52 2.72
CA GLY G 239 50.24 -15.17 2.75
C GLY G 239 49.19 -14.10 2.99
N THR G 240 47.91 -14.47 3.05
CA THR G 240 46.86 -13.55 3.49
C THR G 240 46.47 -13.87 4.93
N PHE G 241 45.64 -13.03 5.51
CA PHE G 241 45.25 -13.19 6.89
C PHE G 241 43.74 -13.23 7.06
N GLN G 242 43.32 -13.70 8.24
CA GLN G 242 41.92 -13.87 8.64
C GLN G 242 41.72 -13.37 10.08
N LYS G 243 40.56 -12.80 10.33
CA LYS G 243 40.20 -12.33 11.67
C LYS G 243 38.68 -12.27 11.79
N TRP G 244 38.16 -12.49 12.99
CA TRP G 244 36.74 -12.32 13.22
C TRP G 244 36.44 -11.55 14.51
N ALA G 245 35.25 -10.94 14.55
CA ALA G 245 34.81 -10.11 15.67
C ALA G 245 33.37 -10.46 16.02
N ALA G 246 33.14 -10.93 17.24
CA ALA G 246 31.83 -11.43 17.61
C ALA G 246 31.08 -10.51 18.54
N VAL G 247 29.81 -10.84 18.73
CA VAL G 247 28.95 -10.19 19.71
C VAL G 247 27.75 -11.09 19.98
N VAL G 248 27.35 -11.15 21.25
CA VAL G 248 26.21 -11.95 21.65
C VAL G 248 25.04 -11.01 21.86
N VAL G 249 23.92 -11.32 21.23
CA VAL G 249 22.69 -10.54 21.42
C VAL G 249 21.63 -11.41 22.11
N PRO G 250 21.29 -11.07 23.38
CA PRO G 250 20.10 -11.66 24.02
C PRO G 250 18.84 -11.13 23.39
N SER G 251 19.01 -10.15 22.51
CA SER G 251 18.01 -9.81 21.54
C SER G 251 17.47 -11.09 20.87
N GLY G 252 16.17 -11.14 20.69
CA GLY G 252 15.61 -12.02 19.67
C GLY G 252 15.80 -11.27 18.38
N GLN G 253 16.25 -10.02 18.47
CA GLN G 253 16.43 -9.17 17.31
C GLN G 253 17.88 -8.74 17.03
N GLU G 254 18.55 -9.46 16.13
CA GLU G 254 19.90 -9.11 15.73
C GLU G 254 20.03 -7.72 15.09
N GLN G 255 18.97 -6.91 15.12
CA GLN G 255 19.06 -5.59 14.57
C GLN G 255 19.12 -4.53 15.67
N ARG G 256 19.66 -3.37 15.31
CA ARG G 256 20.41 -3.28 14.07
C ARG G 256 21.87 -3.13 14.42
N TYR G 257 22.50 -4.30 14.57
CA TYR G 257 23.91 -4.40 14.81
C TYR G 257 24.59 -4.26 13.47
N THR G 258 25.70 -3.55 13.46
CA THR G 258 26.48 -3.38 12.27
C THR G 258 27.88 -3.84 12.53
N CYS G 259 28.50 -4.50 11.56
CA CYS G 259 29.92 -4.75 11.61
C CYS G 259 30.56 -3.78 10.65
N HIS G 260 31.70 -3.19 11.06
CA HIS G 260 32.43 -2.23 10.25
C HIS G 260 33.87 -2.64 10.04
N VAL G 261 34.28 -2.71 8.79
CA VAL G 261 35.56 -3.31 8.40
C VAL G 261 36.41 -2.25 7.73
N GLN G 262 37.65 -2.13 8.18
CA GLN G 262 38.54 -1.13 7.59
C GLN G 262 39.91 -1.69 7.21
N HIS G 263 40.36 -1.36 6.01
CA HIS G 263 41.57 -1.94 5.43
C HIS G 263 42.09 -1.09 4.26
N GLU G 264 43.40 -1.16 4.03
CA GLU G 264 44.03 -0.42 2.94
C GLU G 264 43.57 -0.97 1.56
N GLY G 265 43.05 -2.18 1.59
CA GLY G 265 42.58 -2.87 0.40
C GLY G 265 41.20 -2.45 -0.05
N LEU G 266 40.43 -1.86 0.88
CA LEU G 266 39.12 -1.31 0.55
C LEU G 266 39.26 0.16 0.27
N PRO G 267 38.70 0.60 -0.86
CA PRO G 267 38.67 2.04 -1.09
C PRO G 267 37.75 2.75 -0.08
N LYS G 268 36.59 2.16 0.21
CA LYS G 268 35.68 2.67 1.23
C LYS G 268 35.43 1.62 2.31
N PRO G 269 35.37 2.03 3.59
CA PRO G 269 34.95 1.15 4.68
C PRO G 269 33.61 0.42 4.42
N LEU G 270 33.52 -0.82 4.88
CA LEU G 270 32.33 -1.62 4.66
C LEU G 270 31.43 -1.57 5.86
N THR G 271 30.13 -1.66 5.59
CA THR G 271 29.11 -1.76 6.62
C THR G 271 28.35 -3.04 6.36
N LEU G 272 28.06 -3.83 7.39
CA LEU G 272 27.44 -5.13 7.17
C LEU G 272 26.33 -5.44 8.16
N ARG G 273 25.11 -5.46 7.64
CA ARG G 273 23.95 -5.83 8.44
C ARG G 273 23.68 -7.32 8.24
N TRP G 274 22.90 -7.90 9.15
CA TRP G 274 22.59 -9.34 9.14
C TRP G 274 21.48 -9.71 8.14
N GLU G 275 21.48 -10.98 7.76
CA GLU G 275 20.69 -11.55 6.67
C GLU G 275 19.48 -12.36 7.18
N ALA G 276 19.08 -13.37 6.40
CA ALA G 276 17.94 -14.21 6.71
C ALA G 276 18.27 -15.66 6.41
N ILE H 2 57.82 -15.67 33.79
CA ILE H 2 56.61 -15.17 33.08
C ILE H 2 56.17 -16.19 32.05
N GLN H 3 55.46 -17.24 32.49
CA GLN H 3 54.90 -18.28 31.59
C GLN H 3 53.54 -17.86 31.08
N ARG H 4 53.32 -18.04 29.78
CA ARG H 4 52.08 -17.65 29.14
C ARG H 4 51.52 -18.84 28.38
N THR H 5 50.20 -18.97 28.43
CA THR H 5 49.53 -20.14 27.91
C THR H 5 49.00 -19.90 26.50
N PRO H 6 49.09 -20.92 25.63
CA PRO H 6 48.70 -20.76 24.23
C PRO H 6 47.22 -20.49 23.98
N LYS H 7 46.94 -19.46 23.18
CA LYS H 7 45.66 -19.32 22.51
C LYS H 7 45.67 -20.28 21.31
N ILE H 8 44.54 -20.96 21.07
CA ILE H 8 44.49 -21.95 20.01
C ILE H 8 43.32 -21.72 19.09
N GLN H 9 43.59 -21.63 17.79
CA GLN H 9 42.53 -21.53 16.79
C GLN H 9 42.73 -22.61 15.75
N VAL H 10 41.64 -23.27 15.40
CA VAL H 10 41.63 -24.29 14.34
C VAL H 10 40.65 -23.84 13.27
N TYR H 11 41.12 -23.84 12.03
CA TYR H 11 40.39 -23.27 10.92
C TYR H 11 40.97 -23.73 9.60
N SER H 12 40.22 -23.52 8.53
CA SER H 12 40.66 -23.93 7.21
C SER H 12 41.07 -22.70 6.47
N ARG H 13 41.99 -22.86 5.53
CA ARG H 13 42.52 -21.75 4.74
C ARG H 13 41.44 -21.13 3.87
N HIS H 14 40.76 -21.98 3.13
CA HIS H 14 39.62 -21.54 2.33
C HIS H 14 38.30 -21.94 3.01
N PRO H 15 37.20 -21.24 2.68
CA PRO H 15 35.91 -21.70 3.20
C PRO H 15 35.66 -23.12 2.73
N ALA H 16 35.25 -24.00 3.64
CA ALA H 16 35.27 -25.43 3.39
C ALA H 16 34.20 -25.91 2.43
N GLU H 17 34.61 -26.74 1.47
CA GLU H 17 33.71 -27.43 0.51
C GLU H 17 34.06 -28.91 0.44
N ASN H 18 33.04 -29.76 0.40
CA ASN H 18 33.27 -31.19 0.40
C ASN H 18 33.94 -31.72 -0.88
N GLY H 19 34.95 -32.55 -0.71
CA GLY H 19 35.71 -33.11 -1.83
C GLY H 19 36.62 -32.13 -2.57
N LYS H 20 36.80 -30.92 -2.05
CA LYS H 20 37.62 -29.92 -2.69
C LYS H 20 38.86 -29.75 -1.85
N SER H 21 40.02 -29.94 -2.45
CA SER H 21 41.29 -29.88 -1.72
C SER H 21 41.46 -28.57 -0.94
N ASN H 22 42.10 -28.65 0.23
CA ASN H 22 42.25 -27.52 1.15
C ASN H 22 43.40 -27.75 2.15
N PHE H 23 43.71 -26.73 2.95
CA PHE H 23 44.67 -26.86 4.06
C PHE H 23 44.01 -26.58 5.42
N LEU H 24 44.32 -27.45 6.40
CA LEU H 24 43.81 -27.32 7.77
C LEU H 24 44.84 -26.66 8.68
N ASN H 25 44.56 -25.44 9.10
CA ASN H 25 45.43 -24.70 10.02
C ASN H 25 45.12 -24.98 11.49
N CYS H 26 46.17 -24.90 12.31
CA CYS H 26 46.00 -24.69 13.72
C CYS H 26 47.02 -23.64 14.19
N TYR H 27 46.51 -22.52 14.68
CA TYR H 27 47.35 -21.38 15.00
C TYR H 27 47.40 -21.20 16.49
N VAL H 28 48.56 -21.53 17.03
CA VAL H 28 48.82 -21.33 18.45
C VAL H 28 49.58 -20.03 18.66
N SER H 29 49.11 -19.19 19.59
CA SER H 29 49.77 -17.92 19.82
C SER H 29 49.84 -17.56 21.27
N GLY H 30 50.59 -16.51 21.55
CA GLY H 30 50.61 -15.92 22.87
C GLY H 30 51.20 -16.79 23.95
N PHE H 31 52.04 -17.77 23.58
CA PHE H 31 52.61 -18.67 24.60
C PHE H 31 54.08 -18.40 24.92
N HIS H 32 54.50 -18.93 26.06
CA HIS H 32 55.88 -18.86 26.54
C HIS H 32 56.07 -19.88 27.66
N PRO H 33 57.10 -20.76 27.56
CA PRO H 33 58.19 -20.70 26.62
C PRO H 33 57.99 -21.49 25.31
N SER H 34 58.89 -21.24 24.36
CA SER H 34 58.85 -21.85 23.05
C SER H 34 58.32 -23.28 23.01
N GLU H 35 58.91 -24.16 23.81
CA GLU H 35 58.59 -25.58 23.66
C GLU H 35 57.08 -25.75 23.58
N ILE H 36 56.62 -26.55 22.63
CA ILE H 36 55.20 -26.78 22.46
C ILE H 36 54.96 -28.04 21.65
N GLU H 37 53.86 -28.73 21.96
CA GLU H 37 53.47 -29.94 21.24
C GLU H 37 52.17 -29.65 20.52
N VAL H 38 52.11 -29.95 19.23
CA VAL H 38 50.93 -29.59 18.44
C VAL H 38 50.63 -30.70 17.44
N ASP H 39 49.38 -31.14 17.43
CA ASP H 39 48.98 -32.19 16.53
C ASP H 39 47.69 -31.85 15.85
N LEU H 40 47.53 -32.38 14.65
CA LEU H 40 46.31 -32.28 13.89
C LEU H 40 45.66 -33.64 13.85
N LEU H 41 44.47 -33.76 14.44
CA LEU H 41 43.78 -35.05 14.55
C LEU H 41 42.72 -35.23 13.49
N LYS H 42 42.82 -36.34 12.77
CA LYS H 42 41.78 -36.76 11.84
C LYS H 42 40.95 -37.84 12.52
N ASN H 43 39.73 -37.47 12.94
CA ASN H 43 38.84 -38.35 13.72
C ASN H 43 39.53 -38.83 14.98
N GLY H 44 40.17 -37.90 15.69
CA GLY H 44 40.79 -38.18 16.97
C GLY H 44 42.16 -38.85 16.93
N GLU H 45 42.63 -39.20 15.73
CA GLU H 45 43.96 -39.82 15.58
C GLU H 45 44.27 -40.07 14.10
N ARG H 46 45.37 -39.57 13.51
CA ARG H 46 46.32 -38.54 13.98
C ARG H 46 47.26 -38.33 12.77
N ILE H 47 47.40 -37.09 12.29
CA ILE H 47 47.98 -36.84 10.96
C ILE H 47 49.50 -36.72 10.97
N GLU H 48 50.14 -37.38 10.01
CA GLU H 48 51.58 -37.40 9.88
C GLU H 48 51.97 -36.22 8.97
N LYS H 49 53.23 -36.14 8.59
CA LYS H 49 53.71 -35.11 7.66
C LYS H 49 52.99 -33.74 7.75
N VAL H 50 52.80 -33.28 8.99
CA VAL H 50 52.31 -31.93 9.29
C VAL H 50 53.55 -31.01 9.29
N GLU H 51 53.43 -29.84 8.69
CA GLU H 51 54.50 -28.84 8.68
C GLU H 51 54.09 -27.65 9.53
N HIS H 52 55.06 -26.82 9.91
CA HIS H 52 54.77 -25.61 10.69
C HIS H 52 55.74 -24.47 10.38
N SER H 53 55.29 -23.24 10.61
CA SER H 53 56.09 -22.07 10.26
C SER H 53 57.28 -21.94 11.17
N ASP H 54 58.16 -20.99 10.88
CA ASP H 54 59.31 -20.74 11.76
C ASP H 54 58.85 -19.97 12.98
N LEU H 55 59.43 -20.31 14.13
CA LEU H 55 59.18 -19.62 15.39
C LEU H 55 59.48 -18.15 15.36
N SER H 56 58.45 -17.35 15.65
CA SER H 56 58.57 -15.92 15.79
C SER H 56 57.78 -15.51 17.03
N PHE H 57 57.67 -14.20 17.28
CA PHE H 57 56.96 -13.68 18.45
C PHE H 57 56.49 -12.22 18.33
N SER H 58 55.47 -11.91 19.13
CA SER H 58 54.80 -10.61 19.12
C SER H 58 55.55 -9.60 19.95
N GLU H 59 54.95 -8.44 20.24
CA GLU H 59 55.67 -7.42 21.00
C GLU H 59 55.64 -7.60 22.51
N ASP H 60 54.80 -8.50 23.02
CA ASP H 60 54.85 -8.84 24.43
C ASP H 60 55.78 -10.04 24.66
N TRP H 61 56.56 -10.38 23.63
CA TRP H 61 57.51 -11.50 23.64
C TRP H 61 56.85 -12.88 23.58
N SER H 62 55.53 -12.90 23.40
CA SER H 62 54.82 -14.16 23.37
C SER H 62 54.98 -14.80 22.00
N PHE H 63 55.01 -16.11 21.95
CA PHE H 63 55.34 -16.79 20.71
C PHE H 63 54.12 -17.11 19.88
N TYR H 64 54.30 -17.19 18.56
CA TYR H 64 53.30 -17.78 17.69
C TYR H 64 53.88 -18.79 16.66
N LEU H 65 53.17 -19.90 16.49
CA LEU H 65 53.44 -20.87 15.46
C LEU H 65 52.15 -21.19 14.70
N LEU H 66 52.30 -21.55 13.43
CA LEU H 66 51.20 -22.00 12.60
C LEU H 66 51.47 -23.41 12.13
N TYR H 67 50.55 -24.32 12.42
CA TYR H 67 50.67 -25.72 11.95
C TYR H 67 49.65 -26.01 10.88
N TYR H 68 50.08 -26.69 9.82
CA TYR H 68 49.22 -26.91 8.65
C TYR H 68 49.57 -28.18 7.86
N THR H 69 48.51 -28.77 7.32
CA THR H 69 48.63 -29.89 6.40
C THR H 69 47.52 -29.82 5.36
N GLU H 70 47.85 -30.23 4.14
CA GLU H 70 46.87 -30.39 3.07
C GLU H 70 45.81 -31.41 3.52
N PHE H 71 44.56 -31.16 3.16
CA PHE H 71 43.48 -32.11 3.40
C PHE H 71 42.32 -31.84 2.47
N THR H 72 41.51 -32.86 2.25
CA THR H 72 40.28 -32.70 1.49
C THR H 72 39.09 -33.00 2.39
N PRO H 73 38.27 -31.98 2.67
CA PRO H 73 37.15 -32.09 3.60
C PRO H 73 36.02 -32.94 3.06
N THR H 74 35.29 -33.52 3.99
CA THR H 74 34.09 -34.28 3.70
C THR H 74 33.11 -34.00 4.82
N GLU H 75 31.82 -34.13 4.50
CA GLU H 75 30.75 -33.85 5.44
C GLU H 75 30.94 -34.58 6.76
N LYS H 76 31.57 -35.75 6.68
CA LYS H 76 31.54 -36.71 7.78
C LYS H 76 32.79 -36.74 8.64
N ASP H 77 33.96 -36.53 8.06
CA ASP H 77 35.21 -36.51 8.83
C ASP H 77 35.20 -35.42 9.89
N GLU H 78 35.84 -35.69 11.02
CA GLU H 78 36.03 -34.72 12.08
C GLU H 78 37.51 -34.39 12.17
N TYR H 79 37.81 -33.13 12.46
CA TYR H 79 39.18 -32.69 12.60
C TYR H 79 39.33 -31.79 13.81
N ALA H 80 40.43 -31.96 14.54
CA ALA H 80 40.71 -31.11 15.67
C ALA H 80 42.22 -30.84 15.83
N CYS H 81 42.54 -29.86 16.66
CA CYS H 81 43.92 -29.56 17.02
C CYS H 81 44.20 -29.88 18.48
N ARG H 82 45.14 -30.79 18.72
CA ARG H 82 45.51 -31.18 20.08
C ARG H 82 46.83 -30.53 20.44
N VAL H 83 46.82 -29.82 21.56
CA VAL H 83 47.95 -28.99 21.96
C VAL H 83 48.37 -29.28 23.39
N ASN H 84 49.67 -29.42 23.61
CA ASN H 84 50.21 -29.60 24.95
C ASN H 84 51.43 -28.70 25.16
N HIS H 85 51.47 -28.07 26.33
CA HIS H 85 52.44 -27.07 26.68
C HIS H 85 52.72 -27.17 28.18
N VAL H 86 53.81 -26.54 28.63
CA VAL H 86 54.11 -26.40 30.05
C VAL H 86 52.90 -25.89 30.89
N THR H 87 52.27 -24.81 30.45
CA THR H 87 51.20 -24.15 31.21
C THR H 87 49.89 -24.94 31.27
N LEU H 88 49.81 -26.03 30.52
CA LEU H 88 48.61 -26.86 30.49
C LEU H 88 48.78 -28.14 31.30
N SER H 89 47.80 -28.42 32.15
CA SER H 89 47.78 -29.61 32.97
C SER H 89 47.68 -30.87 32.11
N GLN H 90 46.92 -30.77 31.03
CA GLN H 90 46.68 -31.90 30.15
C GLN H 90 46.38 -31.44 28.72
N PRO H 91 46.69 -32.28 27.73
CA PRO H 91 46.49 -31.90 26.33
C PRO H 91 45.09 -31.37 26.05
N LYS H 92 45.03 -30.15 25.50
CA LYS H 92 43.78 -29.45 25.23
C LYS H 92 43.35 -29.64 23.79
N ILE H 93 42.27 -30.39 23.58
CA ILE H 93 41.79 -30.68 22.23
C ILE H 93 40.77 -29.65 21.77
N VAL H 94 41.11 -28.92 20.70
CA VAL H 94 40.17 -27.96 20.15
C VAL H 94 39.62 -28.50 18.83
N LYS H 95 38.29 -28.58 18.75
CA LYS H 95 37.60 -29.17 17.60
C LYS H 95 37.38 -28.15 16.48
N TRP H 96 37.57 -28.58 15.25
CA TRP H 96 37.33 -27.73 14.09
C TRP H 96 35.84 -27.77 13.74
N ASP H 97 35.16 -26.64 13.97
CA ASP H 97 33.75 -26.40 13.56
C ASP H 97 33.70 -25.40 12.41
N ARG H 98 33.63 -25.90 11.19
CA ARG H 98 33.57 -25.07 9.97
C ARG H 98 32.61 -23.90 10.09
N ASP H 99 31.47 -24.15 10.72
CA ASP H 99 30.40 -23.17 10.81
C ASP H 99 29.23 -23.68 11.65
N MET H 100 28.52 -24.69 11.14
CA MET H 100 28.82 -25.33 9.82
C MET H 100 28.12 -24.67 8.63
N LYS I 1 -5.60 -7.15 -4.74
CA LYS I 1 -6.54 -6.71 -5.81
C LYS I 1 -7.39 -7.86 -6.40
N LEU I 2 -8.70 -7.79 -6.16
CA LEU I 2 -9.69 -8.72 -6.71
C LEU I 2 -9.73 -8.61 -8.23
N VAL I 3 -10.37 -9.58 -8.89
CA VAL I 3 -10.60 -9.39 -10.31
C VAL I 3 -11.76 -8.41 -10.50
N ALA I 4 -11.56 -7.48 -11.43
CA ALA I 4 -12.56 -6.48 -11.83
C ALA I 4 -13.22 -6.87 -13.14
N LEU I 5 -12.43 -7.46 -14.04
CA LEU I 5 -12.96 -8.04 -15.25
C LEU I 5 -12.53 -9.49 -15.41
N GLY I 6 -13.50 -10.42 -15.34
CA GLY I 6 -13.23 -11.89 -15.43
C GLY I 6 -14.19 -12.85 -14.67
N ILE I 7 -15.10 -12.28 -13.89
CA ILE I 7 -16.08 -13.05 -13.12
C ILE I 7 -17.40 -13.21 -13.86
N ASN I 8 -17.68 -14.45 -14.25
CA ASN I 8 -18.85 -14.76 -15.01
C ASN I 8 -19.69 -15.82 -14.32
N ALA I 9 -21.01 -15.65 -14.42
CA ALA I 9 -21.92 -16.66 -14.01
C ALA I 9 -21.58 -17.92 -14.79
N VAL I 10 -21.80 -19.07 -14.13
CA VAL I 10 -21.40 -20.39 -14.66
C VAL I 10 -22.44 -20.95 -15.62
N LYS J 1 68.37 -6.65 5.54
CA LYS J 1 69.84 -6.76 5.80
C LYS J 1 70.14 -6.61 7.28
N LEU J 2 70.76 -7.62 7.87
CA LEU J 2 71.04 -7.64 9.31
C LEU J 2 72.05 -6.59 9.77
N VAL J 3 72.16 -6.47 11.09
CA VAL J 3 73.12 -5.57 11.70
C VAL J 3 74.50 -6.18 11.55
N ALA J 4 75.45 -5.40 11.05
CA ALA J 4 76.87 -5.77 11.01
C ALA J 4 77.69 -5.16 12.19
N LEU J 5 77.30 -3.97 12.60
CA LEU J 5 77.93 -3.27 13.69
C LEU J 5 76.87 -2.85 14.68
N GLY J 6 76.87 -3.44 15.88
CA GLY J 6 75.97 -2.98 16.95
C GLY J 6 75.47 -3.98 17.94
N ILE J 7 75.68 -5.26 17.69
CA ILE J 7 75.32 -6.29 18.66
C ILE J 7 76.45 -6.49 19.67
N ASN J 8 76.13 -6.29 20.94
CA ASN J 8 77.05 -6.58 22.04
C ASN J 8 76.46 -7.57 23.01
N ALA J 9 77.30 -8.48 23.48
CA ALA J 9 77.00 -9.33 24.63
C ALA J 9 76.54 -8.47 25.82
N VAL J 10 75.58 -8.98 26.60
CA VAL J 10 75.03 -8.21 27.70
C VAL J 10 75.91 -8.39 28.93
#